data_5G5O
#
_entry.id   5G5O
#
_cell.length_a   70.790
_cell.length_b   126.880
_cell.length_c   120.940
_cell.angle_alpha   90.00
_cell.angle_beta   106.15
_cell.angle_gamma   90.00
#
_symmetry.space_group_name_H-M   'P 1 21 1'
#
loop_
_entity.id
_entity.type
_entity.pdbx_description
1 polymer 'LH3 HEXON-INTERLACING CAPSID PROTEIN'
2 non-polymer 'ACETATE ION'
3 non-polymer GLYCEROL
4 non-polymer 'CHLORIDE ION'
5 water water
#
_entity_poly.entity_id   1
_entity_poly.type   'polypeptide(L)'
_entity_poly.pdbx_seq_one_letter_code
;MTSVEDLYVVKPINQWPAPSGLPVPSPPGTLLPGQSPDEAFARNSVVFLVPGAEYNWKNVVIRKPVWIYGNGATVKTSGL
GPIIHIMGDLDNPMDVRIQDLTFIGGDSPDRLVPFSAVLTNQMALWCIDPRITIRGCSFYNFGGAAIYLERSERDTGFRF
GRGQVMITDCRFRGCRIGIANGGSVEYGLASQNNFSDCQICFNVVGGNWTRSGNVASNCRCMYLHTQGMWYEGAAGNFNP
AHGSFTSNTLNHCDYGGNLWPTEFQLPDRVINLAGFYFDNAAARLPNFSGNSQWYGDMKLINFLPDSTFVINGGALYGGP
GDTGVIAVATALAAKVFVIGCQGNAGQQIVNVPAANIIPEVGTRKDDATQPAA
;
_entity_poly.pdbx_strand_id   A,B,C,D,E,F
#
# COMPACT_ATOMS: atom_id res chain seq x y z
N GLY A 29 -14.28 0.43 34.00
CA GLY A 29 -13.00 0.93 33.38
C GLY A 29 -13.00 0.94 31.85
N THR A 30 -14.00 1.59 31.25
CA THR A 30 -14.06 1.80 29.78
C THR A 30 -13.35 3.11 29.40
N LEU A 31 -12.64 3.09 28.27
CA LEU A 31 -11.97 4.24 27.71
C LEU A 31 -12.59 4.49 26.35
N LEU A 32 -13.31 5.59 26.21
CA LEU A 32 -14.00 5.96 24.97
C LEU A 32 -13.03 6.69 24.02
N PRO A 33 -13.24 6.58 22.68
CA PRO A 33 -12.40 7.32 21.74
C PRO A 33 -12.47 8.81 22.01
N GLY A 34 -11.33 9.49 21.97
CA GLY A 34 -11.29 10.92 22.24
C GLY A 34 -11.09 11.33 23.69
N GLN A 35 -11.33 10.43 24.64
CA GLN A 35 -10.93 10.65 26.05
C GLN A 35 -9.44 10.41 26.20
N SER A 36 -8.87 10.90 27.29
CA SER A 36 -7.43 10.83 27.51
C SER A 36 -7.02 9.42 27.86
N PRO A 37 -6.18 8.77 27.02
CA PRO A 37 -5.71 7.44 27.40
C PRO A 37 -4.83 7.47 28.67
N ASP A 38 -3.93 8.43 28.78
CA ASP A 38 -3.06 8.53 29.97
C ASP A 38 -3.87 8.54 31.28
N GLU A 39 -5.02 9.22 31.28
CA GLU A 39 -5.88 9.33 32.47
C GLU A 39 -6.58 7.99 32.85
N ALA A 40 -7.13 7.31 31.86
CA ALA A 40 -7.78 6.03 32.07
C ALA A 40 -6.77 4.99 32.60
N PHE A 41 -5.57 4.97 32.01
CA PHE A 41 -4.51 4.05 32.45
C PHE A 41 -4.03 4.37 33.86
N ALA A 42 -3.99 5.65 34.23
CA ALA A 42 -3.63 6.08 35.60
C ALA A 42 -4.62 5.65 36.70
N ARG A 43 -5.92 5.62 36.38
CA ARG A 43 -6.99 5.27 37.31
C ARG A 43 -7.40 3.79 37.42
N ASN A 44 -7.00 2.97 36.46
CA ASN A 44 -7.43 1.59 36.36
C ASN A 44 -6.23 0.65 36.15
N SER A 45 -6.26 -0.50 36.79
CA SER A 45 -5.30 -1.57 36.48
C SER A 45 -5.73 -2.32 35.20
N VAL A 46 -7.04 -2.31 34.90
CA VAL A 46 -7.56 -2.92 33.68
C VAL A 46 -8.55 -1.97 32.97
N VAL A 47 -8.32 -1.76 31.67
CA VAL A 47 -9.11 -0.88 30.80
C VAL A 47 -9.63 -1.69 29.61
N PHE A 48 -10.91 -1.51 29.31
CA PHE A 48 -11.61 -2.15 28.19
C PHE A 48 -11.95 -1.08 27.14
N LEU A 49 -11.60 -1.32 25.88
CA LEU A 49 -11.90 -0.34 24.82
C LEU A 49 -13.29 -0.58 24.25
N VAL A 50 -13.80 0.42 23.53
CA VAL A 50 -15.11 0.27 22.86
C VAL A 50 -14.91 -0.74 21.73
N PRO A 51 -15.72 -1.82 21.68
CA PRO A 51 -15.48 -2.87 20.67
C PRO A 51 -15.52 -2.33 19.24
N GLY A 52 -14.45 -2.57 18.49
CA GLY A 52 -14.37 -2.13 17.10
C GLY A 52 -14.05 -0.67 16.84
N ALA A 53 -13.95 0.15 17.89
CA ALA A 53 -13.82 1.60 17.70
C ALA A 53 -12.42 2.03 17.25
N GLU A 54 -12.35 3.26 16.75
CA GLU A 54 -11.15 3.84 16.23
C GLU A 54 -10.69 4.91 17.18
N TYR A 55 -9.43 4.82 17.60
CA TYR A 55 -8.82 5.73 18.53
C TYR A 55 -7.69 6.44 17.82
N ASN A 56 -7.33 7.61 18.33
CA ASN A 56 -6.14 8.34 17.86
C ASN A 56 -5.33 8.75 19.09
N TRP A 57 -4.14 8.16 19.23
CA TRP A 57 -3.29 8.32 20.42
C TRP A 57 -1.89 8.70 19.96
N LYS A 58 -1.22 9.54 20.75
CA LYS A 58 0.12 9.97 20.44
C LYS A 58 0.89 10.22 21.74
N ASN A 59 2.10 9.68 21.83
CA ASN A 59 2.97 9.88 22.99
C ASN A 59 2.31 9.57 24.32
N VAL A 60 1.53 8.49 24.35
CA VAL A 60 0.86 8.02 25.58
C VAL A 60 1.95 7.46 26.51
N VAL A 61 1.81 7.69 27.82
CA VAL A 61 2.82 7.30 28.78
C VAL A 61 2.21 6.39 29.84
N ILE A 62 2.77 5.17 29.94
CA ILE A 62 2.34 4.17 30.91
C ILE A 62 3.42 4.06 31.98
N ARG A 63 3.00 4.35 33.23
CA ARG A 63 3.91 4.45 34.39
C ARG A 63 3.78 3.30 35.38
N LYS A 64 2.65 2.62 35.38
CA LYS A 64 2.48 1.46 36.22
C LYS A 64 1.71 0.38 35.47
N PRO A 65 1.83 -0.89 35.91
CA PRO A 65 1.17 -1.97 35.18
C PRO A 65 -0.29 -1.69 34.89
N VAL A 66 -0.72 -2.02 33.67
CA VAL A 66 -2.13 -1.92 33.25
C VAL A 66 -2.41 -3.01 32.21
N TRP A 67 -3.64 -3.51 32.15
CA TRP A 67 -4.05 -4.43 31.10
C TRP A 67 -5.02 -3.71 30.16
N ILE A 68 -4.82 -3.89 28.85
CA ILE A 68 -5.73 -3.35 27.84
C ILE A 68 -6.41 -4.48 27.07
N TYR A 69 -7.72 -4.55 27.22
CA TYR A 69 -8.55 -5.42 26.41
C TYR A 69 -9.04 -4.60 25.21
N GLY A 70 -8.38 -4.79 24.08
CA GLY A 70 -8.61 -4.04 22.85
C GLY A 70 -10.00 -4.23 22.28
N ASN A 71 -10.61 -5.39 22.47
CA ASN A 71 -11.91 -5.69 21.90
C ASN A 71 -12.02 -5.38 20.40
N GLY A 72 -10.91 -5.55 19.67
CA GLY A 72 -10.93 -5.36 18.22
C GLY A 72 -10.98 -3.91 17.76
N ALA A 73 -10.61 -2.98 18.64
CA ALA A 73 -10.43 -1.59 18.29
C ALA A 73 -9.21 -1.40 17.39
N THR A 74 -9.05 -0.19 16.87
CA THR A 74 -7.84 0.23 16.15
C THR A 74 -7.38 1.55 16.70
N VAL A 75 -6.07 1.74 16.67
CA VAL A 75 -5.46 2.94 17.20
C VAL A 75 -4.55 3.52 16.13
N LYS A 76 -4.91 4.71 15.63
CA LYS A 76 -4.08 5.52 14.74
C LYS A 76 -3.27 6.51 15.55
N THR A 77 -2.37 7.22 14.88
CA THR A 77 -1.52 8.22 15.51
C THR A 77 -1.16 9.32 14.49
N SER A 78 -0.33 10.28 14.92
CA SER A 78 0.28 11.29 14.05
C SER A 78 1.58 11.80 14.67
N GLY A 79 2.43 12.45 13.89
CA GLY A 79 3.68 13.07 14.38
C GLY A 79 4.75 12.07 14.77
N LEU A 80 5.79 12.53 15.48
CA LEU A 80 6.82 11.59 16.00
C LEU A 80 6.20 10.70 17.07
N GLY A 81 6.63 9.43 17.10
CA GLY A 81 6.08 8.41 18.01
C GLY A 81 6.93 8.32 19.26
N PRO A 82 6.67 7.34 20.13
CA PRO A 82 5.84 6.18 19.87
C PRO A 82 4.37 6.46 20.12
N ILE A 83 3.50 5.48 19.81
CA ILE A 83 2.11 5.59 20.24
C ILE A 83 2.04 5.47 21.77
N ILE A 84 2.75 4.50 22.34
CA ILE A 84 2.76 4.29 23.79
C ILE A 84 4.19 4.11 24.28
N HIS A 85 4.57 4.94 25.26
CA HIS A 85 5.82 4.80 26.02
C HIS A 85 5.51 4.08 27.37
N ILE A 86 6.08 2.88 27.55
CA ILE A 86 5.81 2.04 28.73
C ILE A 86 7.07 2.01 29.60
N MET A 87 6.96 2.56 30.81
CA MET A 87 8.04 2.57 31.81
C MET A 87 7.80 1.37 32.71
N GLY A 88 8.62 0.33 32.57
CA GLY A 88 8.34 -0.94 33.23
C GLY A 88 8.83 -1.02 34.66
N ASP A 89 8.26 -1.96 35.44
CA ASP A 89 8.75 -2.29 36.81
C ASP A 89 8.97 -3.81 36.87
N LEU A 90 10.24 -4.23 36.88
CA LEU A 90 10.57 -5.67 36.90
C LEU A 90 10.27 -6.32 38.28
N ASP A 91 10.22 -5.49 39.32
CA ASP A 91 9.87 -5.92 40.67
C ASP A 91 8.37 -5.85 40.98
N ASN A 92 7.53 -5.47 40.00
CA ASN A 92 6.11 -5.60 40.15
C ASN A 92 5.70 -6.88 39.44
N PRO A 93 5.01 -7.79 40.15
CA PRO A 93 4.57 -9.03 39.49
C PRO A 93 3.42 -8.93 38.46
N MET A 94 2.80 -7.75 38.28
CA MET A 94 1.74 -7.59 37.28
C MET A 94 2.43 -7.12 36.01
N ASP A 95 2.19 -7.83 34.90
CA ASP A 95 2.69 -7.41 33.60
C ASP A 95 1.79 -6.33 33.03
N VAL A 96 2.33 -5.58 32.08
CA VAL A 96 1.50 -4.80 31.19
C VAL A 96 1.10 -5.73 30.07
N ARG A 97 -0.19 -5.85 29.84
CA ARG A 97 -0.71 -6.79 28.89
C ARG A 97 -1.63 -6.05 27.93
N ILE A 98 -1.44 -6.31 26.64
CA ILE A 98 -2.26 -5.71 25.62
C ILE A 98 -2.74 -6.83 24.69
N GLN A 99 -4.05 -6.94 24.54
CA GLN A 99 -4.68 -8.01 23.75
C GLN A 99 -5.68 -7.43 22.75
N ASP A 100 -5.82 -8.08 21.60
CA ASP A 100 -6.92 -7.83 20.66
C ASP A 100 -7.03 -6.39 20.16
N LEU A 101 -5.88 -5.78 19.88
CA LEU A 101 -5.79 -4.38 19.52
C LEU A 101 -4.91 -4.14 18.26
N THR A 102 -5.39 -3.27 17.37
CA THR A 102 -4.61 -2.93 16.15
C THR A 102 -3.97 -1.55 16.27
N PHE A 103 -2.70 -1.46 15.90
CA PHE A 103 -1.96 -0.20 15.87
C PHE A 103 -1.59 0.13 14.42
N ILE A 104 -1.89 1.37 14.00
CA ILE A 104 -1.71 1.81 12.62
C ILE A 104 -0.78 3.02 12.64
N GLY A 105 0.41 2.85 12.05
CA GLY A 105 1.42 3.90 11.93
C GLY A 105 1.41 4.71 10.63
N GLY A 106 0.43 4.50 9.77
CA GLY A 106 0.41 5.12 8.45
C GLY A 106 -0.50 4.39 7.49
N ASP A 107 -0.71 4.95 6.31
CA ASP A 107 -1.60 4.39 5.31
C ASP A 107 -0.91 3.30 4.51
N SER A 108 0.39 3.46 4.28
CA SER A 108 1.19 2.43 3.65
C SER A 108 2.63 2.85 3.88
N PRO A 109 3.59 1.93 3.73
CA PRO A 109 4.96 2.29 4.08
C PRO A 109 5.73 3.11 3.05
N ASP A 110 6.73 3.84 3.54
CA ASP A 110 7.69 4.55 2.74
C ASP A 110 8.97 3.72 2.82
N ARG A 111 9.16 2.83 1.85
CA ARG A 111 10.17 1.80 1.95
C ARG A 111 11.56 2.19 1.47
N LEU A 112 11.66 3.14 0.57
CA LEU A 112 12.92 3.45 -0.08
C LEU A 112 13.68 4.58 0.59
N VAL A 113 13.02 5.36 1.46
CA VAL A 113 13.74 6.38 2.24
C VAL A 113 14.78 5.72 3.16
N PRO A 114 16.01 6.29 3.26
CA PRO A 114 17.00 5.70 4.15
C PRO A 114 16.57 5.77 5.61
N PHE A 115 16.78 4.67 6.32
CA PHE A 115 16.40 4.61 7.73
C PHE A 115 17.37 5.51 8.49
N SER A 116 16.87 6.08 9.58
CA SER A 116 17.62 7.09 10.31
C SER A 116 17.17 7.13 11.75
N ALA A 117 17.98 7.81 12.56
CA ALA A 117 17.66 8.04 13.96
C ALA A 117 16.29 8.66 14.12
N VAL A 118 15.94 9.68 13.35
CA VAL A 118 14.59 10.26 13.49
C VAL A 118 13.48 9.23 13.23
N LEU A 119 13.68 8.34 12.26
CA LEU A 119 12.71 7.28 11.95
C LEU A 119 12.54 6.14 12.99
N THR A 120 13.57 5.90 13.81
CA THR A 120 13.47 4.95 14.93
C THR A 120 12.36 5.31 15.93
N ASN A 121 12.01 6.59 16.03
CA ASN A 121 10.89 7.03 16.87
C ASN A 121 9.51 6.56 16.40
N GLN A 122 9.39 6.14 15.15
CA GLN A 122 8.06 5.78 14.60
C GLN A 122 7.64 4.35 14.99
N MET A 123 7.24 4.22 16.26
CA MET A 123 6.93 2.96 16.90
C MET A 123 5.50 2.94 17.42
N ALA A 124 4.95 1.73 17.58
CA ALA A 124 3.69 1.56 18.30
C ALA A 124 3.94 1.54 19.81
N LEU A 125 4.84 0.66 20.26
CA LEU A 125 5.06 0.39 21.70
C LEU A 125 6.55 0.44 21.98
N TRP A 126 6.98 1.44 22.75
CA TRP A 126 8.37 1.56 23.27
C TRP A 126 8.36 1.19 24.74
N CYS A 127 8.99 0.07 25.06
CA CYS A 127 8.94 -0.55 26.39
C CYS A 127 10.33 -0.61 27.05
N ILE A 128 10.46 -0.02 28.23
CA ILE A 128 11.72 -0.08 28.97
C ILE A 128 11.53 -0.91 30.25
N ASP A 129 12.54 -1.71 30.59
CA ASP A 129 12.48 -2.70 31.71
C ASP A 129 11.20 -3.51 31.66
N PRO A 130 11.00 -4.25 30.56
CA PRO A 130 9.66 -4.75 30.26
C PRO A 130 9.22 -6.03 30.95
N ARG A 131 7.98 -5.99 31.35
CA ARG A 131 7.27 -7.10 31.86
C ARG A 131 5.94 -7.01 31.09
N ILE A 132 5.89 -7.71 29.95
CA ILE A 132 4.99 -7.39 28.83
C ILE A 132 4.41 -8.65 28.24
N THR A 133 3.11 -8.60 27.97
CA THR A 133 2.39 -9.60 27.20
C THR A 133 1.57 -8.93 26.09
N ILE A 134 1.82 -9.34 24.85
CA ILE A 134 1.11 -8.83 23.69
C ILE A 134 0.59 -10.03 22.94
N ARG A 135 -0.74 -10.11 22.78
CA ARG A 135 -1.38 -11.28 22.20
C ARG A 135 -2.54 -10.87 21.30
N GLY A 136 -2.56 -11.34 20.05
CA GLY A 136 -3.68 -11.11 19.17
C GLY A 136 -3.82 -9.69 18.70
N CYS A 137 -2.69 -8.99 18.63
CA CYS A 137 -2.64 -7.61 18.21
C CYS A 137 -2.10 -7.55 16.78
N SER A 138 -2.24 -6.39 16.14
CA SER A 138 -1.76 -6.17 14.77
C SER A 138 -1.07 -4.83 14.69
N PHE A 139 -0.06 -4.76 13.82
CA PHE A 139 0.80 -3.62 13.68
C PHE A 139 1.03 -3.37 12.18
N TYR A 140 0.48 -2.25 11.69
CA TYR A 140 0.57 -1.85 10.28
C TYR A 140 1.40 -0.60 10.08
N ASN A 141 2.37 -0.67 9.18
CA ASN A 141 2.95 0.51 8.51
C ASN A 141 3.73 1.43 9.42
N PHE A 142 4.43 0.88 10.41
CA PHE A 142 5.31 1.68 11.22
C PHE A 142 6.63 1.91 10.51
N GLY A 143 7.06 3.17 10.49
CA GLY A 143 8.33 3.56 9.90
C GLY A 143 9.55 3.08 10.69
N GLY A 144 9.37 2.77 11.97
CA GLY A 144 10.45 2.15 12.78
C GLY A 144 10.09 0.73 13.20
N ALA A 145 10.51 0.36 14.42
CA ALA A 145 10.07 -0.90 15.03
C ALA A 145 8.65 -0.75 15.54
N ALA A 146 7.77 -1.68 15.18
CA ALA A 146 6.43 -1.67 15.74
C ALA A 146 6.48 -1.84 17.25
N ILE A 147 7.37 -2.73 17.69
CA ILE A 147 7.59 -3.00 19.12
C ILE A 147 9.08 -2.93 19.43
N TYR A 148 9.44 -2.06 20.37
CA TYR A 148 10.82 -1.92 20.75
C TYR A 148 10.92 -2.19 22.24
N LEU A 149 11.86 -3.07 22.61
CA LEU A 149 12.06 -3.43 24.02
C LEU A 149 13.51 -3.17 24.40
N GLU A 150 13.71 -2.46 25.51
CA GLU A 150 15.05 -2.14 25.99
C GLU A 150 15.11 -2.17 27.52
N ARG A 151 16.32 -2.05 28.02
CA ARG A 151 16.63 -2.21 29.41
C ARG A 151 17.49 -0.99 29.83
N SER A 152 17.18 -0.38 30.98
CA SER A 152 17.91 0.79 31.45
C SER A 152 19.34 0.47 31.94
N GLU A 153 19.60 -0.78 32.28
CA GLU A 153 20.96 -1.23 32.62
C GLU A 153 21.06 -2.76 32.53
N ARG A 154 22.29 -3.26 32.50
CA ARG A 154 22.54 -4.70 32.43
C ARG A 154 22.26 -5.32 33.80
N ASP A 155 22.08 -6.64 33.84
CA ASP A 155 21.62 -7.31 35.08
C ASP A 155 22.69 -7.41 36.19
N GLY A 163 10.87 -10.50 33.99
CA GLY A 163 10.71 -9.99 32.64
C GLY A 163 9.80 -10.86 31.79
N GLN A 164 10.30 -12.06 31.45
CA GLN A 164 9.50 -13.08 30.79
C GLN A 164 8.51 -12.51 29.72
N VAL A 165 8.99 -11.62 28.82
CA VAL A 165 8.17 -11.05 27.71
C VAL A 165 7.57 -12.14 26.80
N MET A 166 6.29 -12.00 26.46
CA MET A 166 5.62 -12.92 25.51
C MET A 166 4.89 -12.11 24.45
N ILE A 167 5.18 -12.41 23.18
CA ILE A 167 4.54 -11.77 22.04
C ILE A 167 4.10 -12.89 21.12
N THR A 168 2.79 -13.22 21.13
CA THR A 168 2.29 -14.32 20.33
C THR A 168 1.01 -13.93 19.58
N ASP A 169 0.71 -14.69 18.51
CA ASP A 169 -0.53 -14.54 17.72
C ASP A 169 -0.74 -13.12 17.20
N CYS A 170 0.37 -12.40 16.93
CA CYS A 170 0.28 -11.06 16.39
C CYS A 170 0.54 -11.05 14.86
N ARG A 171 0.05 -9.97 14.24
CA ARG A 171 0.20 -9.77 12.81
C ARG A 171 0.91 -8.46 12.56
N PHE A 172 1.84 -8.53 11.62
CA PHE A 172 2.71 -7.41 11.23
C PHE A 172 2.64 -7.27 9.70
N ARG A 173 2.12 -6.13 9.23
CA ARG A 173 2.15 -5.78 7.79
C ARG A 173 2.76 -4.39 7.56
N GLY A 174 3.72 -4.28 6.64
CA GLY A 174 4.21 -2.97 6.19
C GLY A 174 5.17 -2.26 7.15
N CYS A 175 5.71 -2.99 8.13
CA CYS A 175 6.57 -2.43 9.15
C CYS A 175 8.03 -2.51 8.74
N ARG A 176 8.79 -1.48 9.04
CA ARG A 176 10.23 -1.45 8.81
C ARG A 176 10.87 -2.56 9.65
N ILE A 177 10.58 -2.53 10.94
CA ILE A 177 10.98 -3.59 11.88
C ILE A 177 9.74 -4.06 12.63
N GLY A 178 9.60 -5.39 12.80
CA GLY A 178 8.50 -5.97 13.61
C GLY A 178 8.78 -5.81 15.10
N ILE A 179 9.80 -6.52 15.58
CA ILE A 179 10.15 -6.55 17.00
C ILE A 179 11.65 -6.36 17.17
N ALA A 180 12.04 -5.38 17.99
CA ALA A 180 13.45 -5.10 18.28
C ALA A 180 13.66 -5.27 19.80
N ASN A 181 14.50 -6.24 20.17
CA ASN A 181 14.81 -6.47 21.58
C ASN A 181 16.23 -6.04 21.84
N GLY A 182 16.40 -5.03 22.67
CA GLY A 182 17.72 -4.50 22.99
C GLY A 182 18.49 -5.42 23.92
N GLY A 183 19.76 -5.09 24.18
CA GLY A 183 20.58 -5.86 25.12
C GLY A 183 19.89 -6.02 26.48
N SER A 184 20.10 -7.18 27.10
CA SER A 184 19.55 -7.50 28.43
C SER A 184 18.02 -7.59 28.51
N VAL A 185 17.32 -7.55 27.38
CA VAL A 185 15.94 -7.97 27.32
C VAL A 185 16.02 -9.39 26.77
N GLU A 186 16.00 -10.36 27.71
CA GLU A 186 16.38 -11.74 27.48
C GLU A 186 15.26 -12.69 27.83
N TYR A 187 15.31 -13.90 27.26
CA TYR A 187 14.41 -15.03 27.63
C TYR A 187 12.97 -14.76 27.29
N GLY A 188 12.75 -13.93 26.28
CA GLY A 188 11.40 -13.63 25.86
C GLY A 188 10.95 -14.70 24.90
N LEU A 189 9.71 -14.61 24.52
CA LEU A 189 9.09 -15.54 23.64
C LEU A 189 8.42 -14.76 22.51
N ALA A 190 8.69 -15.13 21.25
CA ALA A 190 7.98 -14.58 20.08
C ALA A 190 7.53 -15.73 19.17
N SER A 191 6.25 -16.09 19.29
CA SER A 191 5.72 -17.29 18.64
C SER A 191 4.36 -17.13 18.00
N GLN A 192 4.14 -17.93 16.95
CA GLN A 192 2.90 -17.96 16.23
C GLN A 192 2.48 -16.59 15.68
N ASN A 193 3.46 -15.81 15.27
CA ASN A 193 3.25 -14.50 14.67
C ASN A 193 3.38 -14.60 13.15
N ASN A 194 2.79 -13.65 12.42
CA ASN A 194 2.84 -13.62 10.94
C ASN A 194 3.33 -12.23 10.52
N PHE A 195 4.44 -12.21 9.76
CA PHE A 195 5.06 -11.01 9.22
C PHE A 195 4.84 -11.03 7.70
N SER A 196 4.21 -9.99 7.15
CA SER A 196 4.14 -9.77 5.69
C SER A 196 4.67 -8.40 5.40
N ASP A 197 5.44 -8.21 4.32
CA ASP A 197 5.83 -6.88 3.88
C ASP A 197 6.54 -6.08 4.99
N CYS A 198 7.51 -6.69 5.69
CA CYS A 198 8.39 -5.97 6.63
C CYS A 198 9.85 -6.08 6.20
N GLN A 199 10.68 -5.09 6.51
CA GLN A 199 12.08 -5.17 6.10
C GLN A 199 12.85 -6.17 6.99
N ILE A 200 12.68 -6.04 8.30
CA ILE A 200 13.38 -6.86 9.28
C ILE A 200 12.37 -7.30 10.33
N CYS A 201 11.98 -8.58 10.30
CA CYS A 201 10.95 -9.07 11.23
C CYS A 201 11.45 -9.00 12.68
N PHE A 202 12.64 -9.56 12.92
CA PHE A 202 13.30 -9.57 14.23
C PHE A 202 14.66 -8.85 14.19
N ASN A 203 14.73 -7.71 14.85
CA ASN A 203 15.96 -6.96 15.05
C ASN A 203 16.51 -7.45 16.42
N VAL A 204 17.40 -8.43 16.35
CA VAL A 204 17.85 -9.16 17.52
C VAL A 204 19.14 -8.60 18.11
N VAL A 205 19.04 -8.06 19.34
CA VAL A 205 20.22 -7.75 20.20
C VAL A 205 20.24 -8.61 21.47
N GLY A 206 19.23 -8.50 22.33
CA GLY A 206 19.25 -9.24 23.59
C GLY A 206 19.25 -10.74 23.39
N GLY A 207 19.98 -11.46 24.25
CA GLY A 207 20.09 -12.92 24.13
C GLY A 207 18.93 -13.75 24.66
N ASN A 208 18.96 -15.02 24.29
CA ASN A 208 18.17 -16.11 24.91
C ASN A 208 16.67 -16.11 24.64
N TRP A 209 16.24 -15.45 23.57
CA TRP A 209 14.84 -15.49 23.18
C TRP A 209 14.50 -16.77 22.46
N THR A 210 13.27 -17.24 22.68
CA THR A 210 12.69 -18.28 21.85
C THR A 210 11.77 -17.66 20.79
N ARG A 211 12.04 -18.02 19.54
CA ARG A 211 11.26 -17.62 18.40
C ARG A 211 10.85 -18.86 17.63
N SER A 212 9.59 -19.25 17.81
CA SER A 212 9.11 -20.51 17.27
C SER A 212 7.78 -20.39 16.51
N GLY A 213 7.69 -21.05 15.36
CA GLY A 213 6.43 -21.19 14.64
C GLY A 213 5.83 -19.91 14.08
N ASN A 214 6.72 -18.97 13.67
CA ASN A 214 6.34 -17.72 13.03
C ASN A 214 6.37 -17.91 11.51
N VAL A 215 5.51 -17.18 10.80
CA VAL A 215 5.46 -17.20 9.35
C VAL A 215 5.84 -15.83 8.80
N ALA A 216 6.85 -15.80 7.93
CA ALA A 216 7.27 -14.60 7.22
C ALA A 216 7.22 -14.85 5.70
N SER A 217 6.51 -13.97 4.98
CA SER A 217 6.58 -13.90 3.52
C SER A 217 6.75 -12.44 3.05
N ASN A 218 7.46 -12.28 1.93
CA ASN A 218 7.73 -10.98 1.34
C ASN A 218 8.31 -10.03 2.37
N CYS A 219 9.21 -10.55 3.23
CA CYS A 219 10.01 -9.75 4.14
C CYS A 219 11.46 -9.93 3.74
N ARG A 220 12.22 -8.84 3.62
CA ARG A 220 13.58 -8.96 3.14
C ARG A 220 14.43 -9.78 4.10
N CYS A 221 14.26 -9.49 5.38
CA CYS A 221 14.98 -10.11 6.46
C CYS A 221 13.99 -10.61 7.53
N MET A 222 14.13 -11.86 7.94
CA MET A 222 13.37 -12.37 9.07
C MET A 222 14.20 -12.21 10.33
N TYR A 223 15.52 -12.41 10.26
CA TYR A 223 16.38 -12.36 11.47
C TYR A 223 17.68 -11.60 11.15
N LEU A 224 17.93 -10.54 11.91
CA LEU A 224 19.17 -9.76 11.79
C LEU A 224 19.82 -9.76 13.13
N HIS A 225 21.09 -10.19 13.17
CA HIS A 225 21.96 -9.81 14.27
C HIS A 225 23.33 -9.39 13.74
N THR A 226 23.82 -8.25 14.25
CA THR A 226 25.19 -7.82 13.98
C THR A 226 25.66 -6.81 15.03
N GLN A 227 26.88 -6.30 14.87
CA GLN A 227 27.40 -5.19 15.72
C GLN A 227 26.91 -3.84 15.19
N GLY A 228 26.71 -2.89 16.10
CA GLY A 228 26.37 -1.53 15.73
C GLY A 228 24.98 -1.45 15.12
N MET A 229 24.01 -1.94 15.89
CA MET A 229 22.63 -2.00 15.44
C MET A 229 21.80 -0.81 15.94
N TRP A 230 20.62 -0.63 15.33
CA TRP A 230 19.61 0.25 15.89
C TRP A 230 19.02 -0.51 17.09
N TYR A 231 18.40 0.24 17.99
CA TYR A 231 17.58 -0.33 19.03
C TYR A 231 18.30 -1.29 20.01
N GLU A 232 19.57 -0.99 20.29
CA GLU A 232 20.33 -1.71 21.30
C GLU A 232 19.89 -1.34 22.72
N GLY A 233 19.46 -0.09 22.91
CA GLY A 233 18.98 0.42 24.21
C GLY A 233 20.10 0.76 25.17
N ALA A 234 19.76 1.11 26.41
CA ALA A 234 20.79 1.55 27.39
C ALA A 234 21.83 0.45 27.78
N ALA A 235 21.41 -0.81 27.80
CA ALA A 235 22.33 -1.94 28.03
C ALA A 235 23.34 -2.24 26.91
N GLY A 236 23.09 -1.75 25.69
CA GLY A 236 24.03 -1.95 24.57
C GLY A 236 23.95 -3.32 23.93
N ASN A 237 24.96 -3.65 23.12
CA ASN A 237 25.02 -4.93 22.40
C ASN A 237 25.70 -6.00 23.27
N PHE A 238 24.95 -6.43 24.29
CA PHE A 238 25.48 -7.26 25.39
C PHE A 238 24.83 -8.65 25.44
N ASN A 239 25.65 -9.66 25.71
CA ASN A 239 25.25 -11.08 25.78
C ASN A 239 24.21 -11.48 24.71
N PRO A 240 24.53 -11.19 23.44
CA PRO A 240 23.47 -11.11 22.44
C PRO A 240 23.14 -12.43 21.77
N ALA A 241 21.93 -12.51 21.21
CA ALA A 241 21.52 -13.60 20.32
C ALA A 241 21.59 -14.96 21.04
N HIS A 242 22.13 -16.01 20.40
CA HIS A 242 22.30 -17.34 21.01
C HIS A 242 21.08 -17.98 21.68
N GLY A 243 19.89 -17.63 21.16
CA GLY A 243 18.61 -18.13 21.65
C GLY A 243 18.16 -19.31 20.82
N SER A 244 16.85 -19.38 20.53
CA SER A 244 16.23 -20.51 19.79
C SER A 244 15.37 -20.00 18.59
N PHE A 245 15.59 -20.59 17.41
CA PHE A 245 14.90 -20.21 16.18
C PHE A 245 14.38 -21.47 15.50
N THR A 246 13.14 -21.86 15.82
CA THR A 246 12.63 -23.18 15.44
C THR A 246 11.30 -23.06 14.72
N SER A 247 11.07 -23.97 13.78
CA SER A 247 9.75 -24.15 13.18
C SER A 247 9.22 -22.90 12.46
N ASN A 248 10.13 -22.00 12.03
CA ASN A 248 9.73 -20.73 11.41
C ASN A 248 9.82 -20.84 9.89
N THR A 249 8.99 -20.07 9.17
CA THR A 249 9.01 -20.01 7.72
C THR A 249 9.53 -18.62 7.31
N LEU A 250 10.59 -18.59 6.48
CA LEU A 250 11.09 -17.35 5.90
C LEU A 250 11.16 -17.43 4.36
N ASN A 251 10.00 -17.20 3.74
CA ASN A 251 9.81 -17.39 2.31
C ASN A 251 9.77 -16.08 1.52
N HIS A 252 10.25 -16.10 0.29
CA HIS A 252 10.22 -14.95 -0.58
C HIS A 252 10.85 -13.71 0.05
N CYS A 253 12.05 -13.93 0.57
CA CYS A 253 12.88 -12.88 1.12
C CYS A 253 13.57 -12.08 -0.01
N ASP A 254 14.24 -12.81 -0.89
CA ASP A 254 15.03 -12.21 -1.97
C ASP A 254 14.51 -12.47 -3.40
N TYR A 255 13.45 -13.26 -3.56
CA TYR A 255 12.80 -13.47 -4.85
C TYR A 255 11.31 -13.63 -4.56
N GLY A 256 10.49 -12.73 -5.11
CA GLY A 256 9.04 -12.75 -4.90
C GLY A 256 8.51 -11.33 -4.86
N GLY A 257 7.67 -11.04 -3.88
CA GLY A 257 6.98 -9.75 -3.78
C GLY A 257 7.57 -8.75 -2.81
N ASN A 258 8.71 -9.06 -2.20
CA ASN A 258 9.32 -8.12 -1.29
C ASN A 258 9.70 -6.80 -1.99
N LEU A 259 9.31 -5.69 -1.37
CA LEU A 259 9.53 -4.34 -1.88
C LEU A 259 10.62 -3.59 -1.16
N TRP A 260 10.99 -4.04 0.05
CA TRP A 260 11.94 -3.33 0.89
C TRP A 260 13.35 -3.53 0.33
N PRO A 261 14.18 -2.47 0.34
CA PRO A 261 15.54 -2.61 -0.18
C PRO A 261 16.42 -3.60 0.61
N THR A 262 17.32 -4.22 -0.12
CA THR A 262 18.38 -5.03 0.42
C THR A 262 19.41 -4.18 1.16
N GLU A 263 19.70 -2.99 0.66
CA GLU A 263 20.69 -2.10 1.26
C GLU A 263 20.02 -1.43 2.47
N PHE A 264 20.65 -1.49 3.65
CA PHE A 264 20.04 -1.01 4.91
C PHE A 264 21.03 -0.17 5.70
N GLN A 265 20.59 0.99 6.15
CA GLN A 265 21.47 1.90 6.86
C GLN A 265 21.44 1.58 8.35
N LEU A 266 22.59 1.12 8.87
CA LEU A 266 22.84 1.09 10.30
C LEU A 266 23.37 2.46 10.75
N PRO A 267 23.44 2.72 12.07
CA PRO A 267 23.96 3.99 12.57
C PRO A 267 25.26 4.49 11.93
N ASP A 268 26.20 3.59 11.66
CA ASP A 268 27.53 3.93 11.13
C ASP A 268 27.92 3.26 9.83
N ARG A 269 27.06 2.42 9.24
CA ARG A 269 27.42 1.76 7.97
C ARG A 269 26.20 1.17 7.29
N VAL A 270 26.37 0.81 6.02
CA VAL A 270 25.33 0.20 5.22
C VAL A 270 25.66 -1.28 5.07
N ILE A 271 24.64 -2.14 5.30
CA ILE A 271 24.72 -3.60 5.08
C ILE A 271 23.72 -4.04 4.02
N ASN A 272 23.97 -5.23 3.49
CA ASN A 272 23.09 -5.89 2.54
C ASN A 272 22.36 -7.07 3.19
N LEU A 273 21.08 -6.86 3.48
CA LEU A 273 20.28 -7.80 4.25
C LEU A 273 20.09 -9.11 3.49
N ALA A 274 19.84 -10.18 4.26
CA ALA A 274 19.29 -11.44 3.73
C ALA A 274 18.20 -11.88 4.68
N GLY A 275 17.47 -12.91 4.26
CA GLY A 275 16.47 -13.60 5.09
C GLY A 275 17.01 -13.89 6.48
N PHE A 276 18.22 -14.45 6.53
CA PHE A 276 18.93 -14.67 7.80
C PHE A 276 20.33 -14.07 7.69
N TYR A 277 20.64 -13.12 8.56
CA TYR A 277 21.86 -12.37 8.47
C TYR A 277 22.48 -12.34 9.86
N PHE A 278 23.73 -12.79 9.95
CA PHE A 278 24.45 -12.84 11.22
C PHE A 278 25.90 -12.46 11.00
N ASP A 279 26.34 -11.43 11.69
CA ASP A 279 27.70 -10.96 11.59
C ASP A 279 28.14 -10.33 12.91
N ASN A 280 28.65 -11.19 13.79
CA ASN A 280 29.24 -10.73 15.04
C ASN A 280 30.23 -11.78 15.54
N ALA A 281 31.53 -11.50 15.35
CA ALA A 281 32.63 -12.37 15.83
C ALA A 281 32.63 -12.60 17.34
N ALA A 282 31.95 -11.74 18.09
CA ALA A 282 31.88 -11.84 19.53
C ALA A 282 30.55 -12.43 20.06
N ALA A 283 29.75 -13.08 19.20
CA ALA A 283 28.49 -13.71 19.63
C ALA A 283 28.15 -15.02 18.93
N ARG A 284 27.25 -15.79 19.55
CA ARG A 284 26.85 -17.09 19.00
C ARG A 284 25.46 -17.04 18.39
N LEU A 285 25.34 -17.74 17.27
CA LEU A 285 24.08 -17.96 16.56
C LEU A 285 23.13 -18.72 17.46
N PRO A 286 21.80 -18.60 17.20
CA PRO A 286 20.86 -19.39 17.97
C PRO A 286 20.81 -20.80 17.44
N ASN A 287 20.12 -21.67 18.18
CA ASN A 287 19.82 -22.99 17.69
C ASN A 287 18.80 -22.90 16.56
N PHE A 288 18.95 -23.73 15.52
CA PHE A 288 18.28 -23.51 14.26
C PHE A 288 17.80 -24.85 13.70
N SER A 289 16.52 -25.14 13.92
CA SER A 289 15.95 -26.43 13.58
C SER A 289 14.52 -26.26 13.08
N GLY A 290 14.17 -27.02 12.05
CA GLY A 290 12.79 -27.12 11.58
C GLY A 290 12.25 -25.91 10.84
N ASN A 291 13.15 -25.11 10.24
CA ASN A 291 12.81 -23.83 9.57
C ASN A 291 12.67 -24.04 8.05
N SER A 292 11.69 -23.40 7.42
CA SER A 292 11.53 -23.41 5.96
C SER A 292 12.15 -22.15 5.30
N GLN A 293 12.88 -22.37 4.20
CA GLN A 293 13.65 -21.35 3.49
C GLN A 293 13.42 -21.54 1.98
N TRP A 294 12.27 -21.08 1.51
CA TRP A 294 11.97 -21.06 0.08
C TRP A 294 12.25 -19.65 -0.33
N TYR A 295 13.43 -19.44 -0.94
CA TYR A 295 13.98 -18.11 -1.24
C TYR A 295 14.20 -17.38 0.08
N GLY A 296 14.82 -18.11 1.01
CA GLY A 296 15.15 -17.61 2.32
C GLY A 296 16.66 -17.55 2.41
N ASP A 297 17.24 -16.60 1.69
CA ASP A 297 18.69 -16.48 1.66
C ASP A 297 19.28 -16.22 3.06
N MET A 298 20.53 -16.66 3.24
CA MET A 298 21.17 -16.70 4.56
C MET A 298 22.64 -16.40 4.40
N LYS A 299 23.15 -15.52 5.26
CA LYS A 299 24.54 -15.12 5.26
C LYS A 299 25.10 -15.26 6.66
N LEU A 300 25.96 -16.26 6.85
CA LEU A 300 26.64 -16.49 8.12
C LEU A 300 28.01 -15.90 7.91
N ILE A 301 28.18 -14.65 8.32
CA ILE A 301 29.36 -13.85 7.95
C ILE A 301 30.44 -13.97 9.00
N ASN A 302 30.07 -13.84 10.26
CA ASN A 302 31.00 -14.04 11.35
C ASN A 302 30.30 -14.43 12.64
N PHE A 303 30.95 -15.32 13.41
CA PHE A 303 30.42 -15.76 14.72
C PHE A 303 31.57 -16.25 15.62
N LEU A 304 31.33 -16.33 16.93
CA LEU A 304 32.35 -16.74 17.92
C LEU A 304 32.99 -18.07 17.53
N PRO A 305 34.34 -18.13 17.44
CA PRO A 305 34.99 -19.40 17.08
C PRO A 305 34.70 -20.60 17.99
N ASP A 306 34.41 -20.38 19.28
CA ASP A 306 34.10 -21.48 20.19
C ASP A 306 32.62 -21.82 20.06
N SER A 307 32.28 -22.33 18.87
CA SER A 307 30.94 -22.81 18.57
C SER A 307 30.93 -23.63 17.30
N THR A 308 29.79 -24.25 17.06
CA THR A 308 29.45 -24.79 15.75
C THR A 308 28.02 -24.30 15.47
N PHE A 309 27.53 -24.51 14.26
CA PHE A 309 26.18 -24.14 13.86
C PHE A 309 25.65 -25.19 12.93
N VAL A 310 24.38 -25.54 13.12
CA VAL A 310 23.73 -26.54 12.31
C VAL A 310 22.42 -25.96 11.78
N ILE A 311 22.29 -25.99 10.46
CA ILE A 311 20.99 -25.86 9.82
C ILE A 311 20.38 -27.25 9.95
N ASN A 312 19.52 -27.45 10.95
CA ASN A 312 18.96 -28.77 11.23
C ASN A 312 17.54 -28.89 10.77
N GLY A 313 17.16 -30.01 10.15
CA GLY A 313 15.77 -30.26 9.83
C GLY A 313 15.11 -29.18 8.98
N GLY A 314 15.87 -28.63 8.02
CA GLY A 314 15.42 -27.53 7.20
C GLY A 314 14.89 -27.96 5.86
N ALA A 315 14.02 -27.11 5.29
CA ALA A 315 13.60 -27.23 3.88
C ALA A 315 14.22 -26.04 3.15
N LEU A 316 15.10 -26.33 2.18
CA LEU A 316 15.98 -25.32 1.57
C LEU A 316 15.72 -25.35 0.05
N TYR A 317 14.93 -24.40 -0.43
CA TYR A 317 14.44 -24.37 -1.82
C TYR A 317 14.83 -23.06 -2.50
N GLY A 318 15.43 -23.16 -3.67
CA GLY A 318 15.97 -22.01 -4.34
C GLY A 318 16.16 -22.17 -5.81
N GLY A 319 16.78 -21.17 -6.42
CA GLY A 319 16.94 -21.08 -7.86
C GLY A 319 15.60 -20.85 -8.53
N PRO A 320 15.57 -20.67 -9.85
CA PRO A 320 16.77 -20.59 -10.71
C PRO A 320 17.64 -19.39 -10.42
N GLY A 321 18.92 -19.50 -10.77
CA GLY A 321 19.90 -18.46 -10.52
C GLY A 321 20.26 -18.33 -9.07
N ASP A 322 20.85 -17.19 -8.71
CA ASP A 322 21.29 -16.95 -7.33
C ASP A 322 20.15 -16.44 -6.46
N THR A 323 19.12 -17.26 -6.30
CA THR A 323 18.01 -16.91 -5.46
C THR A 323 17.95 -17.90 -4.29
N GLY A 324 17.84 -17.37 -3.07
CA GLY A 324 17.67 -18.19 -1.87
C GLY A 324 18.97 -18.80 -1.35
N VAL A 325 20.07 -18.24 -1.82
CA VAL A 325 21.42 -18.74 -1.57
C VAL A 325 21.77 -18.74 -0.05
N ILE A 326 22.46 -19.79 0.39
CA ILE A 326 22.93 -19.96 1.75
C ILE A 326 24.44 -19.95 1.69
N ALA A 327 25.09 -19.04 2.41
CA ALA A 327 26.50 -18.87 2.31
C ALA A 327 27.16 -18.64 3.67
N VAL A 328 28.27 -19.33 3.90
CA VAL A 328 29.06 -19.18 5.13
C VAL A 328 30.45 -18.64 4.77
N ALA A 329 31.00 -17.82 5.67
CA ALA A 329 32.37 -17.33 5.51
C ALA A 329 33.34 -18.48 5.48
N THR A 330 34.23 -18.49 4.48
CA THR A 330 35.20 -19.56 4.28
C THR A 330 35.99 -19.93 5.54
N ALA A 331 36.36 -18.95 6.35
CA ALA A 331 37.20 -19.20 7.52
C ALA A 331 36.49 -19.96 8.63
N LEU A 332 35.16 -19.93 8.63
CA LEU A 332 34.35 -20.60 9.65
C LEU A 332 33.57 -21.80 9.13
N ALA A 333 33.77 -22.12 7.85
CA ALA A 333 32.97 -23.14 7.14
C ALA A 333 32.99 -24.55 7.75
N ALA A 334 34.13 -24.94 8.30
CA ALA A 334 34.25 -26.23 8.98
C ALA A 334 33.33 -26.35 10.22
N LYS A 335 33.03 -25.21 10.85
CA LYS A 335 32.16 -25.19 12.00
C LYS A 335 30.67 -25.19 11.65
N VAL A 336 30.31 -25.21 10.36
CA VAL A 336 28.90 -25.19 9.99
C VAL A 336 28.50 -26.50 9.33
N PHE A 337 27.37 -27.05 9.77
CA PHE A 337 26.86 -28.33 9.27
C PHE A 337 25.42 -28.17 8.82
N VAL A 338 25.03 -28.97 7.83
CA VAL A 338 23.68 -28.95 7.32
C VAL A 338 23.15 -30.40 7.46
N ILE A 339 22.32 -30.61 8.48
CA ILE A 339 21.93 -31.95 8.90
C ILE A 339 20.43 -32.16 8.81
N GLY A 340 20.04 -33.25 8.15
CA GLY A 340 18.64 -33.62 8.04
C GLY A 340 17.76 -32.68 7.22
N CYS A 341 18.37 -31.99 6.23
CA CYS A 341 17.65 -31.06 5.34
C CYS A 341 17.25 -31.63 3.97
N GLN A 342 16.08 -31.19 3.54
CA GLN A 342 15.53 -31.49 2.23
C GLN A 342 15.60 -30.23 1.35
N GLY A 343 15.49 -30.42 0.03
CA GLY A 343 15.69 -29.31 -0.92
C GLY A 343 15.68 -29.73 -2.39
N ASN A 344 15.74 -28.73 -3.26
CA ASN A 344 15.80 -28.92 -4.72
C ASN A 344 17.20 -28.66 -5.22
N ALA A 345 17.45 -29.04 -6.47
CA ALA A 345 18.78 -28.85 -7.05
C ALA A 345 19.18 -27.37 -7.12
N GLY A 346 18.20 -26.49 -7.33
CA GLY A 346 18.46 -25.07 -7.49
C GLY A 346 18.91 -24.34 -6.25
N GLN A 347 18.69 -24.96 -5.07
CA GLN A 347 19.19 -24.39 -3.81
C GLN A 347 20.71 -24.49 -3.77
N GLN A 348 21.36 -23.36 -3.54
CA GLN A 348 22.82 -23.29 -3.46
C GLN A 348 23.29 -23.19 -2.02
N ILE A 349 24.32 -23.98 -1.71
CA ILE A 349 24.96 -23.99 -0.41
C ILE A 349 26.42 -23.70 -0.68
N VAL A 350 26.91 -22.60 -0.12
CA VAL A 350 28.17 -22.00 -0.55
C VAL A 350 29.19 -22.03 0.58
N ASN A 351 30.29 -22.77 0.36
CA ASN A 351 31.45 -22.86 1.28
C ASN A 351 31.39 -23.91 2.40
N VAL A 352 30.19 -24.36 2.79
CA VAL A 352 30.06 -25.44 3.77
C VAL A 352 30.71 -26.67 3.10
N PRO A 353 31.64 -27.36 3.80
CA PRO A 353 32.29 -28.53 3.19
C PRO A 353 31.30 -29.67 2.91
N ALA A 354 31.52 -30.45 1.84
CA ALA A 354 30.61 -31.56 1.52
C ALA A 354 30.48 -32.60 2.66
N ALA A 355 31.55 -32.79 3.44
CA ALA A 355 31.57 -33.65 4.64
C ALA A 355 30.56 -33.24 5.72
N ASN A 356 30.24 -31.93 5.78
CA ASN A 356 29.32 -31.36 6.76
C ASN A 356 27.86 -31.31 6.31
N ILE A 357 27.57 -31.90 5.15
CA ILE A 357 26.21 -31.91 4.62
C ILE A 357 25.67 -33.32 4.58
N ILE A 358 24.87 -33.68 5.57
CA ILE A 358 24.37 -35.04 5.73
C ILE A 358 22.85 -34.98 5.96
N PRO A 359 22.02 -35.46 5.02
CA PRO A 359 22.41 -35.92 3.66
C PRO A 359 22.63 -34.75 2.68
N GLU A 360 23.15 -35.10 1.51
CA GLU A 360 23.31 -34.16 0.41
C GLU A 360 21.98 -33.43 0.18
N VAL A 361 22.08 -32.11 0.03
CA VAL A 361 20.93 -31.25 -0.31
C VAL A 361 21.40 -30.10 -1.23
N GLY A 362 20.57 -29.78 -2.21
CA GLY A 362 20.84 -28.68 -3.13
C GLY A 362 22.08 -28.89 -3.95
N THR A 363 22.70 -27.78 -4.35
CA THR A 363 23.94 -27.80 -5.11
C THR A 363 24.97 -27.02 -4.33
N ARG A 364 26.13 -27.63 -4.18
CA ARG A 364 27.14 -27.17 -3.29
C ARG A 364 28.28 -26.59 -4.09
N LYS A 365 28.91 -25.53 -3.57
CA LYS A 365 30.07 -24.93 -4.25
C LYS A 365 30.88 -24.05 -3.32
N ASP A 366 32.08 -23.72 -3.78
CA ASP A 366 32.97 -22.79 -3.10
C ASP A 366 33.07 -21.47 -3.85
N ASP A 367 33.09 -20.38 -3.09
CA ASP A 367 33.07 -19.02 -3.61
C ASP A 367 33.50 -18.06 -2.50
N ALA A 368 34.76 -17.66 -2.57
CA ALA A 368 35.37 -16.75 -1.57
C ALA A 368 34.74 -15.36 -1.48
N THR A 369 33.98 -14.94 -2.49
CA THR A 369 33.31 -13.63 -2.44
C THR A 369 32.14 -13.64 -1.45
N GLN A 370 31.46 -14.77 -1.34
CA GLN A 370 30.30 -14.87 -0.48
C GLN A 370 30.64 -15.38 0.93
N PRO A 371 29.92 -14.93 1.96
CA PRO A 371 28.87 -13.93 1.86
C PRO A 371 29.46 -12.53 2.05
N ALA A 372 28.98 -11.56 1.27
CA ALA A 372 29.34 -10.15 1.48
C ALA A 372 28.44 -9.56 2.53
N ALA A 373 28.96 -8.64 3.30
CA ALA A 373 28.22 -8.03 4.38
C ALA A 373 27.12 -7.09 3.87
N GLY B 29 -23.83 -4.52 21.12
CA GLY B 29 -23.40 -5.74 20.34
C GLY B 29 -23.54 -7.11 21.04
N THR B 30 -24.64 -7.34 21.75
CA THR B 30 -24.86 -8.60 22.48
C THR B 30 -25.92 -9.44 21.78
N LEU B 31 -25.52 -10.61 21.28
CA LEU B 31 -26.42 -11.50 20.52
C LEU B 31 -27.01 -12.62 21.42
N LEU B 32 -28.33 -12.62 21.58
CA LEU B 32 -29.02 -13.58 22.45
C LEU B 32 -29.46 -14.82 21.63
N PRO B 33 -29.54 -15.98 22.31
CA PRO B 33 -30.15 -17.14 21.65
C PRO B 33 -31.58 -16.80 21.18
N GLY B 34 -31.98 -17.32 20.02
CA GLY B 34 -33.26 -17.01 19.43
C GLY B 34 -33.33 -15.70 18.66
N GLN B 35 -32.25 -14.90 18.63
CA GLN B 35 -32.18 -13.70 17.77
C GLN B 35 -31.50 -14.05 16.45
N SER B 36 -31.67 -13.20 15.42
CA SER B 36 -31.08 -13.43 14.10
C SER B 36 -29.59 -13.16 14.13
N PRO B 37 -28.76 -14.20 13.91
CA PRO B 37 -27.31 -13.96 13.93
C PRO B 37 -26.86 -13.10 12.76
N ASP B 38 -27.40 -13.36 11.58
CA ASP B 38 -27.16 -12.54 10.38
C ASP B 38 -27.35 -11.04 10.64
N GLU B 39 -28.46 -10.71 11.28
CA GLU B 39 -28.77 -9.31 11.58
C GLU B 39 -27.73 -8.73 12.54
N ALA B 40 -27.42 -9.44 13.63
CA ALA B 40 -26.40 -8.97 14.58
C ALA B 40 -25.02 -8.80 13.93
N PHE B 41 -24.65 -9.73 13.05
CA PHE B 41 -23.33 -9.63 12.37
C PHE B 41 -23.28 -8.49 11.33
N ALA B 42 -24.39 -8.29 10.62
CA ALA B 42 -24.52 -7.18 9.69
C ALA B 42 -24.42 -5.82 10.34
N ARG B 43 -24.91 -5.69 11.57
CA ARG B 43 -25.01 -4.41 12.25
C ARG B 43 -23.83 -4.10 13.18
N ASN B 44 -22.97 -5.08 13.47
CA ASN B 44 -21.86 -4.85 14.40
C ASN B 44 -20.51 -5.26 13.86
N SER B 45 -19.48 -4.51 14.23
CA SER B 45 -18.11 -4.92 13.96
C SER B 45 -17.66 -6.02 14.95
N VAL B 46 -18.24 -6.05 16.15
CA VAL B 46 -17.87 -7.01 17.20
C VAL B 46 -19.12 -7.43 18.01
N VAL B 47 -19.32 -8.74 18.13
CA VAL B 47 -20.48 -9.31 18.82
C VAL B 47 -20.01 -10.17 19.99
N PHE B 48 -20.69 -10.02 21.14
CA PHE B 48 -20.50 -10.86 22.33
C PHE B 48 -21.70 -11.78 22.52
N LEU B 49 -21.48 -13.06 22.79
CA LEU B 49 -22.55 -13.99 23.08
C LEU B 49 -22.87 -14.03 24.58
N VAL B 50 -24.00 -14.60 24.94
CA VAL B 50 -24.37 -14.78 26.35
C VAL B 50 -23.47 -15.90 26.89
N PRO B 51 -22.69 -15.61 27.94
CA PRO B 51 -21.71 -16.60 28.44
C PRO B 51 -22.33 -17.96 28.76
N GLY B 52 -21.78 -19.02 28.18
CA GLY B 52 -22.25 -20.36 28.44
C GLY B 52 -23.62 -20.75 27.92
N ALA B 53 -24.31 -19.86 27.19
CA ALA B 53 -25.65 -20.16 26.64
C ALA B 53 -25.58 -21.06 25.42
N GLU B 54 -26.74 -21.61 25.09
CA GLU B 54 -26.89 -22.55 23.97
C GLU B 54 -27.62 -21.84 22.82
N TYR B 55 -26.99 -21.81 21.65
CA TYR B 55 -27.55 -21.24 20.44
C TYR B 55 -27.82 -22.37 19.48
N ASN B 56 -28.67 -22.13 18.50
CA ASN B 56 -28.98 -23.08 17.46
C ASN B 56 -29.04 -22.32 16.13
N TRP B 57 -28.00 -22.46 15.29
CA TRP B 57 -27.80 -21.65 14.08
C TRP B 57 -27.73 -22.54 12.84
N LYS B 58 -28.28 -22.06 11.73
CA LYS B 58 -28.26 -22.78 10.45
C LYS B 58 -28.06 -21.79 9.30
N ASN B 59 -27.14 -22.09 8.39
CA ASN B 59 -26.90 -21.27 7.18
C ASN B 59 -26.75 -19.74 7.43
N VAL B 60 -26.10 -19.37 8.53
CA VAL B 60 -25.83 -17.97 8.84
C VAL B 60 -24.82 -17.44 7.82
N VAL B 61 -25.00 -16.18 7.39
CA VAL B 61 -24.13 -15.56 6.39
C VAL B 61 -23.48 -14.30 6.95
N ILE B 62 -22.15 -14.25 6.84
CA ILE B 62 -21.34 -13.09 7.21
C ILE B 62 -20.81 -12.51 5.90
N ARG B 63 -21.09 -11.24 5.63
CA ARG B 63 -20.68 -10.58 4.38
C ARG B 63 -19.61 -9.52 4.58
N LYS B 64 -19.30 -9.18 5.83
CA LYS B 64 -18.22 -8.25 6.15
C LYS B 64 -17.54 -8.67 7.45
N PRO B 65 -16.30 -8.17 7.71
CA PRO B 65 -15.60 -8.64 8.90
C PRO B 65 -16.35 -8.39 10.22
N VAL B 66 -16.30 -9.38 11.10
CA VAL B 66 -16.90 -9.32 12.42
C VAL B 66 -16.09 -10.16 13.40
N TRP B 67 -16.05 -9.74 14.66
CA TRP B 67 -15.44 -10.55 15.72
C TRP B 67 -16.55 -11.16 16.58
N ILE B 68 -16.39 -12.44 16.93
CA ILE B 68 -17.33 -13.12 17.83
C ILE B 68 -16.59 -13.55 19.12
N TYR B 69 -16.93 -12.92 20.25
CA TYR B 69 -16.45 -13.34 21.57
C TYR B 69 -17.49 -14.35 22.05
N GLY B 70 -17.12 -15.62 22.00
CA GLY B 70 -18.07 -16.70 22.22
C GLY B 70 -18.43 -16.90 23.68
N ASN B 71 -17.53 -16.49 24.57
CA ASN B 71 -17.84 -16.52 26.02
C ASN B 71 -18.27 -17.92 26.52
N GLY B 72 -17.64 -18.94 25.97
CA GLY B 72 -17.92 -20.30 26.41
C GLY B 72 -19.31 -20.82 26.03
N ALA B 73 -19.96 -20.18 25.07
CA ALA B 73 -21.25 -20.67 24.55
C ALA B 73 -21.04 -21.85 23.61
N THR B 74 -22.15 -22.49 23.31
CA THR B 74 -22.26 -23.62 22.41
C THR B 74 -23.27 -23.27 21.31
N VAL B 75 -22.91 -23.62 20.08
CA VAL B 75 -23.79 -23.48 18.93
C VAL B 75 -24.10 -24.88 18.39
N LYS B 76 -25.37 -25.26 18.43
CA LYS B 76 -25.85 -26.46 17.78
C LYS B 76 -26.47 -26.10 16.43
N THR B 77 -26.85 -27.11 15.66
CA THR B 77 -27.52 -26.90 14.37
C THR B 77 -28.37 -28.11 14.01
N SER B 78 -29.15 -27.98 12.93
CA SER B 78 -29.83 -29.14 12.28
C SER B 78 -29.77 -29.02 10.77
N GLY B 79 -30.10 -30.11 10.08
CA GLY B 79 -30.18 -30.12 8.61
C GLY B 79 -28.87 -29.81 7.91
N LEU B 80 -28.94 -29.61 6.59
CA LEU B 80 -27.75 -29.29 5.78
C LEU B 80 -27.05 -28.03 6.30
N GLY B 81 -25.74 -28.12 6.43
CA GLY B 81 -24.93 -27.00 6.91
C GLY B 81 -24.50 -26.20 5.71
N PRO B 82 -23.54 -25.28 5.86
CA PRO B 82 -22.78 -25.06 7.10
C PRO B 82 -23.57 -24.30 8.16
N ILE B 83 -23.03 -24.25 9.37
CA ILE B 83 -23.58 -23.41 10.42
C ILE B 83 -23.37 -21.95 10.01
N ILE B 84 -22.14 -21.61 9.59
CA ILE B 84 -21.81 -20.24 9.17
C ILE B 84 -21.01 -20.22 7.85
N HIS B 85 -21.46 -19.38 6.92
CA HIS B 85 -20.86 -19.17 5.59
C HIS B 85 -20.28 -17.77 5.55
N ILE B 86 -18.95 -17.68 5.56
CA ILE B 86 -18.24 -16.40 5.68
C ILE B 86 -17.74 -16.00 4.30
N MET B 87 -18.28 -14.89 3.77
CA MET B 87 -17.91 -14.38 2.44
C MET B 87 -16.80 -13.38 2.67
N GLY B 88 -15.55 -13.79 2.48
CA GLY B 88 -14.41 -12.97 2.86
C GLY B 88 -14.05 -11.88 1.85
N ASP B 89 -13.40 -10.84 2.33
CA ASP B 89 -12.84 -9.78 1.49
C ASP B 89 -11.41 -9.50 1.94
N LEU B 90 -10.46 -10.03 1.20
CA LEU B 90 -9.05 -9.92 1.55
C LEU B 90 -8.49 -8.51 1.41
N ASP B 91 -9.20 -7.65 0.67
CA ASP B 91 -8.82 -6.24 0.56
C ASP B 91 -9.10 -5.49 1.86
N ASN B 92 -9.94 -6.06 2.72
CA ASN B 92 -10.26 -5.48 4.00
C ASN B 92 -9.30 -6.00 5.07
N PRO B 93 -8.59 -5.09 5.77
CA PRO B 93 -7.53 -5.57 6.67
C PRO B 93 -8.07 -6.16 7.98
N MET B 94 -9.33 -5.92 8.31
CA MET B 94 -9.93 -6.48 9.51
C MET B 94 -10.25 -7.95 9.28
N ASP B 95 -9.72 -8.80 10.16
CA ASP B 95 -10.03 -10.22 10.15
C ASP B 95 -11.41 -10.52 10.73
N VAL B 96 -11.99 -11.62 10.28
CA VAL B 96 -13.07 -12.26 11.02
C VAL B 96 -12.37 -13.04 12.14
N ARG B 97 -12.77 -12.81 13.37
CA ARG B 97 -12.17 -13.48 14.53
C ARG B 97 -13.26 -14.19 15.33
N ILE B 98 -13.05 -15.46 15.66
CA ILE B 98 -13.97 -16.24 16.46
C ILE B 98 -13.19 -16.90 17.60
N GLN B 99 -13.63 -16.66 18.83
CA GLN B 99 -12.91 -17.08 20.03
C GLN B 99 -13.83 -17.72 21.03
N ASP B 100 -13.31 -18.72 21.75
CA ASP B 100 -13.99 -19.25 22.93
C ASP B 100 -15.40 -19.74 22.65
N LEU B 101 -15.56 -20.40 21.51
CA LEU B 101 -16.88 -20.86 21.07
C LEU B 101 -16.88 -22.32 20.68
N THR B 102 -17.93 -23.04 21.08
CA THR B 102 -18.10 -24.46 20.75
C THR B 102 -19.20 -24.66 19.71
N PHE B 103 -18.91 -25.47 18.71
CA PHE B 103 -19.82 -25.80 17.64
C PHE B 103 -20.09 -27.31 17.69
N ILE B 104 -21.36 -27.69 17.56
CA ILE B 104 -21.74 -29.09 17.61
C ILE B 104 -22.56 -29.45 16.37
N GLY B 105 -22.10 -30.48 15.65
CA GLY B 105 -22.73 -30.90 14.39
C GLY B 105 -23.61 -32.14 14.49
N GLY B 106 -23.94 -32.58 15.70
CA GLY B 106 -24.57 -33.89 15.89
C GLY B 106 -24.24 -34.53 17.23
N ASP B 107 -25.01 -35.56 17.57
CA ASP B 107 -24.92 -36.24 18.88
C ASP B 107 -23.68 -37.11 19.03
N SER B 108 -23.29 -37.74 17.92
CA SER B 108 -22.17 -38.67 17.91
C SER B 108 -21.84 -38.98 16.45
N PRO B 109 -20.67 -39.58 16.15
CA PRO B 109 -20.35 -39.85 14.75
C PRO B 109 -20.82 -41.21 14.27
N ASP B 110 -21.48 -41.28 13.10
CA ASP B 110 -21.62 -42.53 12.37
C ASP B 110 -20.41 -42.64 11.48
N ARG B 111 -19.44 -43.45 11.90
CA ARG B 111 -18.13 -43.51 11.26
C ARG B 111 -18.09 -44.43 10.06
N LEU B 112 -19.14 -45.23 9.88
CA LEU B 112 -19.16 -46.27 8.86
C LEU B 112 -19.87 -45.81 7.61
N VAL B 113 -20.68 -44.76 7.70
CA VAL B 113 -21.36 -44.20 6.51
C VAL B 113 -20.27 -43.79 5.50
N PRO B 114 -20.42 -44.16 4.23
CA PRO B 114 -19.42 -43.70 3.25
C PRO B 114 -19.50 -42.19 3.13
N PHE B 115 -18.35 -41.53 2.97
CA PHE B 115 -18.33 -40.06 2.77
C PHE B 115 -18.89 -39.71 1.37
N SER B 116 -19.48 -38.53 1.24
CA SER B 116 -20.22 -38.17 0.04
C SER B 116 -20.32 -36.67 -0.15
N ALA B 117 -20.65 -36.26 -1.37
CA ALA B 117 -20.84 -34.85 -1.72
C ALA B 117 -21.85 -34.19 -0.81
N VAL B 118 -22.95 -34.88 -0.54
CA VAL B 118 -23.97 -34.38 0.40
C VAL B 118 -23.41 -34.15 1.81
N LEU B 119 -22.57 -35.06 2.29
CA LEU B 119 -22.02 -34.94 3.63
C LEU B 119 -21.00 -33.81 3.77
N THR B 120 -20.42 -33.34 2.65
CA THR B 120 -19.43 -32.27 2.72
C THR B 120 -20.02 -30.94 3.13
N ASN B 121 -21.34 -30.80 2.99
CA ASN B 121 -22.09 -29.64 3.51
C ASN B 121 -22.11 -29.52 5.05
N GLN B 122 -21.88 -30.59 5.78
CA GLN B 122 -22.07 -30.58 7.22
C GLN B 122 -20.80 -30.00 7.89
N MET B 123 -20.70 -28.67 7.81
CA MET B 123 -19.51 -27.94 8.27
C MET B 123 -19.89 -27.01 9.40
N ALA B 124 -18.94 -26.64 10.24
CA ALA B 124 -19.15 -25.51 11.17
C ALA B 124 -18.95 -24.20 10.41
N LEU B 125 -17.75 -24.03 9.84
CA LEU B 125 -17.35 -22.77 9.20
C LEU B 125 -16.90 -23.02 7.77
N TRP B 126 -17.62 -22.41 6.83
CA TRP B 126 -17.26 -22.42 5.42
C TRP B 126 -16.84 -21.01 5.04
N CYS B 127 -15.53 -20.82 4.81
CA CYS B 127 -14.92 -19.51 4.63
C CYS B 127 -14.31 -19.39 3.24
N ILE B 128 -14.75 -18.40 2.47
CA ILE B 128 -14.15 -18.14 1.17
C ILE B 128 -13.33 -16.85 1.25
N ASP B 129 -12.17 -16.85 0.61
CA ASP B 129 -11.24 -15.73 0.66
C ASP B 129 -11.02 -15.27 2.10
N PRO B 130 -10.47 -16.17 2.95
CA PRO B 130 -10.45 -15.91 4.38
C PRO B 130 -9.30 -15.03 4.85
N ARG B 131 -9.66 -13.96 5.56
CA ARG B 131 -8.78 -13.32 6.52
C ARG B 131 -9.40 -13.65 7.88
N ILE B 132 -8.88 -14.69 8.53
CA ILE B 132 -9.58 -15.26 9.68
C ILE B 132 -8.67 -15.72 10.83
N THR B 133 -9.22 -15.61 12.04
CA THR B 133 -8.58 -16.05 13.28
C THR B 133 -9.59 -16.90 14.05
N ILE B 134 -9.21 -18.13 14.36
CA ILE B 134 -10.05 -19.03 15.11
C ILE B 134 -9.17 -19.55 16.25
N ARG B 135 -9.60 -19.23 17.48
CA ARG B 135 -8.81 -19.50 18.66
C ARG B 135 -9.66 -19.91 19.83
N GLY B 136 -9.24 -20.98 20.51
CA GLY B 136 -9.93 -21.43 21.73
C GLY B 136 -11.29 -22.03 21.50
N CYS B 137 -11.56 -22.47 20.27
CA CYS B 137 -12.86 -23.05 19.92
C CYS B 137 -12.86 -24.58 19.97
N SER B 138 -14.05 -25.16 19.98
CA SER B 138 -14.19 -26.60 19.92
C SER B 138 -15.20 -26.98 18.89
N PHE B 139 -14.95 -28.10 18.23
CA PHE B 139 -15.80 -28.61 17.15
C PHE B 139 -16.09 -30.08 17.36
N TYR B 140 -17.38 -30.44 17.45
CA TYR B 140 -17.80 -31.84 17.74
C TYR B 140 -18.71 -32.46 16.70
N ASN B 141 -18.33 -33.65 16.25
CA ASN B 141 -19.23 -34.52 15.45
C ASN B 141 -19.76 -33.92 14.12
N PHE B 142 -18.89 -33.23 13.37
CA PHE B 142 -19.28 -32.75 12.02
C PHE B 142 -19.18 -33.87 11.00
N GLY B 143 -20.26 -34.05 10.24
CA GLY B 143 -20.30 -34.99 9.13
C GLY B 143 -19.30 -34.72 8.00
N GLY B 144 -18.87 -33.46 7.85
CA GLY B 144 -17.83 -33.08 6.88
C GLY B 144 -16.69 -32.39 7.62
N ALA B 145 -16.07 -31.40 6.97
CA ALA B 145 -15.05 -30.57 7.59
C ALA B 145 -15.61 -29.57 8.62
N ALA B 146 -15.09 -29.61 9.84
CA ALA B 146 -15.44 -28.61 10.83
C ALA B 146 -15.17 -27.21 10.28
N ILE B 147 -13.95 -27.00 9.77
CA ILE B 147 -13.52 -25.74 9.16
C ILE B 147 -13.09 -26.00 7.71
N TYR B 148 -13.72 -25.30 6.78
CA TYR B 148 -13.36 -25.34 5.34
C TYR B 148 -13.03 -23.94 4.82
N LEU B 149 -11.80 -23.80 4.32
CA LEU B 149 -11.30 -22.54 3.75
C LEU B 149 -11.09 -22.75 2.26
N GLU B 150 -11.61 -21.85 1.42
CA GLU B 150 -11.31 -21.84 -0.03
C GLU B 150 -11.06 -20.44 -0.56
N ARG B 151 -10.52 -20.37 -1.79
CA ARG B 151 -10.41 -19.14 -2.53
C ARG B 151 -11.44 -19.12 -3.64
N SER B 152 -11.84 -17.90 -4.00
CA SER B 152 -12.78 -17.66 -5.08
C SER B 152 -12.08 -17.71 -6.45
N GLU B 153 -10.75 -17.60 -6.45
CA GLU B 153 -9.97 -17.80 -7.66
C GLU B 153 -8.57 -18.32 -7.36
N ARG B 154 -7.91 -18.79 -8.40
CA ARG B 154 -6.54 -19.20 -8.31
C ARG B 154 -5.63 -17.98 -8.15
N ASP B 155 -4.73 -18.02 -7.17
CA ASP B 155 -3.88 -16.89 -6.85
C ASP B 155 -2.50 -17.14 -7.48
N THR B 156 -2.22 -16.43 -8.57
CA THR B 156 -0.91 -16.50 -9.21
C THR B 156 -0.17 -15.17 -9.00
N GLY B 157 -0.60 -14.39 -8.01
CA GLY B 157 0.07 -13.17 -7.65
C GLY B 157 1.35 -13.34 -6.86
N PHE B 158 2.05 -12.22 -6.69
CA PHE B 158 3.25 -12.15 -5.86
C PHE B 158 2.98 -11.50 -4.49
N ARG B 159 1.71 -11.34 -4.10
CA ARG B 159 1.37 -10.96 -2.72
C ARG B 159 1.00 -12.25 -2.02
N PHE B 160 2.01 -12.85 -1.42
CA PHE B 160 1.94 -14.19 -0.87
C PHE B 160 1.18 -14.25 0.46
N GLY B 161 0.47 -15.35 0.66
CA GLY B 161 -0.14 -15.63 1.96
C GLY B 161 -1.23 -14.66 2.35
N ARG B 162 -2.06 -14.30 1.40
CA ARG B 162 -3.14 -13.39 1.69
C ARG B 162 -4.08 -14.02 2.75
N GLY B 163 -4.40 -13.20 3.76
CA GLY B 163 -5.30 -13.60 4.82
C GLY B 163 -4.63 -13.78 6.16
N GLN B 164 -3.34 -14.11 6.17
CA GLN B 164 -2.58 -14.46 7.37
C GLN B 164 -3.41 -15.31 8.33
N VAL B 165 -3.93 -16.43 7.84
CA VAL B 165 -4.91 -17.22 8.61
C VAL B 165 -4.26 -17.82 9.86
N MET B 166 -4.97 -17.76 10.99
CA MET B 166 -4.53 -18.45 12.21
C MET B 166 -5.65 -19.31 12.81
N ILE B 167 -5.33 -20.58 13.10
CA ILE B 167 -6.23 -21.48 13.79
C ILE B 167 -5.41 -22.14 14.87
N THR B 168 -5.60 -21.72 16.12
CA THR B 168 -4.78 -22.23 17.23
C THR B 168 -5.64 -22.55 18.44
N ASP B 169 -5.07 -23.34 19.34
CA ASP B 169 -5.72 -23.70 20.63
C ASP B 169 -7.17 -24.24 20.50
N CYS B 170 -7.44 -25.01 19.47
CA CYS B 170 -8.76 -25.59 19.26
C CYS B 170 -8.80 -27.11 19.50
N ARG B 171 -10.00 -27.61 19.79
CA ARG B 171 -10.22 -29.03 20.00
C ARG B 171 -11.17 -29.54 18.96
N PHE B 172 -10.88 -30.71 18.42
CA PHE B 172 -11.73 -31.36 17.45
C PHE B 172 -11.94 -32.78 17.93
N ARG B 173 -13.17 -33.24 17.79
CA ARG B 173 -13.61 -34.47 18.40
C ARG B 173 -14.75 -35.05 17.58
N GLY B 174 -14.54 -36.27 17.09
CA GLY B 174 -15.59 -36.97 16.32
C GLY B 174 -15.90 -36.41 14.95
N CYS B 175 -14.98 -35.67 14.34
CA CYS B 175 -15.27 -34.98 13.07
C CYS B 175 -14.78 -35.80 11.90
N ARG B 176 -15.56 -35.86 10.81
CA ARG B 176 -15.06 -36.48 9.57
C ARG B 176 -13.72 -35.85 9.16
N ILE B 177 -13.71 -34.53 9.01
CA ILE B 177 -12.50 -33.74 8.69
C ILE B 177 -12.36 -32.59 9.70
N GLY B 178 -11.15 -32.31 10.13
CA GLY B 178 -10.91 -31.18 11.01
C GLY B 178 -10.88 -29.86 10.24
N ILE B 179 -9.75 -29.63 9.57
CA ILE B 179 -9.52 -28.40 8.85
C ILE B 179 -9.18 -28.75 7.40
N ALA B 180 -10.04 -28.29 6.49
CA ALA B 180 -9.87 -28.43 5.05
C ALA B 180 -9.43 -27.10 4.47
N ASN B 181 -8.19 -26.99 3.98
CA ASN B 181 -7.76 -25.76 3.30
C ASN B 181 -7.60 -25.97 1.81
N GLY B 182 -8.43 -25.28 1.04
CA GLY B 182 -8.46 -25.42 -0.43
C GLY B 182 -7.30 -24.75 -1.13
N GLY B 183 -7.22 -24.95 -2.45
CA GLY B 183 -6.17 -24.33 -3.26
C GLY B 183 -6.08 -22.83 -3.09
N SER B 184 -4.86 -22.32 -3.12
CA SER B 184 -4.59 -20.88 -2.96
C SER B 184 -4.95 -20.25 -1.60
N VAL B 185 -5.33 -21.06 -0.60
CA VAL B 185 -5.42 -20.55 0.78
C VAL B 185 -4.08 -20.98 1.34
N GLU B 186 -3.13 -20.04 1.39
CA GLU B 186 -1.75 -20.36 1.64
C GLU B 186 -1.22 -19.63 2.86
N TYR B 187 -0.11 -20.13 3.41
CA TYR B 187 0.65 -19.48 4.48
C TYR B 187 -0.16 -19.20 5.75
N GLY B 188 -1.14 -20.08 6.02
CA GLY B 188 -1.85 -20.06 7.27
C GLY B 188 -1.06 -20.81 8.32
N LEU B 189 -1.51 -20.68 9.56
CA LEU B 189 -0.88 -21.29 10.73
C LEU B 189 -1.96 -22.13 11.42
N ALA B 190 -1.68 -23.41 11.68
CA ALA B 190 -2.60 -24.27 12.47
C ALA B 190 -1.80 -25.01 13.49
N SER B 191 -1.83 -24.53 14.74
CA SER B 191 -0.88 -24.94 15.77
C SER B 191 -1.55 -25.03 17.16
N GLN B 192 -0.99 -25.90 18.01
CA GLN B 192 -1.49 -26.09 19.38
C GLN B 192 -2.94 -26.56 19.42
N ASN B 193 -3.35 -27.35 18.44
CA ASN B 193 -4.70 -27.92 18.43
C ASN B 193 -4.64 -29.35 18.93
N ASN B 194 -5.80 -29.88 19.30
CA ASN B 194 -5.89 -31.27 19.68
C ASN B 194 -7.01 -31.88 18.89
N PHE B 195 -6.70 -33.01 18.23
CA PHE B 195 -7.64 -33.79 17.46
C PHE B 195 -7.80 -35.17 18.14
N SER B 196 -9.04 -35.59 18.34
CA SER B 196 -9.36 -36.91 18.90
C SER B 196 -10.53 -37.52 18.17
N ASP B 197 -10.39 -38.77 17.73
CA ASP B 197 -11.45 -39.49 17.01
C ASP B 197 -11.96 -38.73 15.79
N CYS B 198 -11.05 -38.22 14.97
CA CYS B 198 -11.42 -37.61 13.67
C CYS B 198 -10.87 -38.52 12.59
N GLN B 199 -11.51 -38.60 11.42
CA GLN B 199 -11.01 -39.48 10.36
C GLN B 199 -9.77 -38.87 9.72
N ILE B 200 -9.88 -37.59 9.33
CA ILE B 200 -8.79 -36.83 8.69
C ILE B 200 -8.63 -35.50 9.40
N CYS B 201 -7.48 -35.27 10.02
CA CYS B 201 -7.30 -34.01 10.79
C CYS B 201 -7.14 -32.81 9.85
N PHE B 202 -6.15 -32.90 8.95
CA PHE B 202 -5.85 -31.89 7.95
C PHE B 202 -6.06 -32.42 6.52
N ASN B 203 -7.12 -31.94 5.88
CA ASN B 203 -7.37 -32.20 4.49
C ASN B 203 -6.63 -31.07 3.74
N VAL B 204 -5.40 -31.36 3.31
CA VAL B 204 -4.44 -30.35 2.85
C VAL B 204 -4.47 -30.23 1.30
N VAL B 205 -4.79 -29.05 0.80
CA VAL B 205 -4.64 -28.68 -0.62
C VAL B 205 -3.76 -27.46 -0.69
N GLY B 206 -4.22 -26.32 -0.20
CA GLY B 206 -3.48 -25.05 -0.34
C GLY B 206 -2.07 -25.13 0.20
N GLY B 207 -1.11 -24.48 -0.45
CA GLY B 207 0.29 -24.57 -0.04
C GLY B 207 0.77 -23.71 1.14
N ASN B 208 1.95 -24.05 1.65
CA ASN B 208 2.75 -23.16 2.50
C ASN B 208 2.28 -22.97 3.94
N TRP B 209 1.36 -23.80 4.44
CA TRP B 209 0.92 -23.67 5.83
C TRP B 209 1.98 -24.17 6.81
N THR B 210 1.97 -23.56 8.00
CA THR B 210 2.69 -24.04 9.16
C THR B 210 1.72 -24.78 10.08
N ARG B 211 2.07 -26.03 10.41
CA ARG B 211 1.26 -26.86 11.31
C ARG B 211 2.19 -27.43 12.37
N SER B 212 2.13 -26.85 13.57
CA SER B 212 3.10 -27.13 14.61
C SER B 212 2.48 -27.39 15.98
N GLY B 213 3.04 -28.36 16.72
CA GLY B 213 2.65 -28.63 18.11
C GLY B 213 1.22 -29.09 18.27
N ASN B 214 0.70 -29.82 17.30
CA ASN B 214 -0.66 -30.34 17.37
C ASN B 214 -0.57 -31.76 17.90
N VAL B 215 -1.59 -32.19 18.64
CA VAL B 215 -1.68 -33.57 19.14
C VAL B 215 -2.87 -34.23 18.47
N ALA B 216 -2.63 -35.40 17.88
CA ALA B 216 -3.69 -36.24 17.32
C ALA B 216 -3.60 -37.63 17.92
N SER B 217 -4.73 -38.15 18.38
CA SER B 217 -4.83 -39.48 18.95
C SER B 217 -6.11 -40.13 18.48
N ASN B 218 -6.01 -41.39 18.11
CA ASN B 218 -7.14 -42.16 17.58
C ASN B 218 -7.79 -41.50 16.38
N CYS B 219 -6.97 -40.98 15.50
CA CYS B 219 -7.46 -40.42 14.26
C CYS B 219 -6.84 -41.26 13.13
N ARG B 220 -7.63 -41.70 12.15
CA ARG B 220 -7.08 -42.56 11.09
C ARG B 220 -5.96 -41.84 10.33
N CYS B 221 -6.20 -40.56 10.02
CA CYS B 221 -5.30 -39.74 9.26
C CYS B 221 -5.12 -38.35 9.91
N MET B 222 -3.88 -37.92 10.09
CA MET B 222 -3.58 -36.57 10.51
C MET B 222 -3.41 -35.62 9.32
N TYR B 223 -2.74 -36.08 8.27
CA TYR B 223 -2.39 -35.29 7.10
C TYR B 223 -2.73 -36.09 5.82
N LEU B 224 -3.68 -35.58 5.03
CA LEU B 224 -3.98 -36.11 3.71
C LEU B 224 -3.61 -35.09 2.60
N HIS B 225 -2.75 -35.49 1.66
CA HIS B 225 -2.65 -34.82 0.36
C HIS B 225 -2.53 -35.76 -0.85
N THR B 226 -3.39 -35.49 -1.84
CA THR B 226 -3.40 -36.21 -3.11
C THR B 226 -4.24 -35.44 -4.18
N GLN B 227 -4.33 -36.02 -5.37
CA GLN B 227 -5.16 -35.46 -6.45
C GLN B 227 -6.60 -35.83 -6.20
N GLY B 228 -7.52 -35.03 -6.73
CA GLY B 228 -8.95 -35.35 -6.67
C GLY B 228 -9.53 -35.39 -5.26
N MET B 229 -9.21 -34.38 -4.46
CA MET B 229 -9.68 -34.31 -3.09
C MET B 229 -11.02 -33.64 -2.96
N TRP B 230 -11.66 -33.86 -1.82
CA TRP B 230 -12.78 -33.00 -1.43
C TRP B 230 -12.18 -31.66 -1.03
N TYR B 231 -12.96 -30.59 -1.14
CA TYR B 231 -12.59 -29.29 -0.57
C TYR B 231 -11.41 -28.56 -1.27
N GLU B 232 -11.27 -28.75 -2.58
CA GLU B 232 -10.24 -28.01 -3.35
C GLU B 232 -10.64 -26.53 -3.51
N GLY B 233 -11.95 -26.30 -3.62
CA GLY B 233 -12.50 -24.93 -3.82
C GLY B 233 -12.27 -24.43 -5.24
N ALA B 234 -12.60 -23.16 -5.48
CA ALA B 234 -12.59 -22.64 -6.85
C ALA B 234 -11.21 -22.57 -7.48
N ALA B 235 -10.16 -22.41 -6.69
CA ALA B 235 -8.78 -22.44 -7.22
C ALA B 235 -8.28 -23.83 -7.70
N GLY B 236 -8.95 -24.90 -7.25
CA GLY B 236 -8.53 -26.29 -7.56
C GLY B 236 -7.29 -26.76 -6.80
N ASN B 237 -6.69 -27.82 -7.32
CA ASN B 237 -5.57 -28.45 -6.67
C ASN B 237 -4.33 -27.78 -7.20
N PHE B 238 -3.96 -26.65 -6.58
CA PHE B 238 -2.93 -25.76 -7.15
C PHE B 238 -1.87 -25.38 -6.15
N ASN B 239 -0.62 -25.39 -6.63
CA ASN B 239 0.56 -25.11 -5.80
C ASN B 239 0.45 -25.76 -4.40
N PRO B 240 0.19 -27.09 -4.35
CA PRO B 240 -0.24 -27.70 -3.08
C PRO B 240 0.84 -27.99 -2.04
N ALA B 241 0.37 -28.11 -0.80
CA ALA B 241 1.17 -28.61 0.34
C ALA B 241 2.52 -27.89 0.45
N HIS B 242 3.66 -28.59 0.43
CA HIS B 242 5.02 -28.03 0.61
C HIS B 242 5.22 -27.00 1.72
N GLY B 243 4.48 -27.17 2.81
CA GLY B 243 4.61 -26.28 3.96
C GLY B 243 5.53 -26.82 5.03
N SER B 244 5.07 -26.74 6.28
CA SER B 244 5.84 -27.14 7.45
C SER B 244 4.94 -27.94 8.40
N PHE B 245 5.45 -29.08 8.85
CA PHE B 245 4.73 -30.01 9.72
C PHE B 245 5.73 -30.40 10.79
N THR B 246 5.69 -29.69 11.92
CA THR B 246 6.70 -29.86 12.94
C THR B 246 6.11 -30.03 14.34
N SER B 247 6.81 -30.81 15.17
CA SER B 247 6.51 -30.97 16.60
C SER B 247 5.11 -31.55 16.88
N ASN B 248 4.55 -32.27 15.91
CA ASN B 248 3.21 -32.87 16.04
C ASN B 248 3.26 -34.32 16.50
N THR B 249 2.12 -34.85 16.95
CA THR B 249 1.99 -36.25 17.36
C THR B 249 0.76 -36.84 16.65
N LEU B 250 0.97 -38.00 16.01
CA LEU B 250 -0.11 -38.75 15.35
C LEU B 250 -0.05 -40.19 15.86
N ASN B 251 -0.82 -40.47 16.91
CA ASN B 251 -0.70 -41.72 17.67
C ASN B 251 -1.95 -42.54 17.51
N HIS B 252 -1.77 -43.85 17.38
CA HIS B 252 -2.88 -44.83 17.24
C HIS B 252 -3.75 -44.56 16.06
N CYS B 253 -3.09 -44.34 14.93
CA CYS B 253 -3.77 -44.07 13.68
C CYS B 253 -4.35 -45.34 13.10
N ASP B 254 -3.56 -46.41 13.08
CA ASP B 254 -3.97 -47.64 12.41
C ASP B 254 -4.16 -48.83 13.34
N TYR B 255 -3.96 -48.62 14.64
CA TYR B 255 -3.86 -49.71 15.61
C TYR B 255 -4.09 -49.14 17.00
N GLY B 256 -4.86 -49.84 17.82
CA GLY B 256 -4.98 -49.52 19.25
C GLY B 256 -5.78 -48.28 19.63
N GLY B 257 -6.71 -47.83 18.79
CA GLY B 257 -7.58 -46.73 19.21
C GLY B 257 -8.52 -46.18 18.16
N ASN B 258 -7.99 -45.82 17.00
CA ASN B 258 -8.82 -45.24 15.95
C ASN B 258 -9.93 -46.21 15.62
N LEU B 259 -11.17 -45.69 15.55
CA LEU B 259 -12.35 -46.43 15.12
C LEU B 259 -12.83 -46.12 13.67
N TRP B 260 -12.25 -45.13 13.00
CA TRP B 260 -12.70 -44.77 11.63
C TRP B 260 -12.15 -45.76 10.62
N PRO B 261 -12.93 -46.02 9.56
CA PRO B 261 -12.46 -46.95 8.52
C PRO B 261 -11.22 -46.45 7.79
N THR B 262 -10.43 -47.39 7.27
CA THR B 262 -9.26 -47.06 6.47
C THR B 262 -9.69 -46.60 5.06
N GLU B 263 -10.67 -47.29 4.47
CA GLU B 263 -11.19 -46.94 3.16
C GLU B 263 -11.93 -45.62 3.23
N PHE B 264 -11.47 -44.64 2.45
CA PHE B 264 -12.10 -43.34 2.39
C PHE B 264 -12.49 -43.04 0.95
N GLN B 265 -13.73 -42.56 0.76
CA GLN B 265 -14.29 -42.24 -0.56
C GLN B 265 -13.95 -40.81 -0.96
N LEU B 266 -13.07 -40.66 -1.95
CA LEU B 266 -12.83 -39.36 -2.63
C LEU B 266 -13.96 -39.10 -3.63
N PRO B 267 -14.02 -37.90 -4.23
CA PRO B 267 -15.12 -37.63 -5.17
C PRO B 267 -15.29 -38.69 -6.29
N ASP B 268 -14.19 -39.25 -6.77
CA ASP B 268 -14.17 -40.14 -7.95
C ASP B 268 -13.55 -41.51 -7.70
N ARG B 269 -12.91 -41.71 -6.54
CA ARG B 269 -12.25 -42.99 -6.21
C ARG B 269 -12.17 -43.24 -4.70
N VAL B 270 -11.77 -44.45 -4.33
CA VAL B 270 -11.63 -44.86 -2.95
C VAL B 270 -10.12 -44.95 -2.67
N ILE B 271 -9.67 -44.49 -1.49
CA ILE B 271 -8.27 -44.70 -1.07
C ILE B 271 -8.22 -45.34 0.31
N ASN B 272 -7.04 -45.85 0.68
CA ASN B 272 -6.82 -46.45 1.98
C ASN B 272 -5.94 -45.53 2.82
N LEU B 273 -6.57 -44.83 3.73
CA LEU B 273 -5.90 -43.79 4.50
C LEU B 273 -4.74 -44.30 5.34
N ALA B 274 -3.74 -43.44 5.54
CA ALA B 274 -2.71 -43.67 6.53
C ALA B 274 -2.62 -42.40 7.43
N GLY B 275 -1.90 -42.47 8.55
CA GLY B 275 -1.70 -41.34 9.44
C GLY B 275 -1.12 -40.10 8.73
N PHE B 276 -0.21 -40.38 7.81
CA PHE B 276 0.38 -39.41 6.92
C PHE B 276 0.36 -40.01 5.49
N TYR B 277 -0.53 -39.48 4.64
CA TYR B 277 -0.77 -39.97 3.28
C TYR B 277 -0.44 -38.88 2.24
N PHE B 278 0.48 -39.18 1.34
CA PHE B 278 0.85 -38.25 0.28
C PHE B 278 0.95 -38.95 -1.07
N ASP B 279 0.06 -38.58 -2.01
CA ASP B 279 0.09 -39.12 -3.39
C ASP B 279 -0.21 -38.05 -4.45
N ASN B 280 0.83 -37.30 -4.83
CA ASN B 280 0.72 -36.32 -5.90
C ASN B 280 2.06 -36.07 -6.57
N ALA B 281 2.25 -36.68 -7.76
CA ALA B 281 3.45 -36.45 -8.59
C ALA B 281 3.79 -34.99 -8.92
N ALA B 282 2.81 -34.08 -8.87
CA ALA B 282 3.03 -32.65 -9.12
C ALA B 282 3.14 -31.78 -7.86
N ALA B 283 3.25 -32.36 -6.66
CA ALA B 283 3.36 -31.60 -5.40
C ALA B 283 4.57 -32.03 -4.62
N ARG B 284 5.16 -31.11 -3.84
CA ARG B 284 6.22 -31.44 -2.92
C ARG B 284 5.66 -31.56 -1.48
N LEU B 285 6.28 -32.46 -0.73
CA LEU B 285 5.94 -32.71 0.67
C LEU B 285 6.35 -31.55 1.56
N PRO B 286 5.73 -31.45 2.75
CA PRO B 286 6.16 -30.42 3.69
C PRO B 286 7.51 -30.76 4.28
N ASN B 287 8.13 -29.77 4.88
CA ASN B 287 9.24 -30.03 5.81
C ASN B 287 8.64 -30.79 6.99
N PHE B 288 9.34 -31.82 7.48
CA PHE B 288 8.78 -32.79 8.42
C PHE B 288 9.85 -33.07 9.49
N SER B 289 9.72 -32.42 10.64
CA SER B 289 10.72 -32.45 11.70
C SER B 289 10.13 -32.42 13.12
N GLY B 290 10.69 -33.25 13.99
CA GLY B 290 10.29 -33.31 15.38
C GLY B 290 8.94 -33.91 15.70
N ASN B 291 8.44 -34.78 14.83
CA ASN B 291 7.13 -35.41 15.06
C ASN B 291 7.20 -36.83 15.64
N SER B 292 6.12 -37.21 16.34
CA SER B 292 5.98 -38.51 16.96
C SER B 292 4.93 -39.35 16.24
N GLN B 293 5.31 -40.60 15.93
CA GLN B 293 4.43 -41.56 15.26
C GLN B 293 4.40 -42.90 16.05
N TRP B 294 3.51 -43.01 17.03
CA TRP B 294 3.27 -44.29 17.75
C TRP B 294 2.06 -44.90 17.07
N TYR B 295 2.29 -45.88 16.20
CA TYR B 295 1.28 -46.31 15.20
C TYR B 295 0.78 -45.14 14.34
N GLY B 296 1.74 -44.41 13.79
CA GLY B 296 1.50 -43.31 12.87
C GLY B 296 2.03 -43.74 11.53
N ASP B 297 1.26 -44.61 10.85
CA ASP B 297 1.64 -45.11 9.52
C ASP B 297 1.67 -43.99 8.48
N MET B 298 2.64 -44.10 7.60
CA MET B 298 2.97 -43.11 6.62
C MET B 298 3.09 -43.79 5.25
N LYS B 299 2.41 -43.27 4.23
CA LYS B 299 2.53 -43.72 2.84
C LYS B 299 2.99 -42.56 1.93
N LEU B 300 4.25 -42.60 1.51
CA LEU B 300 4.78 -41.66 0.54
C LEU B 300 4.70 -42.34 -0.84
N ILE B 301 3.57 -42.13 -1.50
CA ILE B 301 3.21 -42.84 -2.72
C ILE B 301 3.74 -42.15 -3.96
N ASN B 302 3.77 -40.82 -3.96
CA ASN B 302 4.24 -40.04 -5.13
C ASN B 302 4.42 -38.57 -4.78
N PHE B 303 5.49 -37.99 -5.30
CA PHE B 303 5.78 -36.58 -5.15
C PHE B 303 6.75 -36.08 -6.24
N LEU B 304 6.95 -34.77 -6.28
CA LEU B 304 7.67 -34.14 -7.38
C LEU B 304 9.14 -34.58 -7.32
N PRO B 305 9.67 -35.09 -8.44
CA PRO B 305 11.05 -35.59 -8.49
C PRO B 305 12.14 -34.59 -8.12
N ASP B 306 11.98 -33.30 -8.43
CA ASP B 306 13.01 -32.33 -8.05
C ASP B 306 12.77 -31.91 -6.60
N SER B 307 12.99 -32.87 -5.70
CA SER B 307 12.84 -32.66 -4.26
C SER B 307 13.49 -33.84 -3.52
N THR B 308 13.90 -33.59 -2.29
CA THR B 308 14.11 -34.65 -1.30
C THR B 308 13.09 -34.53 -0.19
N PHE B 309 12.98 -35.58 0.61
CA PHE B 309 12.13 -35.57 1.79
C PHE B 309 12.91 -36.20 2.96
N VAL B 310 12.78 -35.64 4.16
CA VAL B 310 13.46 -36.16 5.34
C VAL B 310 12.45 -36.40 6.45
N ILE B 311 12.44 -37.60 7.03
CA ILE B 311 11.79 -37.79 8.33
C ILE B 311 12.91 -37.41 9.29
N ASN B 312 12.79 -36.21 9.88
CA ASN B 312 13.86 -35.65 10.71
C ASN B 312 13.47 -35.52 12.18
N GLY B 313 14.36 -35.95 13.08
CA GLY B 313 14.14 -35.82 14.52
C GLY B 313 12.82 -36.43 14.99
N GLY B 314 12.49 -37.60 14.46
CA GLY B 314 11.22 -38.25 14.75
C GLY B 314 11.32 -39.35 15.79
N ALA B 315 10.17 -39.72 16.31
CA ALA B 315 10.04 -40.89 17.18
C ALA B 315 9.05 -41.82 16.48
N LEU B 316 9.55 -42.99 16.08
CA LEU B 316 8.86 -43.91 15.21
C LEU B 316 8.70 -45.26 15.92
N TYR B 317 7.50 -45.51 16.45
CA TYR B 317 7.21 -46.74 17.19
C TYR B 317 6.07 -47.47 16.57
N GLY B 318 6.26 -48.77 16.36
CA GLY B 318 5.25 -49.63 15.70
C GLY B 318 5.42 -51.09 16.08
N GLY B 319 4.70 -51.97 15.40
CA GLY B 319 4.66 -53.40 15.74
C GLY B 319 3.74 -53.60 16.94
N PRO B 320 3.18 -54.81 17.14
CA PRO B 320 3.47 -56.01 16.36
C PRO B 320 2.85 -56.06 14.95
N GLY B 321 3.57 -56.71 14.04
CA GLY B 321 3.12 -56.88 12.67
C GLY B 321 3.21 -55.62 11.82
N ASP B 322 2.31 -55.53 10.86
CA ASP B 322 2.20 -54.38 9.97
C ASP B 322 1.33 -53.31 10.61
N THR B 323 1.86 -52.70 11.67
CA THR B 323 1.19 -51.62 12.40
C THR B 323 2.19 -50.42 12.53
N GLY B 324 1.76 -49.23 12.10
CA GLY B 324 2.60 -48.03 12.15
C GLY B 324 3.62 -47.97 11.03
N VAL B 325 3.41 -48.72 9.95
CA VAL B 325 4.45 -48.94 8.93
C VAL B 325 4.71 -47.66 8.14
N ILE B 326 5.98 -47.33 7.93
CA ILE B 326 6.43 -46.27 7.03
C ILE B 326 6.92 -46.88 5.70
N ALA B 327 6.19 -46.57 4.62
CA ALA B 327 6.52 -47.03 3.28
C ALA B 327 6.68 -45.87 2.29
N VAL B 328 7.67 -45.94 1.42
CA VAL B 328 7.87 -44.99 0.31
C VAL B 328 7.93 -45.77 -1.02
N ALA B 329 7.43 -45.17 -2.11
CA ALA B 329 7.46 -45.80 -3.42
C ALA B 329 8.91 -46.08 -3.84
N THR B 330 9.13 -47.27 -4.39
CA THR B 330 10.47 -47.71 -4.75
C THR B 330 11.16 -46.74 -5.70
N ALA B 331 10.37 -46.27 -6.66
CA ALA B 331 10.85 -45.34 -7.68
C ALA B 331 11.41 -44.06 -7.07
N LEU B 332 10.89 -43.63 -5.93
CA LEU B 332 11.34 -42.37 -5.27
C LEU B 332 12.18 -42.56 -4.02
N ALA B 333 12.47 -43.80 -3.65
CA ALA B 333 13.01 -44.08 -2.31
C ALA B 333 14.40 -43.52 -2.06
N ALA B 334 15.23 -43.45 -3.07
CA ALA B 334 16.53 -42.75 -2.94
C ALA B 334 16.40 -41.28 -2.53
N LYS B 335 15.22 -40.69 -2.72
CA LYS B 335 14.99 -39.29 -2.35
C LYS B 335 14.54 -39.11 -0.89
N VAL B 336 14.23 -40.20 -0.18
CA VAL B 336 13.76 -40.16 1.21
C VAL B 336 14.86 -40.56 2.18
N PHE B 337 15.01 -39.76 3.22
CA PHE B 337 16.00 -39.97 4.27
C PHE B 337 15.27 -40.04 5.60
N VAL B 338 15.89 -40.73 6.56
CA VAL B 338 15.34 -40.86 7.91
C VAL B 338 16.48 -40.52 8.85
N ILE B 339 16.40 -39.31 9.44
CA ILE B 339 17.57 -38.68 10.06
C ILE B 339 17.28 -38.26 11.51
N GLY B 340 18.16 -38.70 12.41
CA GLY B 340 18.03 -38.38 13.81
C GLY B 340 16.77 -38.92 14.45
N CYS B 341 16.28 -40.06 13.94
CA CYS B 341 15.06 -40.62 14.50
C CYS B 341 15.41 -41.68 15.55
N GLN B 342 14.50 -41.81 16.53
CA GLN B 342 14.50 -42.87 17.54
C GLN B 342 13.30 -43.77 17.26
N GLY B 343 13.32 -44.97 17.86
CA GLY B 343 12.26 -45.96 17.70
C GLY B 343 12.59 -47.32 18.24
N ASN B 344 11.65 -48.25 18.05
CA ASN B 344 11.78 -49.63 18.47
C ASN B 344 11.99 -50.59 17.28
N ALA B 345 12.37 -51.82 17.62
CA ALA B 345 12.59 -52.87 16.63
C ALA B 345 11.38 -53.15 15.75
N GLY B 346 10.18 -53.04 16.33
CA GLY B 346 8.94 -53.31 15.61
C GLY B 346 8.50 -52.28 14.58
N GLN B 347 9.17 -51.11 14.54
CA GLN B 347 8.86 -50.09 13.54
C GLN B 347 9.45 -50.55 12.19
N GLN B 348 8.56 -50.77 11.23
CA GLN B 348 8.97 -51.14 9.88
C GLN B 348 9.16 -49.88 9.04
N ILE B 349 10.30 -49.82 8.35
CA ILE B 349 10.59 -48.80 7.34
C ILE B 349 10.82 -49.54 6.01
N VAL B 350 9.92 -49.33 5.04
CA VAL B 350 9.87 -50.09 3.79
C VAL B 350 10.39 -49.30 2.58
N ASN B 351 11.42 -49.81 1.90
CA ASN B 351 11.97 -49.30 0.61
C ASN B 351 12.99 -48.17 0.73
N VAL B 352 13.03 -47.45 1.85
CA VAL B 352 14.07 -46.46 2.08
C VAL B 352 15.42 -47.17 2.20
N PRO B 353 16.41 -46.81 1.35
CA PRO B 353 17.73 -47.48 1.47
C PRO B 353 18.36 -47.34 2.86
N ALA B 354 19.07 -48.37 3.31
CA ALA B 354 19.84 -48.34 4.56
C ALA B 354 20.81 -47.19 4.61
N ALA B 355 21.43 -46.86 3.47
CA ALA B 355 22.37 -45.73 3.43
C ALA B 355 21.71 -44.42 3.82
N ASN B 356 20.40 -44.31 3.57
CA ASN B 356 19.62 -43.11 3.90
C ASN B 356 18.99 -43.05 5.30
N ILE B 357 19.36 -43.96 6.20
CA ILE B 357 18.79 -44.01 7.58
C ILE B 357 19.91 -43.81 8.57
N ILE B 358 20.00 -42.65 9.18
CA ILE B 358 21.13 -42.32 10.07
C ILE B 358 20.61 -41.59 11.34
N PRO B 359 20.68 -42.19 12.53
CA PRO B 359 21.20 -43.53 12.77
C PRO B 359 20.15 -44.57 12.43
N GLU B 360 20.58 -45.82 12.54
CA GLU B 360 19.70 -46.98 12.36
C GLU B 360 18.50 -46.85 13.30
N VAL B 361 17.32 -47.13 12.78
CA VAL B 361 16.12 -47.11 13.60
C VAL B 361 15.15 -48.10 12.98
N GLY B 362 14.45 -48.85 13.84
CA GLY B 362 13.46 -49.80 13.40
C GLY B 362 14.02 -50.98 12.63
N THR B 363 13.16 -51.61 11.84
CA THR B 363 13.53 -52.76 11.03
C THR B 363 13.22 -52.44 9.59
N ARG B 364 14.27 -52.46 8.78
CA ARG B 364 14.26 -52.04 7.40
C ARG B 364 13.99 -53.23 6.47
N LYS B 365 13.18 -53.05 5.45
CA LYS B 365 13.02 -54.08 4.44
C LYS B 365 12.61 -53.45 3.13
N ASP B 366 12.66 -54.25 2.07
CA ASP B 366 12.22 -53.85 0.74
C ASP B 366 10.94 -54.59 0.39
N ASP B 367 9.98 -53.86 -0.18
CA ASP B 367 8.74 -54.46 -0.64
C ASP B 367 8.07 -53.57 -1.68
N ALA B 368 8.20 -53.98 -2.94
CA ALA B 368 7.68 -53.24 -4.09
C ALA B 368 6.15 -53.20 -4.17
N THR B 369 5.45 -54.00 -3.37
CA THR B 369 4.00 -53.89 -3.31
C THR B 369 3.54 -52.69 -2.47
N GLN B 370 4.47 -52.07 -1.71
CA GLN B 370 4.15 -50.99 -0.78
C GLN B 370 4.85 -49.68 -1.17
N PRO B 371 4.20 -48.54 -0.98
CA PRO B 371 2.86 -48.41 -0.41
C PRO B 371 1.82 -48.46 -1.51
N ALA B 372 0.66 -49.02 -1.20
CA ALA B 372 -0.50 -48.96 -2.11
C ALA B 372 -1.37 -47.75 -1.80
N ALA B 373 -2.11 -47.30 -2.80
CA ALA B 373 -3.03 -46.17 -2.65
C ALA B 373 -4.15 -46.49 -1.68
N SER C 26 -27.31 -12.20 43.79
CA SER C 26 -26.33 -11.44 42.95
C SER C 26 -26.31 -11.99 41.51
N PRO C 27 -26.06 -11.10 40.51
CA PRO C 27 -26.39 -11.42 39.11
C PRO C 27 -25.50 -12.50 38.43
N PRO C 28 -25.96 -13.06 37.30
CA PRO C 28 -25.15 -14.05 36.56
C PRO C 28 -23.69 -13.61 36.26
N GLY C 29 -22.75 -14.54 36.41
CA GLY C 29 -21.35 -14.31 36.09
C GLY C 29 -20.53 -13.48 37.05
N THR C 30 -21.10 -13.04 38.15
CA THR C 30 -20.49 -12.11 39.10
C THR C 30 -19.80 -12.88 40.19
N LEU C 31 -18.55 -12.57 40.49
CA LEU C 31 -17.95 -13.05 41.74
C LEU C 31 -17.03 -11.98 42.31
N LEU C 32 -17.48 -11.37 43.40
CA LEU C 32 -16.77 -10.28 44.04
C LEU C 32 -15.83 -10.84 45.10
N PRO C 33 -14.75 -10.10 45.43
CA PRO C 33 -13.91 -10.51 46.55
C PRO C 33 -14.77 -10.72 47.80
N GLY C 34 -14.48 -11.74 48.59
CA GLY C 34 -15.25 -12.04 49.80
C GLY C 34 -16.58 -12.75 49.62
N GLN C 35 -17.05 -12.98 48.40
CA GLN C 35 -18.17 -13.92 48.21
C GLN C 35 -17.64 -15.34 48.12
N SER C 36 -18.51 -16.29 48.40
CA SER C 36 -18.18 -17.70 48.31
C SER C 36 -17.93 -18.18 46.86
N PRO C 37 -16.65 -18.50 46.51
CA PRO C 37 -16.41 -19.05 45.18
C PRO C 37 -17.18 -20.36 44.96
N ASP C 38 -17.25 -21.22 45.98
CA ASP C 38 -17.89 -22.52 45.81
C ASP C 38 -19.33 -22.34 45.27
N GLU C 39 -20.11 -21.48 45.94
CA GLU C 39 -21.50 -21.20 45.53
C GLU C 39 -21.60 -20.58 44.12
N ALA C 40 -20.76 -19.57 43.83
CA ALA C 40 -20.69 -18.93 42.51
C ALA C 40 -20.48 -19.95 41.39
N PHE C 41 -19.50 -20.83 41.58
CA PHE C 41 -19.15 -21.84 40.61
C PHE C 41 -20.22 -22.90 40.43
N ALA C 42 -20.89 -23.27 41.51
CA ALA C 42 -22.02 -24.19 41.40
C ALA C 42 -23.24 -23.58 40.69
N ARG C 43 -23.39 -22.26 40.71
CA ARG C 43 -24.57 -21.57 40.11
C ARG C 43 -24.33 -20.92 38.74
N ASN C 44 -23.13 -21.02 38.19
CA ASN C 44 -22.79 -20.41 36.90
C ASN C 44 -21.98 -21.32 36.00
N SER C 45 -22.26 -21.31 34.70
CA SER C 45 -21.38 -21.95 33.71
C SER C 45 -20.12 -21.11 33.42
N VAL C 46 -20.24 -19.79 33.53
CA VAL C 46 -19.12 -18.87 33.31
C VAL C 46 -19.17 -17.72 34.31
N VAL C 47 -18.02 -17.43 34.91
CA VAL C 47 -17.85 -16.39 35.90
C VAL C 47 -16.75 -15.47 35.42
N PHE C 48 -16.97 -14.16 35.58
CA PHE C 48 -16.01 -13.11 35.23
C PHE C 48 -15.62 -12.41 36.53
N LEU C 49 -14.33 -12.34 36.85
CA LEU C 49 -13.91 -11.70 38.12
C LEU C 49 -13.86 -10.20 37.93
N VAL C 50 -13.82 -9.49 39.05
CA VAL C 50 -13.67 -8.05 39.07
C VAL C 50 -12.27 -7.73 38.54
N PRO C 51 -12.20 -6.96 37.41
CA PRO C 51 -10.90 -6.65 36.79
C PRO C 51 -9.86 -6.13 37.76
N GLY C 52 -8.73 -6.81 37.86
CA GLY C 52 -7.63 -6.30 38.68
C GLY C 52 -7.75 -6.49 40.19
N ALA C 53 -8.84 -7.10 40.66
CA ALA C 53 -9.10 -7.22 42.10
C ALA C 53 -8.24 -8.31 42.79
N GLU C 54 -8.10 -8.18 44.11
CA GLU C 54 -7.47 -9.19 44.95
C GLU C 54 -8.52 -10.11 45.60
N TYR C 55 -8.37 -11.41 45.38
CA TYR C 55 -9.24 -12.42 45.99
C TYR C 55 -8.42 -13.22 46.99
N ASN C 56 -9.09 -13.87 47.95
CA ASN C 56 -8.43 -14.82 48.87
C ASN C 56 -9.27 -16.08 48.91
N TRP C 57 -8.76 -17.17 48.34
CA TRP C 57 -9.52 -18.41 48.23
C TRP C 57 -8.74 -19.56 48.86
N LYS C 58 -9.45 -20.53 49.46
CA LYS C 58 -8.81 -21.70 50.06
C LYS C 58 -9.66 -22.97 49.91
N ASN C 59 -9.10 -24.00 49.28
CA ASN C 59 -9.78 -25.32 49.15
C ASN C 59 -11.16 -25.22 48.46
N VAL C 60 -11.25 -24.37 47.45
CA VAL C 60 -12.47 -24.21 46.71
C VAL C 60 -12.78 -25.48 45.92
N VAL C 61 -14.02 -25.95 45.99
CA VAL C 61 -14.46 -27.13 45.24
C VAL C 61 -15.20 -26.73 43.94
N ILE C 62 -14.71 -27.23 42.81
CA ILE C 62 -15.44 -27.19 41.54
C ILE C 62 -15.88 -28.63 41.26
N ARG C 63 -17.19 -28.84 41.17
CA ARG C 63 -17.78 -30.17 40.89
C ARG C 63 -18.35 -30.34 39.49
N LYS C 64 -18.42 -29.26 38.73
CA LYS C 64 -19.15 -29.21 37.46
C LYS C 64 -18.32 -28.29 36.58
N PRO C 65 -18.37 -28.48 35.24
CA PRO C 65 -17.58 -27.54 34.41
C PRO C 65 -17.95 -26.07 34.61
N VAL C 66 -16.93 -25.22 34.60
CA VAL C 66 -17.08 -23.79 34.73
C VAL C 66 -15.90 -23.11 34.06
N TRP C 67 -16.12 -21.92 33.52
CA TRP C 67 -15.06 -21.09 33.00
C TRP C 67 -14.89 -19.89 33.90
N ILE C 68 -13.64 -19.48 34.11
CA ILE C 68 -13.32 -18.31 34.87
C ILE C 68 -12.58 -17.35 33.94
N TYR C 69 -13.16 -16.17 33.69
CA TYR C 69 -12.43 -15.07 33.06
C TYR C 69 -11.83 -14.21 34.16
N GLY C 70 -10.56 -14.43 34.46
CA GLY C 70 -9.90 -13.79 35.59
C GLY C 70 -9.73 -12.28 35.53
N ASN C 71 -9.73 -11.74 34.30
CA ASN C 71 -9.64 -10.31 34.05
C ASN C 71 -8.49 -9.63 34.76
N GLY C 72 -7.34 -10.29 34.83
CA GLY C 72 -6.17 -9.70 35.50
C GLY C 72 -6.28 -9.60 37.01
N ALA C 73 -7.20 -10.36 37.62
CA ALA C 73 -7.30 -10.46 39.08
C ALA C 73 -6.15 -11.29 39.66
N THR C 74 -6.03 -11.23 40.99
CA THR C 74 -5.02 -12.01 41.74
C THR C 74 -5.74 -12.82 42.81
N VAL C 75 -5.31 -14.08 42.99
CA VAL C 75 -5.83 -14.94 44.01
C VAL C 75 -4.72 -15.30 45.01
N LYS C 76 -4.90 -14.87 46.25
CA LYS C 76 -4.04 -15.28 47.36
C LYS C 76 -4.77 -16.34 48.18
N THR C 77 -4.04 -16.95 49.11
CA THR C 77 -4.57 -18.07 49.89
C THR C 77 -3.87 -18.14 51.27
N SER C 78 -4.17 -19.19 52.01
CA SER C 78 -3.55 -19.45 53.30
C SER C 78 -3.71 -20.95 53.62
N GLY C 79 -2.90 -21.41 54.58
CA GLY C 79 -3.00 -22.76 55.08
C GLY C 79 -2.50 -23.82 54.11
N LEU C 80 -2.99 -25.04 54.28
CA LEU C 80 -2.64 -26.14 53.39
C LEU C 80 -3.60 -26.15 52.22
N GLY C 81 -3.07 -26.31 51.01
CA GLY C 81 -3.85 -26.06 49.78
C GLY C 81 -4.63 -27.31 49.45
N PRO C 82 -5.11 -27.46 48.21
CA PRO C 82 -4.91 -26.52 47.10
C PRO C 82 -5.75 -25.23 47.22
N ILE C 83 -5.48 -24.22 46.40
CA ILE C 83 -6.39 -23.07 46.27
C ILE C 83 -7.73 -23.54 45.69
N ILE C 84 -7.69 -24.34 44.61
CA ILE C 84 -8.89 -24.95 44.01
C ILE C 84 -8.73 -26.46 43.79
N HIS C 85 -9.75 -27.21 44.14
CA HIS C 85 -9.84 -28.65 43.98
C HIS C 85 -10.95 -28.90 42.99
N ILE C 86 -10.62 -29.51 41.85
CA ILE C 86 -11.52 -29.59 40.70
C ILE C 86 -11.85 -31.06 40.41
N MET C 87 -13.12 -31.44 40.63
CA MET C 87 -13.58 -32.79 40.38
C MET C 87 -14.08 -32.80 38.93
N GLY C 88 -13.26 -33.34 38.03
CA GLY C 88 -13.59 -33.38 36.60
C GLY C 88 -14.64 -34.40 36.22
N ASP C 89 -15.19 -34.28 35.00
CA ASP C 89 -16.05 -35.31 34.37
C ASP C 89 -15.68 -35.48 32.88
N LEU C 90 -14.96 -36.56 32.57
CA LEU C 90 -14.41 -36.76 31.22
C LEU C 90 -15.48 -37.07 30.14
N ASP C 91 -16.67 -37.49 30.58
CA ASP C 91 -17.85 -37.62 29.72
C ASP C 91 -18.50 -36.28 29.35
N ASN C 92 -18.32 -35.24 30.17
CA ASN C 92 -18.88 -33.92 29.88
C ASN C 92 -18.02 -33.21 28.84
N PRO C 93 -18.61 -32.80 27.70
CA PRO C 93 -17.79 -32.16 26.67
C PRO C 93 -17.20 -30.79 27.07
N MET C 94 -17.84 -30.06 27.99
CA MET C 94 -17.38 -28.73 28.38
C MET C 94 -16.16 -28.84 29.30
N ASP C 95 -15.10 -28.08 28.98
CA ASP C 95 -13.90 -28.02 29.83
C ASP C 95 -14.09 -27.02 30.97
N VAL C 96 -13.30 -27.19 32.00
CA VAL C 96 -13.08 -26.15 32.97
C VAL C 96 -12.00 -25.30 32.30
N ARG C 97 -12.24 -24.00 32.21
CA ARG C 97 -11.29 -23.09 31.60
C ARG C 97 -10.98 -21.97 32.57
N ILE C 98 -9.69 -21.66 32.73
CA ILE C 98 -9.28 -20.53 33.56
C ILE C 98 -8.29 -19.68 32.77
N GLN C 99 -8.60 -18.40 32.56
CA GLN C 99 -7.75 -17.49 31.76
C GLN C 99 -7.39 -16.25 32.54
N ASP C 100 -6.20 -15.71 32.29
CA ASP C 100 -5.90 -14.36 32.69
C ASP C 100 -5.96 -14.15 34.24
N LEU C 101 -5.53 -15.14 35.03
CA LEU C 101 -5.63 -15.10 36.48
C LEU C 101 -4.25 -15.37 37.12
N THR C 102 -3.89 -14.60 38.15
CA THR C 102 -2.66 -14.84 38.91
C THR C 102 -2.98 -15.59 40.22
N PHE C 103 -2.20 -16.63 40.53
CA PHE C 103 -2.31 -17.37 41.79
C PHE C 103 -1.03 -17.17 42.56
N ILE C 104 -1.14 -16.88 43.86
CA ILE C 104 0.00 -16.56 44.73
C ILE C 104 -0.02 -17.52 45.94
N GLY C 105 1.07 -18.28 46.10
CA GLY C 105 1.19 -19.28 47.18
C GLY C 105 2.00 -18.87 48.39
N GLY C 106 2.48 -17.62 48.43
CA GLY C 106 3.33 -17.19 49.53
C GLY C 106 4.19 -16.03 49.15
N ASP C 107 4.93 -15.51 50.13
CA ASP C 107 5.75 -14.29 49.96
C ASP C 107 7.04 -14.48 49.15
N SER C 108 7.68 -15.64 49.34
CA SER C 108 8.96 -15.95 48.70
C SER C 108 9.31 -17.41 48.97
N PRO C 109 10.07 -18.05 48.08
CA PRO C 109 10.33 -19.48 48.33
C PRO C 109 11.43 -19.76 49.37
N ASP C 110 11.17 -20.70 50.29
CA ASP C 110 12.21 -21.29 51.16
C ASP C 110 12.72 -22.51 50.42
N ARG C 111 13.85 -22.35 49.74
CA ARG C 111 14.37 -23.36 48.83
C ARG C 111 15.12 -24.50 49.53
N LEU C 112 15.56 -24.29 50.76
CA LEU C 112 16.37 -25.28 51.47
C LEU C 112 15.57 -26.33 52.25
N VAL C 113 14.33 -26.03 52.61
CA VAL C 113 13.49 -26.99 53.35
C VAL C 113 13.39 -28.26 52.51
N PRO C 114 13.49 -29.45 53.13
CA PRO C 114 13.27 -30.67 52.37
C PRO C 114 11.84 -30.79 51.88
N PHE C 115 11.62 -31.32 50.68
CA PHE C 115 10.26 -31.52 50.20
C PHE C 115 9.67 -32.66 50.99
N SER C 116 8.34 -32.68 51.10
CA SER C 116 7.66 -33.63 51.96
C SER C 116 6.19 -33.72 51.62
N ALA C 117 5.53 -34.69 52.23
CA ALA C 117 4.10 -34.87 52.00
C ALA C 117 3.29 -33.69 52.52
N VAL C 118 3.76 -32.98 53.55
CA VAL C 118 3.05 -31.76 53.96
C VAL C 118 3.05 -30.74 52.83
N LEU C 119 4.22 -30.51 52.21
CA LEU C 119 4.34 -29.54 51.15
C LEU C 119 3.62 -29.91 49.83
N THR C 120 3.27 -31.18 49.62
CA THR C 120 2.57 -31.57 48.41
C THR C 120 1.18 -30.97 48.35
N ASN C 121 0.67 -30.55 49.50
CA ASN C 121 -0.59 -29.83 49.60
C ASN C 121 -0.57 -28.40 49.03
N GLN C 122 0.61 -27.79 48.89
CA GLN C 122 0.73 -26.36 48.57
C GLN C 122 0.67 -26.11 47.07
N MET C 123 -0.55 -26.29 46.55
CA MET C 123 -0.85 -26.22 45.14
C MET C 123 -1.78 -25.05 44.86
N ALA C 124 -1.82 -24.62 43.61
CA ALA C 124 -2.82 -23.67 43.18
C ALA C 124 -4.01 -24.48 42.73
N LEU C 125 -3.79 -25.36 41.75
CA LEU C 125 -4.86 -26.15 41.14
C LEU C 125 -4.60 -27.65 41.28
N TRP C 126 -5.59 -28.38 41.80
CA TRP C 126 -5.55 -29.83 41.94
C TRP C 126 -6.75 -30.36 41.17
N CYS C 127 -6.48 -30.97 40.02
CA CYS C 127 -7.50 -31.34 39.05
C CYS C 127 -7.51 -32.83 38.92
N ILE C 128 -8.65 -33.46 39.17
CA ILE C 128 -8.77 -34.90 39.00
C ILE C 128 -9.71 -35.21 37.81
N ASP C 129 -9.34 -36.21 37.00
CA ASP C 129 -10.04 -36.55 35.76
C ASP C 129 -10.22 -35.33 34.88
N PRO C 130 -9.10 -34.66 34.53
CA PRO C 130 -9.19 -33.33 34.01
C PRO C 130 -9.52 -33.23 32.54
N ARG C 131 -10.54 -32.42 32.27
CA ARG C 131 -10.76 -31.82 30.96
C ARG C 131 -10.60 -30.29 31.21
N ILE C 132 -9.41 -29.75 30.93
CA ILE C 132 -9.05 -28.44 31.44
C ILE C 132 -8.20 -27.60 30.49
N THR C 133 -8.42 -26.29 30.52
CA THR C 133 -7.66 -25.31 29.74
C THR C 133 -7.20 -24.22 30.67
N ILE C 134 -5.90 -24.03 30.75
CA ILE C 134 -5.30 -22.99 31.60
C ILE C 134 -4.40 -22.13 30.72
N ARG C 135 -4.75 -20.85 30.59
CA ARG C 135 -4.16 -19.98 29.57
C ARG C 135 -3.92 -18.59 30.13
N GLY C 136 -2.75 -18.01 29.89
CA GLY C 136 -2.49 -16.63 30.33
C GLY C 136 -2.47 -16.39 31.84
N CYS C 137 -2.26 -17.44 32.62
CA CYS C 137 -2.24 -17.40 34.08
C CYS C 137 -0.82 -17.37 34.62
N SER C 138 -0.66 -16.87 35.85
CA SER C 138 0.65 -16.78 36.50
C SER C 138 0.59 -17.43 37.88
N PHE C 139 1.69 -18.06 38.28
CA PHE C 139 1.77 -18.88 39.48
C PHE C 139 3.04 -18.53 40.22
N TYR C 140 2.89 -18.05 41.46
CA TYR C 140 4.02 -17.56 42.27
C TYR C 140 4.18 -18.31 43.57
N ASN C 141 5.39 -18.81 43.86
CA ASN C 141 5.73 -19.26 45.21
C ASN C 141 4.87 -20.38 45.81
N PHE C 142 4.53 -21.37 44.99
CA PHE C 142 3.87 -22.55 45.49
C PHE C 142 4.89 -23.52 46.12
N GLY C 143 4.56 -24.02 47.31
CA GLY C 143 5.42 -24.93 48.07
C GLY C 143 5.40 -26.32 47.48
N GLY C 144 4.38 -26.60 46.69
CA GLY C 144 4.25 -27.86 45.96
C GLY C 144 4.16 -27.62 44.47
N ALA C 145 3.35 -28.43 43.79
CA ALA C 145 3.05 -28.26 42.38
C ALA C 145 2.04 -27.16 42.19
N ALA C 146 2.35 -26.20 41.35
CA ALA C 146 1.40 -25.13 41.10
C ALA C 146 0.13 -25.73 40.51
N ILE C 147 0.31 -26.60 39.52
CA ILE C 147 -0.77 -27.37 38.90
C ILE C 147 -0.51 -28.88 39.04
N TYR C 148 -1.46 -29.60 39.63
CA TYR C 148 -1.39 -31.05 39.76
C TYR C 148 -2.62 -31.59 39.08
N LEU C 149 -2.41 -32.58 38.20
CA LEU C 149 -3.47 -33.28 37.48
C LEU C 149 -3.34 -34.79 37.73
N GLU C 150 -4.45 -35.44 38.08
CA GLU C 150 -4.44 -36.87 38.32
C GLU C 150 -5.70 -37.51 37.79
N ARG C 151 -5.65 -38.83 37.77
CA ARG C 151 -6.74 -39.66 37.29
C ARG C 151 -7.25 -40.58 38.42
N SER C 152 -8.56 -40.59 38.65
CA SER C 152 -9.20 -41.41 39.70
C SER C 152 -9.08 -42.90 39.42
N GLU C 153 -8.95 -43.28 38.15
CA GLU C 153 -8.61 -44.66 37.82
C GLU C 153 -7.97 -44.78 36.44
N ARG C 154 -7.18 -45.83 36.31
CA ARG C 154 -6.41 -46.14 35.11
C ARG C 154 -7.27 -46.34 33.85
N ASP C 155 -6.75 -45.93 32.69
CA ASP C 155 -7.41 -46.20 31.40
C ASP C 155 -6.74 -47.39 30.74
N ARG C 162 -9.55 -38.14 25.92
CA ARG C 162 -10.79 -37.42 26.24
C ARG C 162 -10.53 -36.05 26.90
N GLY C 163 -9.46 -35.96 27.71
CA GLY C 163 -9.09 -34.73 28.46
C GLY C 163 -8.60 -33.56 27.62
N GLN C 164 -7.86 -33.85 26.54
CA GLN C 164 -7.31 -32.83 25.62
C GLN C 164 -6.82 -31.55 26.35
N VAL C 165 -6.10 -31.76 27.47
CA VAL C 165 -5.70 -30.71 28.41
C VAL C 165 -4.68 -29.77 27.75
N MET C 166 -4.83 -28.47 27.99
CA MET C 166 -3.94 -27.44 27.41
C MET C 166 -3.47 -26.50 28.50
N ILE C 167 -2.17 -26.42 28.69
CA ILE C 167 -1.62 -25.41 29.57
C ILE C 167 -0.68 -24.59 28.74
N THR C 168 -1.10 -23.39 28.32
CA THR C 168 -0.28 -22.53 27.45
C THR C 168 -0.13 -21.10 28.00
N ASP C 169 0.92 -20.39 27.56
CA ASP C 169 1.14 -18.95 27.82
C ASP C 169 1.03 -18.58 29.28
N CYS C 170 1.53 -19.46 30.13
CA CYS C 170 1.54 -19.24 31.57
C CYS C 170 2.96 -18.96 32.07
N ARG C 171 3.03 -18.27 33.22
CA ARG C 171 4.28 -17.95 33.87
C ARG C 171 4.33 -18.62 35.23
N PHE C 172 5.50 -19.13 35.57
CA PHE C 172 5.76 -19.82 36.82
C PHE C 172 7.03 -19.22 37.41
N ARG C 173 6.93 -18.73 38.64
CA ARG C 173 8.07 -18.18 39.37
C ARG C 173 8.02 -18.68 40.82
N GLY C 174 9.16 -19.17 41.30
CA GLY C 174 9.33 -19.48 42.69
C GLY C 174 8.61 -20.72 43.15
N CYS C 175 8.22 -21.62 42.24
CA CYS C 175 7.44 -22.80 42.60
C CYS C 175 8.37 -24.01 42.76
N ARG C 176 8.03 -24.88 43.70
CA ARG C 176 8.75 -26.14 43.88
C ARG C 176 8.62 -26.97 42.62
N ILE C 177 7.38 -27.15 42.19
CA ILE C 177 7.04 -27.86 40.96
C ILE C 177 6.08 -26.97 40.16
N GLY C 178 6.28 -26.95 38.84
CA GLY C 178 5.42 -26.22 37.96
C GLY C 178 4.14 -26.98 37.69
N ILE C 179 4.26 -28.00 36.84
CA ILE C 179 3.13 -28.84 36.44
C ILE C 179 3.45 -30.29 36.73
N ALA C 180 2.51 -30.98 37.39
CA ALA C 180 2.69 -32.36 37.74
C ALA C 180 1.51 -33.10 37.16
N ASN C 181 1.77 -33.98 36.18
CA ASN C 181 0.76 -34.79 35.57
C ASN C 181 0.89 -36.24 36.04
N GLY C 182 -0.16 -36.77 36.66
CA GLY C 182 -0.13 -38.12 37.20
C GLY C 182 -0.34 -39.18 36.13
N GLY C 183 -0.25 -40.44 36.52
CA GLY C 183 -0.55 -41.55 35.61
C GLY C 183 -1.93 -41.45 34.99
N SER C 184 -2.05 -41.96 33.74
CA SER C 184 -3.30 -41.90 32.94
C SER C 184 -3.85 -40.49 32.62
N VAL C 185 -3.10 -39.43 32.93
CA VAL C 185 -3.37 -38.06 32.44
C VAL C 185 -2.48 -37.90 31.22
N GLU C 186 -3.06 -38.16 30.05
CA GLU C 186 -2.29 -38.35 28.83
C GLU C 186 -2.71 -37.37 27.75
N TYR C 187 -1.80 -37.10 26.82
CA TYR C 187 -2.11 -36.33 25.60
C TYR C 187 -2.47 -34.87 25.89
N GLY C 188 -1.86 -34.34 26.95
CA GLY C 188 -1.95 -32.94 27.25
C GLY C 188 -0.94 -32.19 26.39
N LEU C 189 -1.04 -30.89 26.48
CA LEU C 189 -0.22 -29.99 25.72
C LEU C 189 0.19 -28.97 26.74
N ALA C 190 1.48 -28.81 26.99
CA ALA C 190 1.98 -27.72 27.80
C ALA C 190 3.02 -26.98 27.00
N SER C 191 2.61 -25.86 26.41
CA SER C 191 3.50 -25.13 25.47
C SER C 191 3.48 -23.62 25.66
N GLN C 192 4.53 -22.95 25.22
CA GLN C 192 4.67 -21.49 25.32
C GLN C 192 4.62 -20.96 26.76
N ASN C 193 5.14 -21.70 27.73
CA ASN C 193 5.17 -21.23 29.11
C ASN C 193 6.57 -20.83 29.44
N ASN C 194 6.71 -20.06 30.52
CA ASN C 194 7.99 -19.57 30.98
C ASN C 194 8.12 -19.93 32.46
N PHE C 195 9.24 -20.53 32.83
CA PHE C 195 9.52 -20.96 34.19
C PHE C 195 10.77 -20.23 34.62
N SER C 196 10.71 -19.63 35.79
CA SER C 196 11.87 -18.98 36.39
C SER C 196 11.94 -19.40 37.86
N ASP C 197 13.12 -19.80 38.32
CA ASP C 197 13.33 -20.08 39.74
C ASP C 197 12.31 -21.10 40.26
N CYS C 198 12.15 -22.21 39.54
CA CYS C 198 11.38 -23.35 40.05
C CYS C 198 12.34 -24.52 40.17
N GLN C 199 12.05 -25.47 41.06
CA GLN C 199 12.97 -26.61 41.25
C GLN C 199 12.80 -27.61 40.14
N ILE C 200 11.55 -27.96 39.87
CA ILE C 200 11.19 -28.96 38.85
C ILE C 200 10.04 -28.36 38.05
N CYS C 201 10.28 -28.00 36.79
CA CYS C 201 9.22 -27.41 35.96
C CYS C 201 8.15 -28.43 35.65
N PHE C 202 8.57 -29.62 35.18
CA PHE C 202 7.64 -30.69 34.75
C PHE C 202 7.89 -31.97 35.57
N ASN C 203 6.99 -32.25 36.51
CA ASN C 203 7.02 -33.50 37.27
C ASN C 203 6.19 -34.46 36.43
N VAL C 204 6.88 -35.29 35.65
CA VAL C 204 6.24 -36.12 34.62
C VAL C 204 5.94 -37.54 35.06
N VAL C 205 4.67 -37.91 35.05
CA VAL C 205 4.30 -39.31 35.20
C VAL C 205 3.49 -39.75 33.99
N GLY C 206 2.26 -39.25 33.83
CA GLY C 206 1.42 -39.66 32.69
C GLY C 206 2.07 -39.54 31.33
N GLY C 207 1.71 -40.43 30.42
CA GLY C 207 2.39 -40.51 29.12
C GLY C 207 1.80 -39.62 28.05
N ASN C 208 2.56 -39.44 26.97
CA ASN C 208 2.08 -38.84 25.71
C ASN C 208 1.76 -37.33 25.72
N TRP C 209 2.35 -36.55 26.60
CA TRP C 209 2.21 -35.09 26.51
C TRP C 209 3.11 -34.48 25.45
N THR C 210 2.62 -33.42 24.84
CA THR C 210 3.42 -32.55 23.99
C THR C 210 3.85 -31.37 24.84
N ARG C 211 5.16 -31.17 24.95
CA ARG C 211 5.73 -30.04 25.65
C ARG C 211 6.65 -29.28 24.72
N SER C 212 6.15 -28.17 24.19
CA SER C 212 6.82 -27.44 23.10
C SER C 212 7.00 -25.95 23.31
N GLY C 213 8.17 -25.43 23.00
CA GLY C 213 8.41 -24.00 23.02
C GLY C 213 8.28 -23.34 24.39
N ASN C 214 8.64 -24.08 25.43
CA ASN C 214 8.64 -23.55 26.78
C ASN C 214 10.04 -23.05 27.10
N VAL C 215 10.13 -22.02 27.95
CA VAL C 215 11.42 -21.45 28.32
C VAL C 215 11.59 -21.63 29.83
N ALA C 216 12.73 -22.19 30.23
CA ALA C 216 13.09 -22.32 31.65
C ALA C 216 14.46 -21.68 31.88
N SER C 217 14.57 -20.85 32.90
CA SER C 217 15.90 -20.36 33.30
C SER C 217 15.96 -20.33 34.81
N ASN C 218 17.18 -20.54 35.35
CA ASN C 218 17.42 -20.73 36.79
C ASN C 218 16.45 -21.69 37.51
N CYS C 219 16.11 -22.77 36.82
CA CYS C 219 15.40 -23.90 37.38
C CYS C 219 16.35 -25.09 37.35
N ARG C 220 16.48 -25.77 38.50
CA ARG C 220 17.38 -26.94 38.61
C ARG C 220 17.02 -28.03 37.64
N CYS C 221 15.71 -28.27 37.49
CA CYS C 221 15.21 -29.35 36.68
C CYS C 221 14.04 -28.86 35.83
N MET C 222 14.07 -29.09 34.53
CA MET C 222 12.90 -28.83 33.67
C MET C 222 12.01 -30.06 33.50
N TYR C 223 12.64 -31.24 33.35
CA TYR C 223 11.96 -32.49 33.16
C TYR C 223 12.48 -33.54 34.14
N LEU C 224 11.56 -34.14 34.89
CA LEU C 224 11.87 -35.25 35.80
C LEU C 224 10.92 -36.40 35.56
N HIS C 225 11.48 -37.56 35.23
CA HIS C 225 10.76 -38.82 35.32
C HIS C 225 11.58 -39.94 35.95
N THR C 226 10.99 -40.60 36.93
CA THR C 226 11.56 -41.80 37.52
C THR C 226 10.49 -42.61 38.23
N GLN C 227 10.90 -43.68 38.91
CA GLN C 227 9.95 -44.50 39.70
C GLN C 227 9.81 -43.88 41.07
N GLY C 228 8.69 -44.19 41.72
CA GLY C 228 8.47 -43.75 43.09
C GLY C 228 8.53 -42.23 43.17
N MET C 229 7.72 -41.58 42.35
CA MET C 229 7.64 -40.11 42.33
C MET C 229 6.53 -39.60 43.23
N TRP C 230 6.58 -38.30 43.49
CA TRP C 230 5.45 -37.54 44.04
C TRP C 230 4.40 -37.35 42.94
N TYR C 231 3.13 -37.20 43.32
CA TYR C 231 2.09 -36.79 42.39
C TYR C 231 1.80 -37.80 41.26
N GLU C 232 1.80 -39.09 41.62
CA GLU C 232 1.48 -40.17 40.69
C GLU C 232 -0.03 -40.31 40.56
N GLY C 233 -0.73 -40.07 41.66
CA GLY C 233 -2.19 -40.07 41.67
C GLY C 233 -2.75 -41.46 41.81
N ALA C 234 -4.07 -41.58 41.80
CA ALA C 234 -4.73 -42.85 41.96
C ALA C 234 -4.30 -43.86 40.89
N ALA C 235 -4.06 -43.40 39.68
CA ALA C 235 -3.65 -44.28 38.59
C ALA C 235 -2.18 -44.79 38.66
N GLY C 236 -1.37 -44.21 39.53
CA GLY C 236 0.01 -44.69 39.75
C GLY C 236 0.98 -44.39 38.59
N ASN C 237 2.17 -44.98 38.65
CA ASN C 237 3.23 -44.69 37.67
C ASN C 237 3.04 -45.58 36.45
N PHE C 238 2.06 -45.24 35.61
CA PHE C 238 1.51 -46.07 34.56
C PHE C 238 1.66 -45.44 33.15
N ASN C 239 1.97 -46.29 32.16
CA ASN C 239 2.24 -45.90 30.75
C ASN C 239 2.97 -44.56 30.63
N PRO C 240 4.11 -44.42 31.31
CA PRO C 240 4.61 -43.08 31.57
C PRO C 240 5.46 -42.47 30.47
N ALA C 241 5.57 -41.14 30.52
CA ALA C 241 6.46 -40.33 29.68
C ALA C 241 6.30 -40.65 28.16
N HIS C 242 7.38 -40.91 27.44
CA HIS C 242 7.33 -41.24 25.99
C HIS C 242 6.49 -40.28 25.10
N GLY C 243 6.47 -39.00 25.50
CA GLY C 243 5.75 -37.95 24.79
C GLY C 243 6.65 -37.21 23.79
N SER C 244 6.47 -35.89 23.70
CA SER C 244 7.21 -35.01 22.77
C SER C 244 7.81 -33.83 23.56
N PHE C 245 9.11 -33.64 23.48
CA PHE C 245 9.76 -32.53 24.16
C PHE C 245 10.62 -31.78 23.14
N THR C 246 10.01 -30.76 22.53
CA THR C 246 10.61 -30.02 21.41
C THR C 246 10.73 -28.52 21.64
N SER C 247 11.75 -27.92 21.07
CA SER C 247 11.87 -26.44 20.99
C SER C 247 11.86 -25.72 22.35
N ASN C 248 12.28 -26.43 23.41
CA ASN C 248 12.31 -25.89 24.76
C ASN C 248 13.72 -25.44 25.06
N THR C 249 13.85 -24.56 26.04
CA THR C 249 15.15 -24.08 26.50
C THR C 249 15.20 -24.34 28.03
N LEU C 250 16.26 -24.99 28.49
CA LEU C 250 16.51 -25.25 29.90
C LEU C 250 17.92 -24.74 30.23
N ASN C 251 18.00 -23.48 30.70
CA ASN C 251 19.28 -22.78 30.90
C ASN C 251 19.56 -22.46 32.35
N HIS C 252 20.84 -22.51 32.71
CA HIS C 252 21.29 -22.23 34.06
C HIS C 252 20.64 -23.14 35.11
N CYS C 253 20.56 -24.42 34.76
CA CYS C 253 20.02 -25.43 35.65
C CYS C 253 21.00 -25.76 36.79
N ASP C 254 22.22 -26.14 36.47
CA ASP C 254 23.21 -26.54 37.49
C ASP C 254 24.32 -25.51 37.80
N TYR C 255 24.29 -24.38 37.11
CA TYR C 255 25.35 -23.37 37.25
C TYR C 255 24.86 -22.04 36.68
N GLY C 256 25.27 -20.98 37.36
CA GLY C 256 25.09 -19.61 36.88
C GLY C 256 23.71 -18.99 37.06
N GLY C 257 22.97 -19.42 38.07
CA GLY C 257 21.72 -18.77 38.40
C GLY C 257 20.76 -19.52 39.30
N ASN C 258 20.52 -20.80 39.02
CA ASN C 258 19.57 -21.59 39.82
C ASN C 258 19.95 -21.54 41.29
N LEU C 259 18.96 -21.40 42.16
CA LEU C 259 19.20 -21.40 43.61
C LEU C 259 18.62 -22.60 44.36
N TRP C 260 17.81 -23.44 43.69
CA TRP C 260 17.23 -24.59 44.36
C TRP C 260 18.28 -25.71 44.48
N PRO C 261 18.28 -26.45 45.61
CA PRO C 261 19.30 -27.50 45.78
C PRO C 261 19.16 -28.65 44.79
N THR C 262 20.29 -29.31 44.54
CA THR C 262 20.33 -30.49 43.68
C THR C 262 19.65 -31.71 44.36
N GLU C 263 19.89 -31.89 45.66
CA GLU C 263 19.37 -33.03 46.42
C GLU C 263 17.86 -32.87 46.60
N PHE C 264 17.09 -33.90 46.26
CA PHE C 264 15.64 -33.80 46.27
C PHE C 264 15.02 -35.06 46.88
N GLN C 265 14.16 -34.84 47.88
CA GLN C 265 13.57 -35.94 48.63
C GLN C 265 12.34 -36.43 47.84
N LEU C 266 12.44 -37.65 47.31
CA LEU C 266 11.28 -38.40 46.83
C LEU C 266 10.61 -39.07 48.05
N PRO C 267 9.45 -39.75 47.84
CA PRO C 267 8.82 -40.36 49.02
C PRO C 267 9.68 -41.39 49.78
N ASP C 268 10.53 -42.14 49.07
CA ASP C 268 11.31 -43.23 49.68
C ASP C 268 12.81 -43.20 49.43
N ARG C 269 13.32 -42.16 48.79
CA ARG C 269 14.78 -42.00 48.58
C ARG C 269 15.10 -40.58 48.19
N VAL C 270 16.39 -40.27 48.17
CA VAL C 270 16.87 -38.97 47.74
C VAL C 270 17.55 -39.14 46.39
N ILE C 271 17.29 -38.20 45.47
CA ILE C 271 17.98 -38.15 44.16
C ILE C 271 18.76 -36.85 44.01
N ASN C 272 19.60 -36.80 42.98
CA ASN C 272 20.32 -35.59 42.60
C ASN C 272 19.84 -35.15 41.24
N LEU C 273 19.08 -34.05 41.25
CA LEU C 273 18.40 -33.54 40.07
C LEU C 273 19.39 -33.07 39.02
N ALA C 274 18.90 -33.07 37.77
CA ALA C 274 19.58 -32.51 36.63
C ALA C 274 18.51 -31.83 35.78
N GLY C 275 18.94 -30.98 34.85
CA GLY C 275 18.01 -30.24 33.99
C GLY C 275 16.98 -31.12 33.32
N PHE C 276 17.49 -32.26 32.85
CA PHE C 276 16.70 -33.36 32.34
C PHE C 276 17.18 -34.63 33.03
N TYR C 277 16.28 -35.26 33.80
CA TYR C 277 16.58 -36.45 34.61
C TYR C 277 15.56 -37.57 34.27
N PHE C 278 16.08 -38.73 33.81
CA PHE C 278 15.22 -39.86 33.48
C PHE C 278 15.82 -41.15 34.08
N ASP C 279 14.99 -41.92 34.79
CA ASP C 279 15.42 -43.16 35.44
C ASP C 279 14.26 -44.09 35.69
N ASN C 280 13.90 -44.83 34.65
CA ASN C 280 12.83 -45.84 34.75
C ASN C 280 13.05 -46.87 33.67
N ALA C 281 13.66 -47.99 34.07
CA ALA C 281 13.85 -49.16 33.21
C ALA C 281 12.58 -49.63 32.53
N ALA C 282 11.42 -49.30 33.09
CA ALA C 282 10.15 -49.73 32.50
C ALA C 282 9.48 -48.68 31.62
N ALA C 283 10.21 -47.62 31.27
CA ALA C 283 9.63 -46.50 30.54
C ALA C 283 10.53 -46.02 29.41
N ARG C 284 9.90 -45.43 28.39
CA ARG C 284 10.60 -44.81 27.27
C ARG C 284 10.64 -43.28 27.38
N LEU C 285 11.79 -42.74 26.98
CA LEU C 285 12.02 -41.31 26.87
C LEU C 285 11.11 -40.66 25.81
N PRO C 286 10.84 -39.35 25.97
CA PRO C 286 10.09 -38.66 24.93
C PRO C 286 10.95 -38.46 23.70
N ASN C 287 10.32 -38.01 22.63
CA ASN C 287 11.06 -37.50 21.46
C ASN C 287 11.74 -36.18 21.89
N PHE C 288 12.97 -35.96 21.46
CA PHE C 288 13.75 -34.86 21.99
C PHE C 288 14.46 -34.17 20.83
N SER C 289 13.87 -33.06 20.36
CA SER C 289 14.38 -32.31 19.20
C SER C 289 14.27 -30.78 19.35
N GLY C 290 15.33 -30.06 19.00
CA GLY C 290 15.25 -28.60 18.89
C GLY C 290 15.38 -27.85 20.20
N ASN C 291 15.96 -28.52 21.22
CA ASN C 291 16.07 -27.96 22.56
C ASN C 291 17.43 -27.30 22.79
N SER C 292 17.46 -26.25 23.59
CA SER C 292 18.70 -25.58 23.94
C SER C 292 19.06 -25.88 25.39
N GLN C 293 20.32 -26.26 25.61
CA GLN C 293 20.86 -26.56 26.93
C GLN C 293 22.16 -25.79 27.18
N TRP C 294 22.05 -24.66 27.87
CA TRP C 294 23.19 -23.83 28.26
C TRP C 294 23.20 -24.00 29.75
N TYR C 295 24.15 -24.79 30.25
CA TYR C 295 24.06 -25.38 31.58
C TYR C 295 22.71 -26.15 31.82
N GLY C 296 22.32 -26.94 30.83
CA GLY C 296 21.25 -27.90 30.98
C GLY C 296 21.79 -29.30 31.13
N ASP C 297 22.27 -29.64 32.34
CA ASP C 297 22.78 -31.01 32.58
C ASP C 297 21.67 -32.08 32.41
N MET C 298 22.09 -33.25 31.97
CA MET C 298 21.18 -34.34 31.63
C MET C 298 21.78 -35.66 32.12
N LYS C 299 20.91 -36.51 32.68
CA LYS C 299 21.29 -37.82 33.20
C LYS C 299 20.29 -38.83 32.68
N LEU C 300 20.70 -39.65 31.73
CA LEU C 300 19.85 -40.71 31.23
C LEU C 300 20.29 -41.99 31.95
N ILE C 301 19.65 -42.25 33.09
CA ILE C 301 20.12 -43.24 34.03
C ILE C 301 19.64 -44.63 33.64
N ASN C 302 18.39 -44.75 33.21
CA ASN C 302 17.85 -46.04 32.85
C ASN C 302 16.54 -45.90 32.06
N PHE C 303 16.35 -46.76 31.06
CA PHE C 303 15.14 -46.70 30.26
C PHE C 303 14.90 -48.04 29.58
N LEU C 304 13.73 -48.20 28.98
CA LEU C 304 13.31 -49.48 28.40
C LEU C 304 14.23 -49.88 27.23
N PRO C 305 14.87 -51.10 27.30
CA PRO C 305 15.87 -51.55 26.30
C PRO C 305 15.37 -51.53 24.86
N ASP C 306 14.08 -51.80 24.63
CA ASP C 306 13.53 -51.77 23.27
C ASP C 306 13.24 -50.32 22.82
N SER C 307 14.29 -49.54 22.67
CA SER C 307 14.20 -48.17 22.22
C SER C 307 15.57 -47.62 21.89
N THR C 308 15.57 -46.51 21.17
CA THR C 308 16.75 -45.66 21.05
C THR C 308 16.32 -44.32 21.53
N PHE C 309 17.28 -43.41 21.69
CA PHE C 309 17.02 -42.05 22.12
C PHE C 309 17.96 -41.18 21.33
N VAL C 310 17.45 -40.09 20.77
CA VAL C 310 18.29 -39.11 20.11
C VAL C 310 18.17 -37.74 20.75
N ILE C 311 19.31 -37.13 21.05
CA ILE C 311 19.35 -35.68 21.25
C ILE C 311 19.47 -35.08 19.84
N ASN C 312 18.32 -34.64 19.31
CA ASN C 312 18.26 -34.14 17.93
C ASN C 312 18.22 -32.63 17.83
N GLY C 313 19.07 -32.09 16.96
CA GLY C 313 19.01 -30.68 16.61
C GLY C 313 19.02 -29.76 17.80
N GLY C 314 19.96 -30.01 18.72
CA GLY C 314 20.02 -29.30 19.98
C GLY C 314 21.15 -28.32 20.00
N ALA C 315 21.13 -27.39 20.96
CA ALA C 315 22.33 -26.61 21.28
C ALA C 315 22.77 -26.96 22.69
N LEU C 316 24.04 -27.32 22.83
CA LEU C 316 24.60 -27.91 24.05
C LEU C 316 25.84 -27.14 24.44
N TYR C 317 25.70 -26.28 25.45
CA TYR C 317 26.79 -25.39 25.84
C TYR C 317 27.01 -25.55 27.32
N GLY C 318 28.27 -25.76 27.71
CA GLY C 318 28.66 -26.07 29.08
C GLY C 318 30.06 -25.60 29.40
N GLY C 319 30.48 -25.74 30.67
CA GLY C 319 31.78 -25.28 31.12
C GLY C 319 31.77 -23.80 31.47
N PRO C 320 32.72 -23.30 32.28
CA PRO C 320 33.86 -24.06 32.81
C PRO C 320 33.51 -25.10 33.88
N GLY C 321 34.43 -26.01 34.15
CA GLY C 321 34.18 -27.08 35.12
C GLY C 321 33.20 -28.11 34.60
N ASP C 322 32.77 -28.99 35.50
CA ASP C 322 31.80 -30.04 35.17
C ASP C 322 30.40 -29.46 35.26
N THR C 323 30.09 -28.53 34.36
CA THR C 323 28.84 -27.78 34.40
C THR C 323 28.10 -28.01 33.08
N GLY C 324 26.83 -28.42 33.18
CA GLY C 324 25.99 -28.72 32.03
C GLY C 324 26.22 -30.07 31.38
N VAL C 325 26.64 -31.05 32.18
CA VAL C 325 27.11 -32.32 31.65
C VAL C 325 25.95 -33.18 31.15
N ILE C 326 26.13 -33.81 29.99
CA ILE C 326 25.20 -34.80 29.47
C ILE C 326 25.87 -36.15 29.69
N ALA C 327 25.13 -37.09 30.31
CA ALA C 327 25.66 -38.40 30.66
C ALA C 327 24.60 -39.50 30.58
N VAL C 328 25.02 -40.65 30.06
CA VAL C 328 24.17 -41.80 29.83
C VAL C 328 24.81 -43.00 30.55
N ALA C 329 23.97 -43.88 31.11
CA ALA C 329 24.45 -45.12 31.69
C ALA C 329 25.22 -45.88 30.63
N THR C 330 26.41 -46.34 31.00
CA THR C 330 27.28 -47.10 30.11
C THR C 330 26.55 -48.23 29.42
N ALA C 331 25.72 -48.95 30.17
CA ALA C 331 25.05 -50.13 29.64
C ALA C 331 24.07 -49.82 28.51
N LEU C 332 23.54 -48.60 28.45
CA LEU C 332 22.58 -48.20 27.41
C LEU C 332 23.17 -47.23 26.38
N ALA C 333 24.46 -46.89 26.53
CA ALA C 333 25.07 -45.81 25.75
C ALA C 333 25.05 -46.01 24.25
N ALA C 334 25.08 -47.28 23.82
CA ALA C 334 25.00 -47.61 22.42
C ALA C 334 23.61 -47.36 21.80
N LYS C 335 22.58 -47.24 22.64
CA LYS C 335 21.22 -46.92 22.16
C LYS C 335 20.94 -45.41 22.11
N VAL C 336 21.92 -44.57 22.43
CA VAL C 336 21.73 -43.11 22.45
C VAL C 336 22.61 -42.42 21.39
N PHE C 337 21.99 -41.47 20.68
CA PHE C 337 22.67 -40.74 19.59
C PHE C 337 22.55 -39.25 19.84
N VAL C 338 23.56 -38.49 19.42
CA VAL C 338 23.52 -37.03 19.41
C VAL C 338 23.62 -36.58 17.96
N ILE C 339 22.52 -36.10 17.38
CA ILE C 339 22.40 -35.88 15.94
C ILE C 339 22.02 -34.43 15.64
N GLY C 340 22.84 -33.79 14.80
CA GLY C 340 22.58 -32.43 14.31
C GLY C 340 22.70 -31.35 15.36
N CYS C 341 23.59 -31.55 16.35
CA CYS C 341 23.69 -30.67 17.49
C CYS C 341 24.87 -29.74 17.32
N GLN C 342 24.74 -28.53 17.90
CA GLN C 342 25.80 -27.53 17.99
C GLN C 342 26.16 -27.36 19.45
N GLY C 343 27.34 -26.82 19.67
CA GLY C 343 27.85 -26.65 21.03
C GLY C 343 29.26 -26.13 21.10
N ASN C 344 29.74 -25.94 22.34
CA ASN C 344 31.10 -25.43 22.57
C ASN C 344 32.08 -26.51 23.05
N ALA C 345 33.34 -26.13 23.20
CA ALA C 345 34.40 -26.96 23.78
C ALA C 345 34.04 -27.48 25.17
N GLY C 346 33.45 -26.60 25.98
CA GLY C 346 33.14 -26.88 27.37
C GLY C 346 32.05 -27.88 27.65
N GLN C 347 31.21 -28.16 26.64
CA GLN C 347 30.12 -29.12 26.79
C GLN C 347 30.68 -30.54 26.82
N GLN C 348 30.39 -31.27 27.90
CA GLN C 348 30.82 -32.68 28.04
C GLN C 348 29.70 -33.63 27.71
N ILE C 349 30.01 -34.68 26.95
CA ILE C 349 29.06 -35.74 26.63
C ILE C 349 29.68 -37.06 27.11
N VAL C 350 29.10 -37.68 28.14
CA VAL C 350 29.73 -38.81 28.81
C VAL C 350 29.07 -40.14 28.42
N ASN C 351 29.91 -41.06 27.94
CA ASN C 351 29.59 -42.47 27.63
C ASN C 351 28.90 -42.75 26.32
N VAL C 352 28.23 -41.76 25.70
CA VAL C 352 27.73 -41.92 24.32
C VAL C 352 28.89 -42.24 23.39
N PRO C 353 28.81 -43.29 22.55
CA PRO C 353 29.97 -43.57 21.69
C PRO C 353 30.21 -42.50 20.62
N ALA C 354 31.46 -42.28 20.26
CA ALA C 354 31.81 -41.24 19.26
C ALA C 354 31.08 -41.43 17.92
N ALA C 355 30.86 -42.68 17.52
CA ALA C 355 30.18 -43.01 16.27
C ALA C 355 28.68 -42.67 16.27
N ASN C 356 28.09 -42.50 17.47
CA ASN C 356 26.69 -42.09 17.63
C ASN C 356 26.51 -40.56 17.65
N ILE C 357 27.61 -39.81 17.56
CA ILE C 357 27.59 -38.34 17.62
C ILE C 357 27.94 -37.72 16.25
N ILE C 358 26.91 -37.25 15.55
CA ILE C 358 27.02 -36.80 14.14
C ILE C 358 26.27 -35.48 13.99
N PRO C 359 26.95 -34.36 13.79
CA PRO C 359 28.42 -34.21 13.80
C PRO C 359 28.98 -34.12 15.19
N GLU C 360 30.31 -34.14 15.23
CA GLU C 360 31.04 -34.04 16.48
C GLU C 360 30.61 -32.77 17.19
N VAL C 361 30.38 -32.86 18.49
CA VAL C 361 30.01 -31.70 19.28
C VAL C 361 30.52 -31.81 20.70
N GLY C 362 31.13 -30.74 21.18
CA GLY C 362 31.62 -30.69 22.53
C GLY C 362 32.84 -31.56 22.74
N THR C 363 32.96 -32.10 23.96
CA THR C 363 34.06 -32.96 24.39
C THR C 363 33.48 -34.24 24.96
N ARG C 364 33.84 -35.34 24.31
CA ARG C 364 33.35 -36.65 24.61
C ARG C 364 34.31 -37.33 25.60
N LYS C 365 33.73 -38.10 26.53
CA LYS C 365 34.53 -38.98 27.38
C LYS C 365 33.72 -40.15 27.96
N ASP C 366 34.48 -41.11 28.50
CA ASP C 366 33.93 -42.28 29.15
C ASP C 366 34.20 -42.23 30.65
N ASP C 367 33.16 -42.48 31.43
CA ASP C 367 33.26 -42.51 32.88
C ASP C 367 32.05 -43.31 33.35
N ALA C 368 32.33 -44.55 33.76
CA ALA C 368 31.32 -45.48 34.22
C ALA C 368 30.76 -45.11 35.60
N THR C 369 31.33 -44.12 36.28
CA THR C 369 30.66 -43.59 37.49
C THR C 369 29.53 -42.59 37.15
N GLN C 370 29.35 -42.24 35.88
CA GLN C 370 28.31 -41.29 35.50
C GLN C 370 27.28 -41.96 34.62
N PRO C 371 26.00 -41.64 34.78
CA PRO C 371 25.48 -40.68 35.75
C PRO C 371 25.10 -41.34 37.08
N ALA C 372 25.28 -40.62 38.18
CA ALA C 372 24.74 -41.07 39.48
C ALA C 372 23.29 -40.63 39.60
N ALA C 373 22.53 -41.38 40.38
CA ALA C 373 21.13 -41.10 40.58
C ALA C 373 21.00 -39.88 41.48
N GLY D 29 -32.96 8.70 -12.59
CA GLY D 29 -32.10 7.60 -12.04
C GLY D 29 -31.26 8.05 -10.85
N THR D 30 -31.66 7.62 -9.65
CA THR D 30 -30.77 7.60 -8.46
C THR D 30 -30.46 6.16 -8.11
N LEU D 31 -29.26 5.74 -8.45
CA LEU D 31 -28.84 4.35 -8.28
C LEU D 31 -28.25 4.17 -6.88
N LEU D 32 -28.80 3.22 -6.14
CA LEU D 32 -28.35 2.91 -4.78
C LEU D 32 -27.33 1.78 -4.81
N PRO D 33 -26.47 1.69 -3.78
CA PRO D 33 -25.65 0.48 -3.64
C PRO D 33 -26.49 -0.79 -3.63
N GLY D 34 -26.04 -1.84 -4.30
CA GLY D 34 -26.77 -3.08 -4.38
C GLY D 34 -27.73 -3.21 -5.55
N GLN D 35 -28.23 -2.10 -6.08
CA GLN D 35 -29.08 -2.16 -7.28
C GLN D 35 -28.24 -2.50 -8.55
N SER D 36 -28.94 -2.95 -9.60
CA SER D 36 -28.29 -3.38 -10.82
C SER D 36 -27.87 -2.14 -11.58
N PRO D 37 -26.53 -1.92 -11.73
CA PRO D 37 -26.11 -0.76 -12.52
C PRO D 37 -26.56 -0.86 -13.97
N ASP D 38 -26.45 -2.06 -14.54
CA ASP D 38 -26.72 -2.26 -15.96
C ASP D 38 -28.12 -1.81 -16.33
N GLU D 39 -29.10 -2.22 -15.53
CA GLU D 39 -30.50 -1.85 -15.80
C GLU D 39 -30.72 -0.35 -15.66
N ALA D 40 -30.04 0.28 -14.70
CA ALA D 40 -30.14 1.74 -14.48
C ALA D 40 -29.62 2.52 -15.68
N PHE D 41 -28.48 2.10 -16.21
CA PHE D 41 -27.88 2.78 -17.35
C PHE D 41 -28.72 2.60 -18.61
N ALA D 42 -29.36 1.45 -18.77
CA ALA D 42 -30.21 1.20 -19.94
C ALA D 42 -31.52 2.00 -19.94
N ARG D 43 -32.01 2.37 -18.77
CA ARG D 43 -33.31 3.08 -18.63
C ARG D 43 -33.23 4.58 -18.44
N ASN D 44 -32.04 5.14 -18.21
CA ASN D 44 -31.84 6.58 -18.05
C ASN D 44 -30.65 7.07 -18.87
N SER D 45 -30.76 8.27 -19.40
CA SER D 45 -29.63 8.94 -20.07
C SER D 45 -28.63 9.54 -19.05
N VAL D 46 -29.12 9.88 -17.86
CA VAL D 46 -28.30 10.40 -16.78
C VAL D 46 -28.65 9.69 -15.48
N VAL D 47 -27.61 9.35 -14.72
CA VAL D 47 -27.72 8.65 -13.43
C VAL D 47 -26.87 9.40 -12.42
N PHE D 48 -27.46 9.59 -11.24
CA PHE D 48 -26.82 10.20 -10.07
C PHE D 48 -26.59 9.15 -8.97
N LEU D 49 -25.38 9.08 -8.44
CA LEU D 49 -25.08 8.15 -7.38
C LEU D 49 -25.40 8.76 -6.02
N VAL D 50 -25.52 7.89 -5.00
CA VAL D 50 -25.72 8.35 -3.62
C VAL D 50 -24.43 9.02 -3.15
N PRO D 51 -24.51 10.29 -2.71
CA PRO D 51 -23.26 10.99 -2.41
C PRO D 51 -22.43 10.28 -1.35
N GLY D 52 -21.14 10.11 -1.61
CA GLY D 52 -20.22 9.48 -0.66
C GLY D 52 -20.31 7.97 -0.47
N ALA D 53 -21.28 7.31 -1.12
CA ALA D 53 -21.56 5.89 -0.86
C ALA D 53 -20.59 4.92 -1.55
N GLU D 54 -20.42 3.73 -0.96
CA GLU D 54 -19.56 2.68 -1.53
C GLU D 54 -20.41 1.77 -2.38
N TYR D 55 -19.95 1.47 -3.60
CA TYR D 55 -20.63 0.54 -4.52
C TYR D 55 -19.72 -0.65 -4.79
N ASN D 56 -20.30 -1.77 -5.23
CA ASN D 56 -19.48 -2.90 -5.68
C ASN D 56 -20.01 -3.42 -7.01
N TRP D 57 -19.32 -3.06 -8.08
CA TRP D 57 -19.73 -3.39 -9.44
C TRP D 57 -18.72 -4.32 -10.11
N LYS D 58 -19.22 -5.19 -10.98
CA LYS D 58 -18.37 -6.14 -11.74
C LYS D 58 -18.94 -6.39 -13.14
N ASN D 59 -18.11 -6.22 -14.17
CA ASN D 59 -18.51 -6.40 -15.57
C ASN D 59 -19.87 -5.76 -15.94
N VAL D 60 -20.00 -4.49 -15.60
CA VAL D 60 -21.16 -3.69 -15.94
C VAL D 60 -21.08 -3.35 -17.41
N VAL D 61 -22.21 -3.30 -18.09
CA VAL D 61 -22.22 -3.03 -19.53
C VAL D 61 -23.05 -1.79 -19.85
N ILE D 62 -22.42 -0.87 -20.60
CA ILE D 62 -23.07 0.32 -21.12
C ILE D 62 -23.17 0.14 -22.62
N ARG D 63 -24.41 0.11 -23.13
CA ARG D 63 -24.68 -0.08 -24.57
C ARG D 63 -25.14 1.17 -25.32
N LYS D 64 -25.58 2.21 -24.59
CA LYS D 64 -26.10 3.48 -25.16
C LYS D 64 -25.46 4.57 -24.34
N PRO D 65 -25.31 5.79 -24.89
CA PRO D 65 -24.64 6.81 -24.11
C PRO D 65 -25.33 7.11 -22.78
N VAL D 66 -24.55 7.42 -21.76
CA VAL D 66 -25.09 7.70 -20.43
C VAL D 66 -24.12 8.57 -19.70
N TRP D 67 -24.66 9.43 -18.81
CA TRP D 67 -23.84 10.25 -17.89
C TRP D 67 -23.99 9.74 -16.47
N ILE D 68 -22.86 9.65 -15.78
CA ILE D 68 -22.82 9.28 -14.38
C ILE D 68 -22.31 10.45 -13.55
N TYR D 69 -23.16 10.94 -12.66
CA TYR D 69 -22.79 11.93 -11.66
C TYR D 69 -22.45 11.20 -10.35
N GLY D 70 -21.15 11.09 -10.11
CA GLY D 70 -20.62 10.24 -9.08
C GLY D 70 -20.80 10.74 -7.67
N ASN D 71 -20.87 12.05 -7.50
CA ASN D 71 -21.17 12.67 -6.21
C ASN D 71 -20.23 12.25 -5.05
N GLY D 72 -18.95 12.06 -5.37
CA GLY D 72 -17.95 11.58 -4.41
C GLY D 72 -18.11 10.13 -3.94
N ALA D 73 -18.88 9.33 -4.67
CA ALA D 73 -19.01 7.91 -4.37
C ALA D 73 -17.72 7.15 -4.75
N THR D 74 -17.70 5.89 -4.36
CA THR D 74 -16.57 5.00 -4.58
C THR D 74 -17.13 3.69 -5.09
N VAL D 75 -16.46 3.12 -6.08
CA VAL D 75 -16.85 1.84 -6.71
C VAL D 75 -15.69 0.87 -6.54
N LYS D 76 -15.95 -0.19 -5.75
CA LYS D 76 -15.06 -1.34 -5.61
C LYS D 76 -15.53 -2.42 -6.56
N THR D 77 -14.76 -3.50 -6.62
CA THR D 77 -15.04 -4.60 -7.53
C THR D 77 -14.46 -5.94 -7.05
N SER D 78 -14.67 -7.00 -7.82
CA SER D 78 -14.02 -8.32 -7.56
C SER D 78 -13.89 -9.12 -8.86
N GLY D 79 -13.03 -10.15 -8.84
CA GLY D 79 -12.84 -11.08 -9.99
C GLY D 79 -12.17 -10.46 -11.21
N LEU D 80 -12.33 -11.08 -12.37
CA LEU D 80 -11.79 -10.51 -13.61
C LEU D 80 -12.61 -9.30 -14.03
N GLY D 81 -11.90 -8.23 -14.40
CA GLY D 81 -12.51 -6.96 -14.78
C GLY D 81 -12.79 -7.00 -16.25
N PRO D 82 -13.17 -5.90 -16.87
CA PRO D 82 -13.20 -4.56 -16.27
C PRO D 82 -14.43 -4.32 -15.41
N ILE D 83 -14.40 -3.23 -14.65
CA ILE D 83 -15.55 -2.82 -13.84
C ILE D 83 -16.74 -2.40 -14.73
N ILE D 84 -16.46 -1.57 -15.75
CA ILE D 84 -17.47 -1.18 -16.74
C ILE D 84 -16.93 -1.42 -18.16
N HIS D 85 -17.75 -2.08 -18.96
CA HIS D 85 -17.51 -2.34 -20.38
C HIS D 85 -18.42 -1.38 -21.14
N ILE D 86 -17.83 -0.43 -21.87
CA ILE D 86 -18.60 0.62 -22.53
C ILE D 86 -18.57 0.46 -24.04
N MET D 87 -19.73 0.11 -24.62
CA MET D 87 -19.87 -0.08 -26.09
C MET D 87 -20.20 1.24 -26.77
N GLY D 88 -19.20 1.85 -27.42
CA GLY D 88 -19.36 3.18 -28.02
C GLY D 88 -20.06 3.21 -29.38
N ASP D 89 -20.72 4.34 -29.65
CA ASP D 89 -21.34 4.65 -30.96
C ASP D 89 -20.80 6.04 -31.36
N LEU D 90 -19.88 6.06 -32.31
CA LEU D 90 -19.22 7.29 -32.74
C LEU D 90 -20.18 8.23 -33.52
N ASP D 91 -21.28 7.67 -34.02
CA ASP D 91 -22.30 8.44 -34.74
C ASP D 91 -23.28 9.14 -33.83
N ASN D 92 -23.42 8.68 -32.58
CA ASN D 92 -24.27 9.34 -31.60
C ASN D 92 -23.49 10.51 -31.02
N PRO D 93 -24.09 11.71 -31.02
CA PRO D 93 -23.38 12.88 -30.48
C PRO D 93 -23.37 13.00 -28.95
N MET D 94 -24.27 12.33 -28.23
CA MET D 94 -24.20 12.32 -26.76
C MET D 94 -23.01 11.46 -26.32
N ASP D 95 -22.05 12.08 -25.63
CA ASP D 95 -20.91 11.36 -25.05
C ASP D 95 -21.34 10.55 -23.84
N VAL D 96 -20.55 9.53 -23.51
CA VAL D 96 -20.61 8.91 -22.19
C VAL D 96 -19.75 9.78 -21.28
N ARG D 97 -20.31 10.14 -20.13
CA ARG D 97 -19.66 11.06 -19.23
C ARG D 97 -19.66 10.51 -17.80
N ILE D 98 -18.50 10.50 -17.17
CA ILE D 98 -18.36 10.03 -15.79
C ILE D 98 -17.65 11.10 -15.00
N GLN D 99 -18.32 11.61 -13.96
CA GLN D 99 -17.77 12.70 -13.16
C GLN D 99 -17.73 12.39 -11.67
N ASP D 100 -16.62 12.78 -11.03
CA ASP D 100 -16.59 12.82 -9.55
C ASP D 100 -16.84 11.43 -8.90
N LEU D 101 -16.28 10.39 -9.51
CA LEU D 101 -16.41 9.03 -9.05
C LEU D 101 -15.02 8.43 -8.82
N THR D 102 -14.85 7.68 -7.72
CA THR D 102 -13.60 6.93 -7.45
C THR D 102 -13.74 5.44 -7.85
N PHE D 103 -12.73 4.90 -8.52
CA PHE D 103 -12.74 3.47 -8.89
C PHE D 103 -11.59 2.77 -8.15
N ILE D 104 -11.92 1.68 -7.45
CA ILE D 104 -10.92 0.94 -6.63
C ILE D 104 -10.75 -0.47 -7.14
N GLY D 105 -9.55 -0.79 -7.60
CA GLY D 105 -9.21 -2.12 -8.09
C GLY D 105 -8.60 -3.07 -7.08
N GLY D 106 -8.34 -2.59 -5.87
CA GLY D 106 -7.76 -3.42 -4.83
C GLY D 106 -7.31 -2.55 -3.68
N ASP D 107 -6.81 -3.19 -2.63
CA ASP D 107 -6.33 -2.49 -1.43
C ASP D 107 -4.94 -1.90 -1.69
N SER D 108 -4.15 -2.57 -2.54
CA SER D 108 -2.81 -2.10 -2.94
C SER D 108 -2.27 -2.89 -4.13
N PRO D 109 -1.26 -2.34 -4.82
CA PRO D 109 -0.92 -3.03 -6.05
C PRO D 109 0.00 -4.20 -5.84
N ASP D 110 -0.10 -5.18 -6.74
CA ASP D 110 0.88 -6.27 -6.87
C ASP D 110 1.91 -5.89 -7.95
N ARG D 111 3.02 -5.30 -7.54
CA ARG D 111 3.93 -4.67 -8.50
C ARG D 111 4.96 -5.57 -9.20
N LEU D 112 5.41 -6.64 -8.56
CA LEU D 112 6.51 -7.47 -9.12
C LEU D 112 6.03 -8.68 -9.90
N VAL D 113 4.75 -9.06 -9.79
CA VAL D 113 4.25 -10.13 -10.65
C VAL D 113 4.48 -9.69 -12.12
N PRO D 114 4.96 -10.60 -13.00
CA PRO D 114 5.05 -10.26 -14.43
C PRO D 114 3.70 -9.91 -15.03
N PHE D 115 3.68 -8.83 -15.82
CA PHE D 115 2.47 -8.46 -16.51
C PHE D 115 2.12 -9.55 -17.52
N SER D 116 0.82 -9.73 -17.75
CA SER D 116 0.34 -10.81 -18.57
C SER D 116 -0.98 -10.47 -19.23
N ALA D 117 -1.32 -11.29 -20.20
CA ALA D 117 -2.60 -11.15 -20.93
C ALA D 117 -3.82 -11.18 -20.02
N VAL D 118 -3.81 -12.02 -19.01
CA VAL D 118 -4.95 -12.14 -18.07
C VAL D 118 -5.06 -10.90 -17.20
N LEU D 119 -3.91 -10.39 -16.76
CA LEU D 119 -3.86 -9.14 -15.96
C LEU D 119 -4.27 -7.87 -16.71
N THR D 120 -4.25 -7.89 -18.05
CA THR D 120 -4.73 -6.76 -18.84
C THR D 120 -6.20 -6.51 -18.62
N ASN D 121 -6.91 -7.52 -18.14
CA ASN D 121 -8.32 -7.40 -17.80
C ASN D 121 -8.63 -6.53 -16.60
N GLN D 122 -7.63 -6.26 -15.76
CA GLN D 122 -7.88 -5.57 -14.49
C GLN D 122 -7.91 -4.05 -14.67
N MET D 123 -9.05 -3.62 -15.22
CA MET D 123 -9.31 -2.25 -15.62
C MET D 123 -10.52 -1.69 -14.90
N ALA D 124 -10.58 -0.37 -14.78
CA ALA D 124 -11.80 0.30 -14.35
C ALA D 124 -12.75 0.48 -15.55
N LEU D 125 -12.25 1.13 -16.60
CA LEU D 125 -13.09 1.47 -17.75
C LEU D 125 -12.51 0.89 -19.05
N TRP D 126 -13.29 0.04 -19.71
CA TRP D 126 -12.91 -0.51 -21.03
C TRP D 126 -13.88 0.07 -22.04
N CYS D 127 -13.36 0.92 -22.93
CA CYS D 127 -14.17 1.75 -23.81
C CYS D 127 -13.89 1.41 -25.27
N ILE D 128 -14.89 0.83 -25.94
CA ILE D 128 -14.77 0.49 -27.34
C ILE D 128 -15.42 1.64 -28.13
N ASP D 129 -14.72 2.09 -29.19
CA ASP D 129 -15.15 3.18 -30.08
C ASP D 129 -15.64 4.40 -29.28
N PRO D 130 -14.73 4.99 -28.49
CA PRO D 130 -15.12 5.88 -27.44
C PRO D 130 -15.49 7.32 -27.88
N ARG D 131 -16.61 7.78 -27.35
CA ARG D 131 -16.92 9.19 -27.26
C ARG D 131 -17.16 9.37 -25.77
N ILE D 132 -16.13 9.86 -25.08
CA ILE D 132 -16.09 9.77 -23.65
C ILE D 132 -15.47 10.97 -22.97
N THR D 133 -16.05 11.33 -21.84
CA THR D 133 -15.55 12.39 -20.99
C THR D 133 -15.41 11.87 -19.57
N ILE D 134 -14.21 11.96 -19.03
CA ILE D 134 -13.91 11.49 -17.67
C ILE D 134 -13.26 12.68 -16.96
N ARG D 135 -13.93 13.18 -15.92
CA ARG D 135 -13.47 14.38 -15.21
C ARG D 135 -13.64 14.23 -13.72
N GLY D 136 -12.60 14.59 -12.97
CA GLY D 136 -12.66 14.61 -11.51
C GLY D 136 -12.82 13.25 -10.87
N CYS D 137 -12.37 12.22 -11.55
CA CYS D 137 -12.45 10.87 -11.08
C CYS D 137 -11.11 10.46 -10.49
N SER D 138 -11.14 9.38 -9.72
CA SER D 138 -9.91 8.85 -9.13
C SER D 138 -9.81 7.38 -9.40
N PHE D 139 -8.59 6.88 -9.58
CA PHE D 139 -8.35 5.49 -10.00
C PHE D 139 -7.25 4.86 -9.17
N TYR D 140 -7.60 3.83 -8.38
CA TYR D 140 -6.68 3.21 -7.41
C TYR D 140 -6.43 1.73 -7.62
N ASN D 141 -5.14 1.39 -7.69
CA ASN D 141 -4.65 0.04 -7.55
C ASN D 141 -5.17 -0.94 -8.59
N PHE D 142 -5.19 -0.52 -9.86
CA PHE D 142 -5.60 -1.42 -10.95
C PHE D 142 -4.42 -2.19 -11.46
N GLY D 143 -4.60 -3.50 -11.57
CA GLY D 143 -3.57 -4.42 -12.09
C GLY D 143 -3.28 -4.31 -13.57
N GLY D 144 -4.22 -3.79 -14.36
CA GLY D 144 -3.92 -3.42 -15.78
C GLY D 144 -4.03 -1.90 -15.98
N ALA D 145 -4.57 -1.49 -17.15
CA ALA D 145 -4.91 -0.10 -17.38
C ALA D 145 -6.19 0.29 -16.64
N ALA D 146 -6.14 1.34 -15.82
CA ALA D 146 -7.34 1.94 -15.23
C ALA D 146 -8.39 2.27 -16.31
N ILE D 147 -7.94 2.97 -17.34
CA ILE D 147 -8.76 3.38 -18.50
C ILE D 147 -8.12 2.80 -19.75
N TYR D 148 -8.88 1.99 -20.49
CA TYR D 148 -8.45 1.43 -21.78
C TYR D 148 -9.43 1.84 -22.87
N LEU D 149 -8.91 2.53 -23.90
CA LEU D 149 -9.71 3.02 -25.01
C LEU D 149 -9.26 2.28 -26.27
N GLU D 150 -10.21 1.67 -26.98
CA GLU D 150 -9.89 1.00 -28.26
C GLU D 150 -10.92 1.19 -29.35
N ARG D 151 -10.50 0.81 -30.52
CA ARG D 151 -11.22 1.02 -31.74
C ARG D 151 -11.50 -0.36 -32.39
N SER D 152 -12.76 -0.63 -32.71
CA SER D 152 -13.19 -1.95 -33.21
C SER D 152 -12.78 -2.19 -34.67
N GLU D 153 -12.40 -1.12 -35.37
CA GLU D 153 -11.88 -1.21 -36.73
C GLU D 153 -11.00 0.01 -37.02
N ARG D 154 -10.02 -0.19 -37.87
CA ARG D 154 -9.11 0.89 -38.31
C ARG D 154 -9.93 1.90 -39.08
N ASP D 155 -9.66 3.20 -38.90
CA ASP D 155 -10.57 4.26 -39.39
C ASP D 155 -10.70 4.33 -40.93
N GLY D 163 -14.37 10.73 -31.78
CA GLY D 163 -14.40 10.54 -30.35
C GLY D 163 -14.25 11.80 -29.52
N GLN D 164 -13.39 12.74 -29.98
CA GLN D 164 -13.13 13.97 -29.25
C GLN D 164 -13.00 13.68 -27.71
N VAL D 165 -12.41 12.52 -27.35
CA VAL D 165 -12.27 12.02 -25.95
C VAL D 165 -11.57 13.05 -25.04
N MET D 166 -12.04 13.21 -23.79
CA MET D 166 -11.41 14.12 -22.82
C MET D 166 -11.23 13.45 -21.45
N ILE D 167 -9.99 13.37 -20.97
CA ILE D 167 -9.74 12.90 -19.61
C ILE D 167 -8.97 13.97 -18.87
N THR D 168 -9.63 14.64 -17.90
CA THR D 168 -9.05 15.79 -17.21
C THR D 168 -9.29 15.76 -15.69
N ASP D 169 -8.38 16.35 -14.94
CA ASP D 169 -8.57 16.54 -13.49
C ASP D 169 -8.80 15.22 -12.76
N CYS D 170 -8.11 14.18 -13.17
CA CYS D 170 -8.27 12.84 -12.53
C CYS D 170 -7.02 12.48 -11.77
N ARG D 171 -7.17 11.59 -10.78
CA ARG D 171 -6.05 11.12 -9.99
C ARG D 171 -5.85 9.64 -10.20
N PHE D 172 -4.61 9.26 -10.43
CA PHE D 172 -4.23 7.86 -10.55
C PHE D 172 -3.20 7.56 -9.47
N ARG D 173 -3.51 6.58 -8.64
CA ARG D 173 -2.57 6.05 -7.63
C ARG D 173 -2.45 4.53 -7.74
N GLY D 174 -1.23 4.03 -7.80
CA GLY D 174 -1.00 2.61 -7.66
C GLY D 174 -1.35 1.74 -8.86
N CYS D 175 -1.59 2.33 -10.04
CA CYS D 175 -2.05 1.54 -11.19
C CYS D 175 -0.89 1.09 -12.08
N ARG D 176 -0.97 -0.13 -12.58
CA ARG D 176 0.01 -0.63 -13.55
C ARG D 176 0.10 0.39 -14.72
N ILE D 177 -1.06 0.66 -15.31
CA ILE D 177 -1.18 1.65 -16.37
C ILE D 177 -2.34 2.60 -16.07
N GLY D 178 -2.10 3.88 -16.35
CA GLY D 178 -3.11 4.94 -16.17
C GLY D 178 -4.08 4.93 -17.34
N ILE D 179 -3.63 5.43 -18.48
CA ILE D 179 -4.48 5.54 -19.67
C ILE D 179 -3.78 4.84 -20.81
N ALA D 180 -4.50 3.88 -21.39
CA ALA D 180 -4.07 3.14 -22.60
C ALA D 180 -4.98 3.53 -23.76
N ASN D 181 -4.44 4.21 -24.77
CA ASN D 181 -5.23 4.52 -25.99
C ASN D 181 -4.80 3.63 -27.13
N GLY D 182 -5.74 2.87 -27.66
CA GLY D 182 -5.45 1.97 -28.80
C GLY D 182 -5.24 2.71 -30.13
N GLY D 183 -4.83 1.97 -31.15
CA GLY D 183 -4.72 2.51 -32.50
C GLY D 183 -6.08 2.98 -32.99
N SER D 184 -6.03 4.06 -33.78
CA SER D 184 -7.21 4.79 -34.24
C SER D 184 -8.12 5.40 -33.16
N VAL D 185 -7.67 5.46 -31.90
CA VAL D 185 -8.28 6.30 -30.90
C VAL D 185 -7.41 7.58 -30.87
N GLU D 186 -7.87 8.62 -31.55
CA GLU D 186 -7.02 9.75 -31.86
C GLU D 186 -7.66 11.05 -31.42
N TYR D 187 -6.82 12.09 -31.33
CA TYR D 187 -7.28 13.47 -31.08
C TYR D 187 -7.98 13.61 -29.74
N GLY D 188 -7.54 12.78 -28.79
CA GLY D 188 -7.96 12.92 -27.42
C GLY D 188 -7.15 13.96 -26.69
N LEU D 189 -7.59 14.22 -25.48
CA LEU D 189 -7.01 15.20 -24.62
C LEU D 189 -6.94 14.57 -23.23
N ALA D 190 -5.74 14.53 -22.67
CA ALA D 190 -5.54 14.10 -21.28
C ALA D 190 -4.75 15.16 -20.56
N SER D 191 -5.43 15.95 -19.74
CA SER D 191 -4.77 17.11 -19.13
C SER D 191 -5.15 17.38 -17.67
N GLN D 192 -4.22 18.00 -16.97
CA GLN D 192 -4.35 18.32 -15.54
C GLN D 192 -4.68 17.06 -14.69
N ASN D 193 -4.05 15.94 -15.03
CA ASN D 193 -4.15 14.71 -14.25
C ASN D 193 -2.90 14.59 -13.42
N ASN D 194 -3.00 13.76 -12.38
CA ASN D 194 -1.86 13.56 -11.47
C ASN D 194 -1.70 12.07 -11.33
N PHE D 195 -0.47 11.61 -11.48
CA PHE D 195 -0.16 10.18 -11.41
C PHE D 195 0.87 9.99 -10.29
N SER D 196 0.59 9.06 -9.38
CA SER D 196 1.51 8.68 -8.32
C SER D 196 1.60 7.16 -8.31
N ASP D 197 2.81 6.64 -8.24
CA ASP D 197 2.98 5.19 -8.04
C ASP D 197 2.23 4.37 -9.12
N CYS D 198 2.49 4.71 -10.38
CA CYS D 198 2.00 3.93 -11.54
C CYS D 198 3.21 3.43 -12.31
N GLN D 199 3.17 2.24 -12.90
CA GLN D 199 4.29 1.79 -13.76
C GLN D 199 4.42 2.62 -15.04
N ILE D 200 3.31 2.75 -15.77
CA ILE D 200 3.27 3.44 -17.07
C ILE D 200 2.06 4.36 -17.07
N CYS D 201 2.28 5.67 -17.05
CA CYS D 201 1.15 6.60 -16.96
C CYS D 201 0.32 6.59 -18.23
N PHE D 202 1.00 6.84 -19.34
CA PHE D 202 0.39 6.80 -20.67
C PHE D 202 0.95 5.67 -21.53
N ASN D 203 0.14 4.63 -21.77
CA ASN D 203 0.45 3.55 -22.73
C ASN D 203 -0.05 4.04 -24.10
N VAL D 204 0.84 4.60 -24.90
CA VAL D 204 0.45 5.33 -26.09
C VAL D 204 0.54 4.46 -27.34
N VAL D 205 -0.59 4.26 -28.02
CA VAL D 205 -0.57 3.68 -29.34
C VAL D 205 -1.21 4.70 -30.29
N GLY D 206 -2.52 4.93 -30.17
CA GLY D 206 -3.23 5.83 -31.09
C GLY D 206 -2.64 7.24 -31.21
N GLY D 207 -2.63 7.77 -32.43
CA GLY D 207 -1.98 9.03 -32.71
C GLY D 207 -2.75 10.28 -32.32
N ASN D 208 -2.01 11.40 -32.33
CA ASN D 208 -2.58 12.73 -32.27
C ASN D 208 -3.25 13.16 -30.96
N TRP D 209 -2.83 12.63 -29.82
CA TRP D 209 -3.37 13.07 -28.53
C TRP D 209 -2.63 14.31 -28.04
N THR D 210 -3.36 15.15 -27.32
CA THR D 210 -2.79 16.28 -26.57
C THR D 210 -2.77 15.87 -25.12
N ARG D 211 -1.56 15.84 -24.57
CA ARG D 211 -1.31 15.52 -23.16
C ARG D 211 -0.55 16.71 -22.57
N SER D 212 -1.24 17.52 -21.79
CA SER D 212 -0.70 18.79 -21.29
C SER D 212 -1.00 19.05 -19.81
N GLY D 213 -0.01 19.56 -19.09
CA GLY D 213 -0.20 20.04 -17.70
C GLY D 213 -0.44 18.92 -16.68
N ASN D 214 0.04 17.71 -16.99
CA ASN D 214 -0.12 16.55 -16.10
C ASN D 214 1.11 16.45 -15.19
N VAL D 215 0.90 15.99 -13.97
CA VAL D 215 1.97 15.81 -12.98
C VAL D 215 2.17 14.31 -12.69
N ALA D 216 3.43 13.85 -12.70
CA ALA D 216 3.76 12.48 -12.36
C ALA D 216 4.97 12.44 -11.46
N SER D 217 4.82 11.72 -10.32
CA SER D 217 5.91 11.46 -9.39
C SER D 217 5.90 9.99 -8.99
N ASN D 218 7.10 9.42 -8.84
CA ASN D 218 7.27 8.01 -8.43
C ASN D 218 6.58 7.01 -9.38
N CYS D 219 6.63 7.30 -10.67
CA CYS D 219 6.09 6.44 -11.68
C CYS D 219 7.28 6.11 -12.57
N ARG D 220 7.53 4.83 -12.77
CA ARG D 220 8.69 4.43 -13.54
C ARG D 220 8.68 5.08 -14.93
N CYS D 221 7.51 5.17 -15.54
CA CYS D 221 7.40 5.62 -16.93
C CYS D 221 6.19 6.52 -17.11
N MET D 222 6.39 7.71 -17.64
CA MET D 222 5.22 8.58 -17.94
C MET D 222 4.65 8.33 -19.37
N TYR D 223 5.53 8.16 -20.35
CA TYR D 223 5.13 7.96 -21.71
C TYR D 223 5.88 6.73 -22.25
N LEU D 224 5.08 5.76 -22.72
CA LEU D 224 5.58 4.58 -23.43
C LEU D 224 5.05 4.51 -24.84
N HIS D 225 5.95 4.40 -25.81
CA HIS D 225 5.51 3.92 -27.12
C HIS D 225 6.54 3.09 -27.82
N THR D 226 6.11 1.87 -28.20
CA THR D 226 6.90 0.97 -29.05
C THR D 226 6.03 0.06 -29.93
N GLN D 227 6.67 -0.80 -30.72
CA GLN D 227 5.97 -1.89 -31.43
C GLN D 227 5.69 -3.12 -30.55
N GLY D 228 4.57 -3.80 -30.79
CA GLY D 228 4.17 -4.94 -29.98
C GLY D 228 3.87 -4.57 -28.54
N MET D 229 2.95 -3.63 -28.36
CA MET D 229 2.54 -3.18 -27.05
C MET D 229 1.32 -3.92 -26.61
N TRP D 230 1.06 -3.88 -25.30
CA TRP D 230 -0.27 -4.26 -24.79
C TRP D 230 -1.26 -3.15 -25.22
N TYR D 231 -2.54 -3.48 -25.24
CA TYR D 231 -3.60 -2.50 -25.47
C TYR D 231 -3.51 -1.74 -26.81
N GLU D 232 -3.06 -2.40 -27.87
CA GLU D 232 -3.13 -1.83 -29.21
C GLU D 232 -4.58 -1.80 -29.72
N GLY D 233 -5.34 -2.83 -29.37
CA GLY D 233 -6.77 -2.90 -29.68
C GLY D 233 -6.97 -3.43 -31.09
N ALA D 234 -8.21 -3.66 -31.48
CA ALA D 234 -8.51 -4.29 -32.77
C ALA D 234 -7.92 -3.55 -33.99
N ALA D 235 -7.75 -2.23 -33.90
CA ALA D 235 -7.14 -1.45 -34.98
C ALA D 235 -5.63 -1.58 -35.03
N GLY D 236 -5.01 -2.09 -33.98
CA GLY D 236 -3.59 -2.41 -34.01
C GLY D 236 -2.69 -1.21 -33.85
N ASN D 237 -1.43 -1.42 -34.09
CA ASN D 237 -0.44 -0.35 -33.96
C ASN D 237 -0.42 0.54 -35.20
N PHE D 238 -1.42 1.42 -35.33
CA PHE D 238 -1.67 2.17 -36.56
C PHE D 238 -1.53 3.68 -36.36
N ASN D 239 -0.87 4.34 -37.31
CA ASN D 239 -0.71 5.79 -37.33
C ASN D 239 -0.40 6.33 -35.91
N PRO D 240 0.64 5.77 -35.26
CA PRO D 240 0.75 5.99 -33.82
C PRO D 240 1.40 7.28 -33.37
N ALA D 241 1.20 7.59 -32.09
CA ALA D 241 1.95 8.65 -31.40
C ALA D 241 1.84 10.02 -32.12
N HIS D 242 2.98 10.66 -32.41
CA HIS D 242 3.06 11.99 -33.07
C HIS D 242 2.06 13.10 -32.62
N GLY D 243 1.67 13.03 -31.35
CA GLY D 243 0.78 14.01 -30.75
C GLY D 243 1.51 15.17 -30.13
N SER D 244 1.07 15.58 -28.95
CA SER D 244 1.61 16.77 -28.30
C SER D 244 1.79 16.45 -26.84
N PHE D 245 3.00 16.68 -26.35
CA PHE D 245 3.35 16.42 -24.96
C PHE D 245 3.96 17.69 -24.39
N THR D 246 3.12 18.51 -23.75
CA THR D 246 3.54 19.83 -23.25
C THR D 246 3.28 20.05 -21.78
N SER D 247 4.14 20.84 -21.15
CA SER D 247 3.92 21.36 -19.79
C SER D 247 3.68 20.29 -18.68
N ASN D 248 4.29 19.13 -18.86
CA ASN D 248 4.12 18.00 -17.96
C ASN D 248 5.33 17.84 -17.06
N THR D 249 5.10 17.19 -15.93
CA THR D 249 6.18 16.83 -15.00
C THR D 249 6.28 15.30 -14.87
N LEU D 250 7.49 14.81 -15.10
CA LEU D 250 7.80 13.39 -14.92
C LEU D 250 9.03 13.26 -14.02
N ASN D 251 8.79 13.37 -12.73
CA ASN D 251 9.86 13.43 -11.73
C ASN D 251 9.95 12.13 -10.92
N HIS D 252 11.17 11.79 -10.53
CA HIS D 252 11.43 10.59 -9.69
C HIS D 252 10.93 9.32 -10.39
N CYS D 253 11.33 9.20 -11.65
CA CYS D 253 11.05 8.02 -12.42
C CYS D 253 12.06 6.88 -12.12
N ASP D 254 13.35 7.17 -12.14
CA ASP D 254 14.41 6.15 -11.89
C ASP D 254 15.18 6.29 -10.56
N TYR D 255 14.94 7.39 -9.83
CA TYR D 255 15.53 7.64 -8.53
C TYR D 255 14.51 8.34 -7.61
N GLY D 256 14.25 7.77 -6.45
CA GLY D 256 13.23 8.27 -5.54
C GLY D 256 12.45 7.13 -4.94
N GLY D 257 11.13 7.27 -4.87
CA GLY D 257 10.27 6.28 -4.24
C GLY D 257 9.60 5.25 -5.15
N ASN D 258 9.94 5.22 -6.43
CA ASN D 258 9.26 4.29 -7.35
C ASN D 258 9.52 2.81 -7.01
N LEU D 259 8.43 2.06 -6.92
CA LEU D 259 8.44 0.64 -6.56
C LEU D 259 8.28 -0.31 -7.75
N TRP D 260 7.79 0.19 -8.88
CA TRP D 260 7.54 -0.66 -10.01
C TRP D 260 8.81 -1.04 -10.76
N PRO D 261 8.94 -2.32 -11.13
CA PRO D 261 10.16 -2.74 -11.85
C PRO D 261 10.41 -1.93 -13.10
N THR D 262 11.71 -1.69 -13.37
CA THR D 262 12.17 -1.26 -14.68
C THR D 262 11.90 -2.29 -15.81
N GLU D 263 12.07 -3.58 -15.50
CA GLU D 263 11.75 -4.67 -16.43
C GLU D 263 10.25 -4.84 -16.62
N PHE D 264 9.81 -4.79 -17.87
CA PHE D 264 8.37 -4.86 -18.18
C PHE D 264 8.16 -5.86 -19.30
N GLN D 265 7.23 -6.79 -19.05
CA GLN D 265 6.93 -7.87 -20.00
C GLN D 265 5.92 -7.38 -21.05
N LEU D 266 6.38 -7.24 -22.29
CA LEU D 266 5.49 -7.09 -23.44
C LEU D 266 5.03 -8.47 -23.90
N PRO D 267 4.05 -8.53 -24.83
CA PRO D 267 3.67 -9.87 -25.31
C PRO D 267 4.86 -10.73 -25.81
N ASP D 268 5.81 -10.16 -26.52
CA ASP D 268 6.84 -10.94 -27.19
C ASP D 268 8.23 -10.73 -26.63
N ARG D 269 8.38 -9.87 -25.62
CA ARG D 269 9.72 -9.56 -25.09
C ARG D 269 9.64 -8.75 -23.82
N VAL D 270 10.79 -8.63 -23.15
CA VAL D 270 10.95 -7.79 -21.97
C VAL D 270 11.72 -6.53 -22.37
N ILE D 271 11.21 -5.37 -21.96
CA ILE D 271 11.89 -4.08 -22.16
C ILE D 271 12.26 -3.49 -20.83
N ASN D 272 13.13 -2.49 -20.90
CA ASN D 272 13.59 -1.75 -19.73
C ASN D 272 13.08 -0.33 -19.84
N LEU D 273 12.07 -0.05 -19.03
CA LEU D 273 11.35 1.25 -19.06
C LEU D 273 12.24 2.42 -18.65
N ALA D 274 11.90 3.60 -19.16
CA ALA D 274 12.38 4.88 -18.70
C ALA D 274 11.16 5.79 -18.52
N GLY D 275 11.40 6.98 -17.96
CA GLY D 275 10.39 8.04 -17.86
C GLY D 275 9.73 8.36 -19.19
N PHE D 276 10.56 8.53 -20.23
CA PHE D 276 10.02 8.66 -21.56
C PHE D 276 10.69 7.61 -22.46
N TYR D 277 9.88 6.69 -22.98
CA TYR D 277 10.37 5.54 -23.76
C TYR D 277 9.75 5.54 -25.15
N PHE D 278 10.61 5.61 -26.18
CA PHE D 278 10.14 5.59 -27.58
C PHE D 278 11.00 4.67 -28.43
N ASP D 279 10.39 3.63 -29.02
CA ASP D 279 11.11 2.72 -29.89
C ASP D 279 10.23 2.14 -30.99
N ASN D 280 10.11 2.89 -32.07
CA ASN D 280 9.37 2.48 -33.26
C ASN D 280 9.91 3.18 -34.51
N ALA D 281 10.69 2.44 -35.30
CA ALA D 281 11.23 2.93 -36.60
C ALA D 281 10.17 3.49 -37.57
N ALA D 282 8.91 3.11 -37.41
CA ALA D 282 7.81 3.47 -38.29
C ALA D 282 6.89 4.58 -37.73
N ALA D 283 7.21 5.17 -36.57
CA ALA D 283 6.36 6.21 -35.98
C ALA D 283 7.19 7.46 -35.66
N ARG D 284 6.50 8.60 -35.55
CA ARG D 284 7.14 9.84 -35.12
C ARG D 284 6.77 10.22 -33.69
N LEU D 285 7.75 10.79 -33.00
CA LEU D 285 7.61 11.31 -31.63
C LEU D 285 6.61 12.46 -31.59
N PRO D 286 5.99 12.74 -30.41
CA PRO D 286 5.14 13.93 -30.29
C PRO D 286 5.97 15.20 -30.20
N ASN D 287 5.30 16.34 -30.29
CA ASN D 287 5.96 17.61 -29.97
C ASN D 287 6.16 17.60 -28.46
N PHE D 288 7.35 18.06 -28.05
CA PHE D 288 7.83 17.96 -26.68
C PHE D 288 8.34 19.35 -26.19
N SER D 289 7.48 20.05 -25.46
CA SER D 289 7.77 21.41 -25.01
C SER D 289 7.25 21.68 -23.62
N GLY D 290 8.09 22.30 -22.80
CA GLY D 290 7.68 22.81 -21.48
C GLY D 290 7.68 21.79 -20.39
N ASN D 291 8.44 20.70 -20.54
CA ASN D 291 8.35 19.54 -19.59
C ASN D 291 9.47 19.54 -18.57
N SER D 292 9.15 19.19 -17.32
CA SER D 292 10.18 19.02 -16.27
C SER D 292 10.57 17.56 -16.14
N GLN D 293 11.87 17.32 -16.05
CA GLN D 293 12.42 15.99 -15.94
C GLN D 293 13.46 16.03 -14.80
N TRP D 294 13.01 15.76 -13.58
CA TRP D 294 13.89 15.63 -12.43
C TRP D 294 13.96 14.13 -12.11
N TYR D 295 15.08 13.52 -12.49
CA TYR D 295 15.17 12.06 -12.60
C TYR D 295 14.05 11.53 -13.52
N GLY D 296 13.87 12.20 -14.65
CA GLY D 296 12.96 11.77 -15.69
C GLY D 296 13.80 11.22 -16.81
N ASP D 297 14.33 10.01 -16.65
CA ASP D 297 15.11 9.39 -17.73
C ASP D 297 14.30 9.18 -19.02
N MET D 298 15.03 9.23 -20.13
CA MET D 298 14.46 9.22 -21.47
C MET D 298 15.33 8.39 -22.40
N LYS D 299 14.66 7.54 -23.17
CA LYS D 299 15.30 6.67 -24.17
C LYS D 299 14.60 6.89 -25.52
N LEU D 300 15.33 7.48 -26.45
CA LEU D 300 14.90 7.66 -27.80
C LEU D 300 15.69 6.65 -28.64
N ILE D 301 15.08 5.48 -28.81
CA ILE D 301 15.78 4.27 -29.34
C ILE D 301 15.62 4.17 -30.84
N ASN D 302 14.44 4.51 -31.35
CA ASN D 302 14.20 4.53 -32.80
C ASN D 302 12.92 5.29 -33.14
N PHE D 303 12.94 6.01 -34.26
CA PHE D 303 11.78 6.76 -34.74
C PHE D 303 11.94 6.95 -36.27
N LEU D 304 10.87 7.33 -36.96
CA LEU D 304 10.87 7.48 -38.43
C LEU D 304 11.99 8.41 -38.89
N PRO D 305 12.76 8.03 -39.91
CA PRO D 305 13.85 8.92 -40.34
C PRO D 305 13.43 10.29 -40.89
N ASP D 306 12.29 10.38 -41.57
CA ASP D 306 11.80 11.68 -42.08
C ASP D 306 11.17 12.51 -40.97
N SER D 307 12.00 12.91 -40.02
CA SER D 307 11.55 13.69 -38.88
C SER D 307 12.73 14.23 -38.13
N THR D 308 12.48 15.23 -37.27
CA THR D 308 13.41 15.65 -36.23
C THR D 308 12.65 15.62 -34.92
N PHE D 309 13.37 15.79 -33.82
CA PHE D 309 12.77 15.85 -32.50
C PHE D 309 13.49 16.88 -31.67
N VAL D 310 12.73 17.66 -30.92
CA VAL D 310 13.29 18.66 -30.05
C VAL D 310 12.80 18.45 -28.62
N ILE D 311 13.74 18.40 -27.69
CA ILE D 311 13.43 18.61 -26.28
C ILE D 311 13.45 20.11 -26.13
N ASN D 312 12.27 20.71 -26.24
CA ASN D 312 12.13 22.17 -26.18
C ASN D 312 11.64 22.70 -24.82
N GLY D 313 12.24 23.78 -24.34
CA GLY D 313 11.74 24.47 -23.17
C GLY D 313 11.66 23.62 -21.95
N GLY D 314 12.68 22.80 -21.73
CA GLY D 314 12.66 21.80 -20.68
C GLY D 314 13.51 22.12 -19.46
N ALA D 315 13.17 21.48 -18.34
CA ALA D 315 14.00 21.49 -17.13
C ALA D 315 14.52 20.07 -16.94
N LEU D 316 15.83 19.93 -16.97
CA LEU D 316 16.48 18.62 -17.06
C LEU D 316 17.49 18.51 -15.91
N TYR D 317 17.07 17.83 -14.84
CA TYR D 317 17.86 17.71 -13.63
C TYR D 317 18.07 16.25 -13.30
N GLY D 318 19.33 15.91 -13.05
CA GLY D 318 19.70 14.55 -12.69
C GLY D 318 21.01 14.45 -11.94
N GLY D 319 21.45 13.22 -11.76
CA GLY D 319 22.63 12.92 -10.97
C GLY D 319 22.35 12.99 -9.47
N PRO D 320 23.28 12.57 -8.62
CA PRO D 320 24.61 12.04 -9.00
C PRO D 320 24.53 10.64 -9.60
N GLY D 321 25.61 10.23 -10.24
CA GLY D 321 25.61 8.93 -10.92
C GLY D 321 24.69 8.89 -12.12
N ASP D 322 24.34 7.70 -12.57
CA ASP D 322 23.54 7.55 -13.77
C ASP D 322 22.07 7.57 -13.42
N THR D 323 21.58 8.76 -13.03
CA THR D 323 20.15 8.96 -12.72
C THR D 323 19.57 10.07 -13.60
N GLY D 324 18.41 9.79 -14.17
CA GLY D 324 17.69 10.76 -15.01
C GLY D 324 18.29 10.97 -16.37
N VAL D 325 19.08 10.00 -16.81
CA VAL D 325 19.86 10.06 -18.05
C VAL D 325 18.92 10.17 -19.26
N ILE D 326 19.27 11.03 -20.20
CA ILE D 326 18.59 11.16 -21.49
C ILE D 326 19.53 10.67 -22.56
N ALA D 327 19.11 9.67 -23.34
CA ALA D 327 19.98 9.12 -24.41
C ALA D 327 19.20 8.85 -25.67
N VAL D 328 19.85 9.14 -26.80
CA VAL D 328 19.31 8.94 -28.16
C VAL D 328 20.22 7.96 -28.88
N ALA D 329 19.64 7.14 -29.73
CA ALA D 329 20.41 6.23 -30.58
C ALA D 329 21.39 6.98 -31.46
N THR D 330 22.65 6.56 -31.46
CA THR D 330 23.68 7.16 -32.31
C THR D 330 23.27 7.37 -33.79
N ALA D 331 22.64 6.38 -34.41
CA ALA D 331 22.21 6.52 -35.82
C ALA D 331 21.16 7.64 -36.05
N LEU D 332 20.44 8.09 -35.01
CA LEU D 332 19.41 9.13 -35.15
C LEU D 332 19.75 10.41 -34.41
N ALA D 333 20.97 10.49 -33.89
CA ALA D 333 21.36 11.57 -33.01
C ALA D 333 21.32 12.94 -33.68
N ALA D 334 21.77 12.99 -34.92
CA ALA D 334 21.78 14.22 -35.71
C ALA D 334 20.37 14.83 -35.93
N LYS D 335 19.31 14.02 -35.82
CA LYS D 335 17.92 14.50 -35.87
C LYS D 335 17.33 15.00 -34.54
N VAL D 336 18.09 14.93 -33.44
CA VAL D 336 17.59 15.31 -32.13
C VAL D 336 18.26 16.60 -31.65
N PHE D 337 17.45 17.52 -31.16
CA PHE D 337 17.95 18.80 -30.62
C PHE D 337 17.44 19.03 -29.22
N VAL D 338 18.18 19.85 -28.49
CA VAL D 338 17.87 20.26 -27.13
C VAL D 338 17.96 21.79 -27.07
N ILE D 339 16.78 22.43 -27.12
CA ILE D 339 16.61 23.86 -27.38
C ILE D 339 15.90 24.56 -26.21
N GLY D 340 16.55 25.58 -25.65
CA GLY D 340 15.96 26.38 -24.58
C GLY D 340 15.77 25.67 -23.26
N CYS D 341 16.65 24.75 -22.94
CA CYS D 341 16.50 23.92 -21.74
C CYS D 341 17.45 24.40 -20.65
N GLN D 342 16.99 24.24 -19.41
CA GLN D 342 17.79 24.51 -18.24
C GLN D 342 18.12 23.21 -17.51
N GLY D 343 19.25 23.17 -16.82
CA GLY D 343 19.65 22.01 -16.02
C GLY D 343 20.83 22.23 -15.06
N ASN D 344 21.21 21.14 -14.41
CA ASN D 344 22.35 21.07 -13.50
C ASN D 344 23.47 20.27 -14.16
N ALA D 345 24.62 20.23 -13.52
CA ALA D 345 25.77 19.55 -14.07
C ALA D 345 25.55 18.05 -14.18
N GLY D 346 24.86 17.47 -13.20
CA GLY D 346 24.65 16.04 -13.15
C GLY D 346 23.66 15.46 -14.14
N GLN D 347 22.97 16.29 -14.91
CA GLN D 347 22.09 15.80 -15.97
C GLN D 347 22.93 15.31 -17.12
N GLN D 348 22.80 14.05 -17.48
CA GLN D 348 23.54 13.52 -18.62
C GLN D 348 22.69 13.50 -19.90
N ILE D 349 23.27 14.02 -20.98
CA ILE D 349 22.72 13.93 -22.33
C ILE D 349 23.69 13.13 -23.21
N VAL D 350 23.18 12.05 -23.78
CA VAL D 350 24.02 11.03 -24.40
C VAL D 350 23.72 10.91 -25.89
N ASN D 351 24.82 11.00 -26.65
CA ASN D 351 24.87 10.95 -28.11
C ASN D 351 24.29 12.14 -28.88
N VAL D 352 23.50 13.02 -28.26
CA VAL D 352 23.02 14.21 -28.96
C VAL D 352 24.28 15.05 -29.29
N PRO D 353 24.49 15.42 -30.57
CA PRO D 353 25.71 16.21 -30.84
C PRO D 353 25.73 17.56 -30.13
N ALA D 354 26.92 18.05 -29.79
CA ALA D 354 27.07 19.37 -29.15
C ALA D 354 26.44 20.53 -29.94
N ALA D 355 26.55 20.48 -31.27
CA ALA D 355 25.96 21.53 -32.12
C ALA D 355 24.42 21.62 -32.03
N ASN D 356 23.76 20.55 -31.58
CA ASN D 356 22.29 20.51 -31.43
C ASN D 356 21.72 20.91 -30.07
N ILE D 357 22.57 21.38 -29.16
CA ILE D 357 22.14 21.74 -27.81
C ILE D 357 22.38 23.25 -27.57
N ILE D 358 21.30 24.03 -27.60
CA ILE D 358 21.32 25.49 -27.59
C ILE D 358 20.24 25.98 -26.62
N PRO D 359 20.60 26.55 -25.46
CA PRO D 359 21.98 26.68 -25.00
C PRO D 359 22.51 25.38 -24.41
N GLU D 360 23.75 25.42 -23.96
CA GLU D 360 24.43 24.28 -23.37
C GLU D 360 23.78 24.01 -22.02
N VAL D 361 23.50 22.74 -21.78
CA VAL D 361 22.79 22.30 -20.58
C VAL D 361 23.33 20.96 -20.11
N GLY D 362 23.59 20.86 -18.81
CA GLY D 362 24.07 19.62 -18.20
C GLY D 362 25.39 19.14 -18.73
N THR D 363 25.55 17.82 -18.81
CA THR D 363 26.82 17.20 -19.18
C THR D 363 26.56 16.25 -20.32
N ARG D 364 27.33 16.44 -21.37
CA ARG D 364 27.08 15.79 -22.61
C ARG D 364 28.18 14.79 -22.87
N LYS D 365 27.80 13.64 -23.44
CA LYS D 365 28.78 12.62 -23.78
C LYS D 365 28.29 11.62 -24.82
N ASP D 366 29.26 10.91 -25.40
CA ASP D 366 28.99 9.85 -26.36
C ASP D 366 29.14 8.45 -25.73
N ASP D 367 28.18 7.59 -26.00
CA ASP D 367 28.20 6.19 -25.54
C ASP D 367 27.26 5.42 -26.45
N ALA D 368 27.90 4.71 -27.39
CA ALA D 368 27.24 3.84 -28.34
C ALA D 368 26.41 2.70 -27.72
N THR D 369 26.66 2.34 -26.47
CA THR D 369 25.86 1.30 -25.80
C THR D 369 24.47 1.78 -25.32
N GLN D 370 24.23 3.10 -25.29
CA GLN D 370 22.94 3.64 -24.85
C GLN D 370 22.18 4.28 -26.00
N PRO D 371 20.85 4.22 -26.03
CA PRO D 371 20.02 3.59 -25.02
C PRO D 371 19.85 2.13 -25.34
N ALA D 372 19.77 1.29 -24.31
CA ALA D 372 19.42 -0.11 -24.47
C ALA D 372 17.90 -0.14 -24.46
N ALA D 373 17.31 -1.11 -25.17
CA ALA D 373 15.87 -1.28 -25.14
C ALA D 373 15.40 -1.84 -23.81
N SER E 26 -31.95 17.74 10.16
CA SER E 26 -32.02 18.16 8.73
C SER E 26 -31.85 16.96 7.79
N PRO E 27 -32.19 17.14 6.49
CA PRO E 27 -31.82 16.14 5.47
C PRO E 27 -30.29 15.92 5.40
N PRO E 28 -29.83 14.65 5.25
CA PRO E 28 -28.38 14.38 5.01
C PRO E 28 -27.83 15.10 3.76
N GLY E 29 -26.70 15.77 3.93
CA GLY E 29 -26.06 16.49 2.84
C GLY E 29 -26.58 17.89 2.61
N THR E 30 -27.55 18.34 3.40
CA THR E 30 -28.10 19.69 3.27
C THR E 30 -27.48 20.60 4.34
N LEU E 31 -27.21 21.84 3.96
CA LEU E 31 -26.70 22.86 4.87
C LEU E 31 -27.30 24.21 4.47
N LEU E 32 -28.23 24.70 5.28
CA LEU E 32 -28.92 25.97 5.04
C LEU E 32 -28.15 27.11 5.71
N PRO E 33 -28.35 28.35 5.24
CA PRO E 33 -27.75 29.49 5.96
C PRO E 33 -28.30 29.58 7.38
N GLY E 34 -27.44 30.01 8.32
CA GLY E 34 -27.78 30.00 9.75
C GLY E 34 -27.49 28.71 10.51
N GLN E 35 -27.55 27.55 9.85
CA GLN E 35 -27.14 26.30 10.51
C GLN E 35 -25.63 26.23 10.72
N SER E 36 -25.19 25.31 11.59
CA SER E 36 -23.77 25.13 11.88
C SER E 36 -23.03 24.43 10.74
N PRO E 37 -22.08 25.12 10.10
CA PRO E 37 -21.27 24.41 9.13
C PRO E 37 -20.39 23.29 9.74
N ASP E 38 -19.86 23.53 10.94
CA ASP E 38 -18.99 22.55 11.60
C ASP E 38 -19.71 21.24 11.85
N GLU E 39 -20.96 21.34 12.29
CA GLU E 39 -21.75 20.14 12.61
C GLU E 39 -22.13 19.38 11.34
N ALA E 40 -22.51 20.10 10.30
CA ALA E 40 -22.90 19.46 9.04
C ALA E 40 -21.73 18.71 8.40
N PHE E 41 -20.55 19.33 8.36
CA PHE E 41 -19.35 18.68 7.83
C PHE E 41 -18.94 17.46 8.67
N ALA E 42 -19.11 17.54 9.99
CA ALA E 42 -18.81 16.41 10.87
C ALA E 42 -19.74 15.22 10.63
N ARG E 43 -21.00 15.46 10.27
CA ARG E 43 -21.96 14.38 10.11
C ARG E 43 -22.10 13.89 8.64
N ASN E 44 -21.37 14.49 7.68
CA ASN E 44 -21.57 14.15 6.25
C ASN E 44 -20.28 14.08 5.48
N SER E 45 -20.20 13.12 4.55
CA SER E 45 -19.09 13.06 3.63
C SER E 45 -19.29 14.04 2.46
N VAL E 46 -20.54 14.33 2.08
CA VAL E 46 -20.84 15.27 0.99
C VAL E 46 -21.95 16.23 1.40
N VAL E 47 -21.73 17.51 1.18
CA VAL E 47 -22.67 18.55 1.56
C VAL E 47 -23.01 19.36 0.33
N PHE E 48 -24.31 19.63 0.15
CA PHE E 48 -24.84 20.44 -0.93
C PHE E 48 -25.39 21.74 -0.37
N LEU E 49 -24.89 22.88 -0.83
CA LEU E 49 -25.42 24.18 -0.39
C LEU E 49 -26.70 24.60 -1.13
N VAL E 50 -27.44 25.53 -0.53
CA VAL E 50 -28.64 26.04 -1.17
C VAL E 50 -28.20 26.82 -2.41
N PRO E 51 -28.69 26.40 -3.62
CA PRO E 51 -28.23 27.09 -4.82
C PRO E 51 -28.42 28.60 -4.73
N GLY E 52 -27.33 29.34 -4.94
CA GLY E 52 -27.34 30.79 -4.97
C GLY E 52 -27.45 31.52 -3.65
N ALA E 53 -27.53 30.80 -2.53
CA ALA E 53 -27.82 31.43 -1.25
C ALA E 53 -26.58 32.14 -0.69
N GLU E 54 -26.81 33.02 0.28
CA GLU E 54 -25.74 33.76 0.92
C GLU E 54 -25.53 33.16 2.29
N TYR E 55 -24.28 32.81 2.59
CA TYR E 55 -23.88 32.26 3.89
C TYR E 55 -22.94 33.22 4.58
N ASN E 56 -22.87 33.10 5.91
CA ASN E 56 -22.03 33.94 6.74
C ASN E 56 -21.30 33.04 7.73
N TRP E 57 -20.03 32.76 7.45
CA TRP E 57 -19.26 31.77 8.19
C TRP E 57 -17.96 32.37 8.72
N LYS E 58 -17.50 31.82 9.84
CA LYS E 58 -16.39 32.34 10.61
C LYS E 58 -15.70 31.22 11.43
N ASN E 59 -14.39 31.06 11.25
CA ASN E 59 -13.58 30.03 11.95
C ASN E 59 -14.22 28.61 11.98
N VAL E 60 -14.60 28.12 10.80
CA VAL E 60 -15.22 26.81 10.65
C VAL E 60 -14.09 25.80 10.66
N VAL E 61 -14.30 24.65 11.30
CA VAL E 61 -13.25 23.64 11.42
C VAL E 61 -13.67 22.40 10.68
N ILE E 62 -12.81 21.96 9.76
CA ILE E 62 -12.98 20.65 9.08
C ILE E 62 -11.90 19.72 9.60
N ARG E 63 -12.34 18.61 10.20
CA ARG E 63 -11.46 17.64 10.84
C ARG E 63 -11.43 16.31 10.13
N LYS E 64 -12.33 16.09 9.17
CA LYS E 64 -12.24 14.93 8.29
C LYS E 64 -12.68 15.28 6.84
N PRO E 65 -12.32 14.43 5.85
CA PRO E 65 -12.61 14.85 4.48
C PRO E 65 -14.10 14.97 4.20
N VAL E 66 -14.44 15.99 3.45
CA VAL E 66 -15.81 16.30 3.07
C VAL E 66 -15.77 16.95 1.69
N TRP E 67 -16.81 16.72 0.91
CA TRP E 67 -17.01 17.45 -0.34
C TRP E 67 -18.13 18.46 -0.16
N ILE E 68 -17.89 19.67 -0.67
CA ILE E 68 -18.87 20.75 -0.69
C ILE E 68 -19.18 21.12 -2.15
N TYR E 69 -20.43 20.93 -2.51
CA TYR E 69 -20.98 21.41 -3.77
C TYR E 69 -21.63 22.76 -3.49
N GLY E 70 -20.92 23.83 -3.91
CA GLY E 70 -21.33 25.22 -3.61
C GLY E 70 -22.63 25.64 -4.29
N ASN E 71 -22.92 25.10 -5.47
CA ASN E 71 -24.16 25.43 -6.20
C ASN E 71 -24.34 26.94 -6.46
N GLY E 72 -23.22 27.64 -6.59
CA GLY E 72 -23.24 29.07 -6.87
C GLY E 72 -23.52 29.93 -5.67
N ALA E 73 -23.24 29.41 -4.47
CA ALA E 73 -23.49 30.16 -3.25
C ALA E 73 -22.37 31.14 -3.00
N THR E 74 -22.60 32.02 -2.03
CA THR E 74 -21.62 33.01 -1.60
C THR E 74 -21.45 32.82 -0.09
N VAL E 75 -20.21 32.96 0.38
CA VAL E 75 -19.91 32.89 1.81
C VAL E 75 -19.20 34.20 2.19
N LYS E 76 -19.85 34.98 3.04
CA LYS E 76 -19.24 36.16 3.66
C LYS E 76 -18.73 35.80 5.06
N THR E 77 -17.95 36.70 5.63
CA THR E 77 -17.38 36.47 6.95
C THR E 77 -17.23 37.75 7.74
N SER E 78 -16.78 37.61 8.98
CA SER E 78 -16.43 38.75 9.84
C SER E 78 -15.27 38.38 10.77
N GLY E 79 -14.55 39.40 11.24
CA GLY E 79 -13.53 39.23 12.27
C GLY E 79 -12.25 38.69 11.71
N LEU E 80 -11.34 38.27 12.59
CA LEU E 80 -10.15 37.55 12.17
C LEU E 80 -10.54 36.21 11.56
N GLY E 81 -10.02 35.92 10.37
CA GLY E 81 -10.36 34.69 9.63
C GLY E 81 -9.47 33.61 10.18
N PRO E 82 -9.37 32.44 9.53
CA PRO E 82 -9.94 32.19 8.23
C PRO E 82 -11.42 31.84 8.29
N ILE E 83 -12.03 31.69 7.13
CA ILE E 83 -13.44 31.29 7.04
C ILE E 83 -13.53 29.79 7.36
N ILE E 84 -12.66 28.99 6.73
CA ILE E 84 -12.53 27.54 7.02
C ILE E 84 -11.07 27.17 7.35
N HIS E 85 -10.89 26.49 8.48
CA HIS E 85 -9.63 25.86 8.89
C HIS E 85 -9.75 24.36 8.62
N ILE E 86 -8.89 23.85 7.74
CA ILE E 86 -9.01 22.47 7.29
C ILE E 86 -7.83 21.68 7.86
N MET E 87 -8.14 20.80 8.83
CA MET E 87 -7.15 19.92 9.46
C MET E 87 -7.04 18.64 8.62
N GLY E 88 -6.04 18.59 7.74
CA GLY E 88 -5.95 17.49 6.77
C GLY E 88 -5.36 16.22 7.34
N ASP E 89 -5.70 15.10 6.68
CA ASP E 89 -5.14 13.77 6.96
C ASP E 89 -4.74 13.09 5.66
N LEU E 90 -3.43 13.09 5.40
CA LEU E 90 -2.88 12.57 4.17
C LEU E 90 -2.96 11.05 4.07
N ASP E 91 -3.11 10.38 5.21
CA ASP E 91 -3.32 8.93 5.27
C ASP E 91 -4.73 8.54 4.83
N ASN E 92 -5.66 9.48 4.90
CA ASN E 92 -7.01 9.29 4.33
C ASN E 92 -6.95 9.60 2.81
N PRO E 93 -7.32 8.63 1.95
CA PRO E 93 -7.32 8.87 0.50
C PRO E 93 -8.43 9.76 -0.07
N MET E 94 -9.52 10.00 0.68
CA MET E 94 -10.55 10.95 0.24
C MET E 94 -10.07 12.43 0.36
N ASP E 95 -10.09 13.14 -0.75
CA ASP E 95 -9.82 14.61 -0.73
C ASP E 95 -10.97 15.45 -0.12
N VAL E 96 -10.61 16.58 0.44
CA VAL E 96 -11.58 17.63 0.71
C VAL E 96 -11.74 18.30 -0.64
N ARG E 97 -12.98 18.37 -1.13
CA ARG E 97 -13.28 18.94 -2.44
C ARG E 97 -14.28 20.08 -2.26
N ILE E 98 -13.95 21.26 -2.79
CA ILE E 98 -14.86 22.41 -2.74
C ILE E 98 -15.04 22.90 -4.16
N GLN E 99 -16.29 22.94 -4.63
CA GLN E 99 -16.60 23.33 -6.01
C GLN E 99 -17.67 24.44 -6.11
N ASP E 100 -17.54 25.35 -7.08
CA ASP E 100 -18.66 26.25 -7.47
C ASP E 100 -19.12 27.15 -6.30
N LEU E 101 -18.16 27.68 -5.53
CA LEU E 101 -18.45 28.46 -4.31
C LEU E 101 -17.63 29.76 -4.29
N THR E 102 -18.29 30.86 -3.92
CA THR E 102 -17.66 32.17 -3.81
C THR E 102 -17.39 32.53 -2.34
N PHE E 103 -16.19 33.05 -2.07
CA PHE E 103 -15.77 33.49 -0.77
C PHE E 103 -15.44 35.00 -0.84
N ILE E 104 -15.93 35.74 0.14
CA ILE E 104 -15.80 37.20 0.16
C ILE E 104 -15.26 37.58 1.52
N GLY E 105 -14.11 38.25 1.53
CA GLY E 105 -13.44 38.62 2.76
C GLY E 105 -13.54 40.11 3.10
N GLY E 106 -14.46 40.84 2.46
CA GLY E 106 -14.57 42.31 2.67
C GLY E 106 -15.15 43.07 1.50
N ASP E 107 -15.29 44.38 1.65
CA ASP E 107 -15.96 45.22 0.64
C ASP E 107 -15.09 45.54 -0.58
N SER E 108 -13.83 45.91 -0.32
CA SER E 108 -12.89 46.29 -1.35
C SER E 108 -11.56 46.57 -0.66
N PRO E 109 -10.44 46.34 -1.36
CA PRO E 109 -9.20 46.32 -0.59
C PRO E 109 -8.63 47.69 -0.31
N ASP E 110 -8.14 47.90 0.91
CA ASP E 110 -7.20 48.98 1.20
C ASP E 110 -5.83 48.47 0.76
N ARG E 111 -5.28 49.06 -0.30
CA ARG E 111 -4.04 48.57 -0.89
C ARG E 111 -2.84 49.24 -0.28
N LEU E 112 -3.04 50.35 0.43
CA LEU E 112 -1.93 51.10 1.03
C LEU E 112 -1.50 50.62 2.42
N VAL E 113 -2.36 49.88 3.13
CA VAL E 113 -1.97 49.36 4.46
C VAL E 113 -0.72 48.47 4.34
N PRO E 114 0.30 48.68 5.19
CA PRO E 114 1.39 47.73 5.15
C PRO E 114 0.87 46.34 5.57
N PHE E 115 1.35 45.28 4.93
CA PHE E 115 0.95 43.91 5.30
C PHE E 115 1.65 43.57 6.62
N SER E 116 1.04 42.68 7.41
CA SER E 116 1.39 42.47 8.82
C SER E 116 1.02 41.08 9.31
N ALA E 117 1.61 40.65 10.43
CA ALA E 117 1.22 39.37 11.06
C ALA E 117 -0.30 39.23 11.23
N VAL E 118 -0.96 40.24 11.78
CA VAL E 118 -2.44 40.17 11.99
C VAL E 118 -3.26 40.01 10.69
N LEU E 119 -2.81 40.63 9.60
CA LEU E 119 -3.49 40.50 8.30
C LEU E 119 -3.35 39.11 7.67
N THR E 120 -2.31 38.35 8.05
CA THR E 120 -2.16 36.97 7.57
C THR E 120 -3.32 36.05 7.98
N ASN E 121 -4.07 36.46 9.00
CA ASN E 121 -5.27 35.75 9.44
C ASN E 121 -6.41 35.84 8.47
N GLN E 122 -6.40 36.84 7.58
CA GLN E 122 -7.57 37.17 6.72
C GLN E 122 -7.57 36.33 5.43
N MET E 123 -7.92 35.05 5.62
CA MET E 123 -7.84 33.99 4.62
C MET E 123 -9.21 33.45 4.39
N ALA E 124 -9.46 32.85 3.23
CA ALA E 124 -10.70 32.04 3.05
C ALA E 124 -10.49 30.62 3.58
N LEU E 125 -9.42 29.97 3.09
CA LEU E 125 -9.11 28.57 3.39
C LEU E 125 -7.69 28.43 3.92
N TRP E 126 -7.59 28.01 5.19
CA TRP E 126 -6.34 27.61 5.81
C TRP E 126 -6.32 26.08 5.90
N CYS E 127 -5.39 25.46 5.14
CA CYS E 127 -5.38 24.02 4.94
C CYS E 127 -4.06 23.46 5.41
N ILE E 128 -4.11 22.52 6.32
CA ILE E 128 -2.88 21.88 6.83
C ILE E 128 -2.88 20.39 6.44
N ASP E 129 -1.74 19.92 5.97
CA ASP E 129 -1.58 18.59 5.37
C ASP E 129 -2.67 18.30 4.32
N PRO E 130 -2.72 19.17 3.28
CA PRO E 130 -3.84 19.15 2.36
C PRO E 130 -3.84 18.03 1.31
N ARG E 131 -4.90 17.23 1.34
CA ARG E 131 -5.36 16.47 0.20
C ARG E 131 -6.65 17.19 -0.21
N ILE E 132 -6.57 18.01 -1.25
CA ILE E 132 -7.61 18.97 -1.56
C ILE E 132 -7.78 19.24 -3.07
N THR E 133 -9.03 19.41 -3.48
CA THR E 133 -9.40 19.89 -4.80
C THR E 133 -10.29 21.13 -4.63
N ILE E 134 -9.87 22.22 -5.25
CA ILE E 134 -10.65 23.47 -5.22
C ILE E 134 -10.85 23.90 -6.67
N ARG E 135 -12.11 23.95 -7.10
CA ARG E 135 -12.40 24.16 -8.52
C ARG E 135 -13.69 24.94 -8.77
N GLY E 136 -13.66 25.84 -9.75
CA GLY E 136 -14.84 26.66 -10.08
C GLY E 136 -15.21 27.67 -9.00
N CYS E 137 -14.24 28.06 -8.16
CA CYS E 137 -14.50 28.92 -6.99
C CYS E 137 -13.98 30.34 -7.20
N SER E 138 -14.53 31.29 -6.45
CA SER E 138 -14.06 32.68 -6.52
C SER E 138 -13.71 33.20 -5.13
N PHE E 139 -12.73 34.12 -5.11
CA PHE E 139 -12.20 34.70 -3.89
C PHE E 139 -12.02 36.20 -4.07
N TYR E 140 -12.73 36.98 -3.27
CA TYR E 140 -12.79 38.43 -3.38
C TYR E 140 -12.32 39.14 -2.12
N ASN E 141 -11.36 40.05 -2.26
CA ASN E 141 -11.01 41.03 -1.20
C ASN E 141 -10.48 40.44 0.12
N PHE E 142 -9.60 39.44 0.02
CA PHE E 142 -8.99 38.86 1.21
C PHE E 142 -7.80 39.68 1.60
N GLY E 143 -7.76 40.03 2.88
CA GLY E 143 -6.66 40.80 3.46
C GLY E 143 -5.35 40.04 3.56
N GLY E 144 -5.42 38.71 3.54
CA GLY E 144 -4.22 37.86 3.45
C GLY E 144 -4.23 37.00 2.19
N ALA E 145 -3.75 35.77 2.33
CA ALA E 145 -3.81 34.78 1.26
C ALA E 145 -5.20 34.20 1.20
N ALA E 146 -5.85 34.20 0.04
CA ALA E 146 -7.20 33.59 -0.09
C ALA E 146 -7.16 32.11 0.26
N ILE E 147 -6.13 31.42 -0.23
CA ILE E 147 -5.89 30.01 0.04
C ILE E 147 -4.50 29.89 0.62
N TYR E 148 -4.38 29.35 1.83
CA TYR E 148 -3.07 29.05 2.44
C TYR E 148 -2.95 27.54 2.69
N LEU E 149 -1.86 26.95 2.20
CA LEU E 149 -1.58 25.50 2.33
C LEU E 149 -0.26 25.31 3.07
N GLU E 150 -0.27 24.50 4.13
CA GLU E 150 0.95 24.19 4.89
C GLU E 150 1.00 22.72 5.34
N ARG E 151 2.18 22.32 5.82
CA ARG E 151 2.39 21.01 6.42
C ARG E 151 2.61 21.14 7.94
N SER E 152 2.12 20.15 8.69
CA SER E 152 2.41 20.02 10.12
C SER E 152 3.90 19.74 10.43
N GLU E 153 4.65 19.25 9.45
CA GLU E 153 6.05 18.92 9.64
C GLU E 153 6.76 18.95 8.31
N ARG E 154 8.08 18.97 8.35
CA ARG E 154 8.88 18.93 7.14
C ARG E 154 8.83 17.52 6.57
N ASP E 155 8.65 17.40 5.26
CA ASP E 155 8.51 16.11 4.59
C ASP E 155 9.83 15.69 3.95
N THR E 156 10.57 14.79 4.59
CA THR E 156 11.82 14.23 4.03
C THR E 156 11.66 12.76 3.60
N GLY E 157 10.42 12.31 3.42
CA GLY E 157 10.15 10.99 2.88
C GLY E 157 10.39 10.90 1.37
N PHE E 158 10.30 9.68 0.87
CA PHE E 158 10.39 9.35 -0.55
C PHE E 158 9.00 9.05 -1.14
N ARG E 159 7.94 9.41 -0.40
CA ARG E 159 6.58 9.44 -0.95
C ARG E 159 6.24 10.88 -1.39
N PHE E 160 6.55 11.18 -2.65
CA PHE E 160 6.55 12.56 -3.15
C PHE E 160 5.17 13.04 -3.50
N GLY E 161 4.95 14.34 -3.29
CA GLY E 161 3.72 14.98 -3.76
C GLY E 161 2.50 14.51 -3.03
N ARG E 162 2.64 14.28 -1.73
CA ARG E 162 1.47 13.83 -0.98
C ARG E 162 0.32 14.85 -1.05
N GLY E 163 -0.89 14.35 -1.17
CA GLY E 163 -2.09 15.18 -1.30
C GLY E 163 -2.61 15.43 -2.71
N GLN E 164 -1.75 15.33 -3.73
CA GLN E 164 -2.13 15.56 -5.14
C GLN E 164 -3.04 16.80 -5.34
N VAL E 165 -2.63 17.92 -4.77
CA VAL E 165 -3.49 19.10 -4.69
C VAL E 165 -3.77 19.68 -6.10
N MET E 166 -5.01 20.07 -6.33
CA MET E 166 -5.39 20.70 -7.59
C MET E 166 -6.25 21.92 -7.25
N ILE E 167 -5.82 23.09 -7.75
CA ILE E 167 -6.57 24.34 -7.68
C ILE E 167 -6.74 24.86 -9.11
N THR E 168 -7.92 24.75 -9.70
CA THR E 168 -8.09 25.12 -11.11
C THR E 168 -9.40 25.85 -11.34
N ASP E 169 -9.45 26.63 -12.42
CA ASP E 169 -10.71 27.29 -12.85
C ASP E 169 -11.28 28.19 -11.76
N CYS E 170 -10.40 28.88 -11.04
CA CYS E 170 -10.82 29.79 -9.99
C CYS E 170 -10.48 31.23 -10.39
N ARG E 171 -11.26 32.17 -9.83
CA ARG E 171 -11.05 33.61 -10.01
C ARG E 171 -10.67 34.22 -8.69
N PHE E 172 -9.69 35.10 -8.73
CA PHE E 172 -9.24 35.84 -7.59
C PHE E 172 -9.29 37.32 -7.94
N ARG E 173 -9.88 38.14 -7.06
CA ARG E 173 -9.75 39.58 -7.22
C ARG E 173 -9.79 40.37 -5.92
N GLY E 174 -9.01 41.45 -5.92
CA GLY E 174 -8.81 42.27 -4.73
C GLY E 174 -8.07 41.60 -3.58
N CYS E 175 -7.37 40.50 -3.83
CA CYS E 175 -6.77 39.72 -2.75
C CYS E 175 -5.33 40.15 -2.55
N ARG E 176 -4.90 40.26 -1.31
CA ARG E 176 -3.51 40.56 -1.00
C ARG E 176 -2.61 39.49 -1.62
N ILE E 177 -2.90 38.23 -1.27
CA ILE E 177 -2.23 37.05 -1.85
C ILE E 177 -3.31 36.10 -2.36
N GLY E 178 -3.08 35.48 -3.52
CA GLY E 178 -3.98 34.48 -4.06
C GLY E 178 -3.85 33.12 -3.42
N ILE E 179 -2.75 32.44 -3.74
CA ILE E 179 -2.46 31.11 -3.23
C ILE E 179 -1.09 31.11 -2.61
N ALA E 180 -1.03 30.73 -1.36
CA ALA E 180 0.22 30.60 -0.61
C ALA E 180 0.42 29.11 -0.28
N ASN E 181 1.53 28.54 -0.75
CA ASN E 181 1.83 27.13 -0.52
C ASN E 181 3.12 27.06 0.28
N GLY E 182 2.99 26.61 1.53
CA GLY E 182 4.12 26.52 2.46
C GLY E 182 5.10 25.43 2.09
N GLY E 183 6.21 25.37 2.83
CA GLY E 183 7.20 24.31 2.71
C GLY E 183 6.59 22.92 2.79
N SER E 184 7.10 22.02 1.96
CA SER E 184 6.68 20.63 1.93
C SER E 184 5.24 20.38 1.47
N VAL E 185 4.47 21.40 1.03
CA VAL E 185 3.25 21.14 0.26
C VAL E 185 3.70 21.17 -1.20
N GLU E 186 3.77 19.98 -1.81
CA GLU E 186 4.55 19.80 -3.04
C GLU E 186 3.77 19.15 -4.13
N TYR E 187 4.22 19.37 -5.36
CA TYR E 187 3.62 18.74 -6.52
C TYR E 187 2.12 18.99 -6.62
N GLY E 188 1.69 20.19 -6.23
CA GLY E 188 0.36 20.68 -6.55
C GLY E 188 0.26 21.13 -8.00
N LEU E 189 -0.95 21.42 -8.39
CA LEU E 189 -1.26 21.90 -9.72
C LEU E 189 -2.16 23.14 -9.55
N ALA E 190 -1.76 24.27 -10.11
CA ALA E 190 -2.56 25.52 -10.05
C ALA E 190 -2.67 26.08 -11.47
N SER E 191 -3.77 25.78 -12.13
CA SER E 191 -3.84 25.99 -13.56
C SER E 191 -5.20 26.51 -13.98
N GLN E 192 -5.24 27.24 -15.10
CA GLN E 192 -6.50 27.84 -15.62
C GLN E 192 -7.22 28.76 -14.62
N ASN E 193 -6.47 29.47 -13.79
CA ASN E 193 -7.05 30.44 -12.87
C ASN E 193 -6.89 31.85 -13.44
N ASN E 194 -7.66 32.79 -12.90
CA ASN E 194 -7.60 34.18 -13.34
C ASN E 194 -7.44 35.05 -12.14
N PHE E 195 -6.37 35.85 -12.16
CA PHE E 195 -6.06 36.78 -11.10
C PHE E 195 -6.25 38.19 -11.64
N SER E 196 -7.06 38.99 -10.94
CA SER E 196 -7.22 40.40 -11.22
C SER E 196 -7.02 41.21 -9.96
N ASP E 197 -6.15 42.22 -9.98
CA ASP E 197 -6.00 43.18 -8.88
C ASP E 197 -5.64 42.46 -7.56
N CYS E 198 -4.58 41.67 -7.61
CA CYS E 198 -4.05 41.04 -6.42
C CYS E 198 -2.63 41.51 -6.31
N GLN E 199 -2.10 41.68 -5.11
CA GLN E 199 -0.68 42.12 -5.00
C GLN E 199 0.30 41.00 -5.39
N ILE E 200 0.04 39.80 -4.89
CA ILE E 200 0.90 38.60 -5.10
C ILE E 200 -0.01 37.39 -5.42
N CYS E 201 0.04 36.90 -6.64
CA CYS E 201 -0.83 35.81 -7.05
C CYS E 201 -0.36 34.51 -6.39
N PHE E 202 0.90 34.16 -6.61
CA PHE E 202 1.48 32.94 -6.09
C PHE E 202 2.57 33.28 -5.09
N ASN E 203 2.27 33.08 -3.80
CA ASN E 203 3.25 33.20 -2.74
C ASN E 203 3.95 31.84 -2.60
N VAL E 204 5.09 31.69 -3.23
CA VAL E 204 5.65 30.35 -3.49
C VAL E 204 6.72 29.96 -2.46
N VAL E 205 6.43 28.94 -1.64
CA VAL E 205 7.48 28.29 -0.84
C VAL E 205 7.64 26.82 -1.30
N GLY E 206 6.62 25.99 -1.11
CA GLY E 206 6.74 24.55 -1.39
C GLY E 206 7.17 24.25 -2.81
N GLY E 207 8.03 23.23 -2.98
CA GLY E 207 8.59 22.89 -4.28
C GLY E 207 7.69 22.11 -5.21
N ASN E 208 8.09 22.06 -6.48
CA ASN E 208 7.58 21.10 -7.50
C ASN E 208 6.11 21.26 -7.95
N TRP E 209 5.51 22.43 -7.72
CA TRP E 209 4.15 22.70 -8.27
C TRP E 209 4.20 22.98 -9.75
N THR E 210 3.13 22.60 -10.42
CA THR E 210 2.90 22.92 -11.82
C THR E 210 1.89 24.08 -11.84
N ARG E 211 2.25 25.20 -12.46
CA ARG E 211 1.40 26.38 -12.56
C ARG E 211 1.31 26.75 -14.02
N SER E 212 0.16 26.49 -14.63
CA SER E 212 0.06 26.58 -16.08
C SER E 212 -1.23 27.19 -16.58
N GLY E 213 -1.11 28.02 -17.62
CA GLY E 213 -2.29 28.60 -18.28
C GLY E 213 -3.11 29.55 -17.42
N ASN E 214 -2.47 30.22 -16.45
CA ASN E 214 -3.10 31.23 -15.62
C ASN E 214 -2.97 32.63 -16.24
N VAL E 215 -4.01 33.44 -16.04
CA VAL E 215 -4.05 34.82 -16.51
C VAL E 215 -4.03 35.79 -15.32
N ALA E 216 -3.01 36.64 -15.24
CA ALA E 216 -2.91 37.74 -14.28
C ALA E 216 -2.90 39.12 -15.01
N SER E 217 -3.80 40.02 -14.58
CA SER E 217 -3.79 41.41 -15.04
C SER E 217 -3.90 42.34 -13.86
N ASN E 218 -3.11 43.42 -13.92
CA ASN E 218 -3.08 44.47 -12.91
C ASN E 218 -2.76 43.92 -11.52
N CYS E 219 -1.83 42.95 -11.46
CA CYS E 219 -1.35 42.38 -10.21
C CYS E 219 0.09 42.77 -10.14
N ARG E 220 0.54 43.31 -9.00
CA ARG E 220 1.93 43.76 -8.89
C ARG E 220 2.90 42.59 -9.09
N CYS E 221 2.53 41.43 -8.55
CA CYS E 221 3.38 40.24 -8.59
C CYS E 221 2.55 39.00 -8.87
N MET E 222 2.90 38.25 -9.92
CA MET E 222 2.34 36.93 -10.13
C MET E 222 3.05 35.81 -9.35
N TYR E 223 4.38 35.83 -9.36
CA TYR E 223 5.20 34.80 -8.72
C TYR E 223 6.19 35.43 -7.75
N LEU E 224 6.12 35.07 -6.47
CA LEU E 224 7.12 35.47 -5.46
C LEU E 224 7.82 34.27 -4.80
N HIS E 225 9.14 34.23 -4.86
CA HIS E 225 9.87 33.38 -3.96
C HIS E 225 11.17 33.99 -3.42
N THR E 226 11.36 33.92 -2.11
CA THR E 226 12.61 34.40 -1.47
C THR E 226 12.75 33.75 -0.07
N GLN E 227 13.81 34.11 0.64
CA GLN E 227 13.95 33.70 2.06
C GLN E 227 13.17 34.62 2.97
N GLY E 228 12.72 34.09 4.10
CA GLY E 228 12.02 34.87 5.15
C GLY E 228 10.64 35.36 4.68
N MET E 229 9.86 34.44 4.13
CA MET E 229 8.53 34.73 3.60
C MET E 229 7.46 34.53 4.66
N TRP E 230 6.31 35.14 4.40
CA TRP E 230 5.07 34.80 5.07
C TRP E 230 4.62 33.46 4.52
N TYR E 231 3.82 32.77 5.32
CA TYR E 231 3.11 31.56 4.90
C TYR E 231 4.07 30.39 4.56
N GLU E 232 5.14 30.27 5.35
CA GLU E 232 6.09 29.15 5.24
C GLU E 232 5.54 27.88 5.90
N GLY E 233 4.76 28.04 6.97
CA GLY E 233 4.18 26.91 7.71
C GLY E 233 5.23 26.16 8.53
N ALA E 234 4.80 25.10 9.20
CA ALA E 234 5.66 24.40 10.16
C ALA E 234 6.89 23.74 9.51
N ALA E 235 6.84 23.44 8.21
CA ALA E 235 7.99 22.87 7.51
C ALA E 235 9.08 23.89 7.17
N GLY E 236 8.75 25.19 7.25
CA GLY E 236 9.70 26.26 6.93
C GLY E 236 9.99 26.38 5.44
N ASN E 237 11.04 27.13 5.12
CA ASN E 237 11.46 27.40 3.74
C ASN E 237 12.35 26.26 3.25
N PHE E 238 11.70 25.14 2.95
CA PHE E 238 12.36 23.86 2.68
C PHE E 238 12.08 23.39 1.27
N ASN E 239 13.15 22.94 0.59
CA ASN E 239 13.10 22.37 -0.75
C ASN E 239 12.25 23.18 -1.73
N PRO E 240 12.54 24.50 -1.84
CA PRO E 240 11.54 25.43 -2.40
C PRO E 240 11.49 25.58 -3.91
N ALA E 241 10.34 26.04 -4.40
CA ALA E 241 10.20 26.45 -5.79
C ALA E 241 10.57 25.33 -6.81
N HIS E 242 11.55 25.57 -7.69
CA HIS E 242 12.00 24.62 -8.73
C HIS E 242 10.91 23.80 -9.47
N GLY E 243 9.74 24.42 -9.62
CA GLY E 243 8.53 23.79 -10.16
C GLY E 243 8.45 23.99 -11.66
N SER E 244 7.23 24.16 -12.17
CA SER E 244 7.00 24.47 -13.57
C SER E 244 6.04 25.66 -13.67
N PHE E 245 6.42 26.64 -14.49
CA PHE E 245 5.66 27.90 -14.71
C PHE E 245 5.51 28.12 -16.24
N THR E 246 4.38 27.72 -16.81
CA THR E 246 4.24 27.70 -18.27
C THR E 246 2.93 28.28 -18.72
N SER E 247 2.94 28.82 -19.94
CA SER E 247 1.75 29.31 -20.60
C SER E 247 0.93 30.33 -19.78
N ASN E 248 1.60 31.07 -18.87
CA ASN E 248 0.94 32.10 -18.07
C ASN E 248 1.11 33.50 -18.66
N THR E 249 0.15 34.37 -18.34
CA THR E 249 0.23 35.80 -18.67
C THR E 249 0.31 36.67 -17.38
N LEU E 250 1.32 37.55 -17.30
CA LEU E 250 1.44 38.49 -16.19
C LEU E 250 1.55 39.90 -16.72
N ASN E 251 0.39 40.54 -16.93
CA ASN E 251 0.32 41.83 -17.64
C ASN E 251 -0.05 43.00 -16.72
N HIS E 252 0.63 44.13 -16.97
CA HIS E 252 0.41 45.40 -16.27
C HIS E 252 0.70 45.28 -14.80
N CYS E 253 1.91 44.80 -14.51
CA CYS E 253 2.32 44.55 -13.17
C CYS E 253 2.87 45.80 -12.57
N ASP E 254 3.78 46.48 -13.28
CA ASP E 254 4.48 47.70 -12.79
C ASP E 254 4.02 49.01 -13.47
N TYR E 255 3.04 48.94 -14.35
CA TYR E 255 2.68 50.06 -15.20
C TYR E 255 1.39 49.76 -15.92
N GLY E 256 0.49 50.74 -15.85
CA GLY E 256 -0.65 50.79 -16.72
C GLY E 256 -1.79 49.91 -16.28
N GLY E 257 -1.94 49.70 -14.97
CA GLY E 257 -3.09 48.98 -14.47
C GLY E 257 -3.04 48.65 -13.00
N ASN E 258 -1.95 48.01 -12.56
CA ASN E 258 -1.82 47.64 -11.17
C ASN E 258 -1.88 48.86 -10.24
N LEU E 259 -2.63 48.72 -9.13
CA LEU E 259 -2.77 49.74 -8.08
C LEU E 259 -2.12 49.37 -6.73
N TRP E 260 -1.73 48.11 -6.52
CA TRP E 260 -1.04 47.77 -5.25
C TRP E 260 0.40 48.33 -5.22
N PRO E 261 0.89 48.70 -4.02
CA PRO E 261 2.28 49.18 -3.86
C PRO E 261 3.35 48.15 -4.25
N THR E 262 4.45 48.65 -4.81
CA THR E 262 5.64 47.86 -5.09
C THR E 262 6.34 47.43 -3.80
N GLU E 263 6.45 48.37 -2.86
N GLU E 263 6.48 48.37 -2.85
CA GLU E 263 7.08 48.13 -1.56
CA GLU E 263 7.11 48.08 -1.56
C GLU E 263 6.25 47.10 -0.77
C GLU E 263 6.25 47.09 -0.79
N PHE E 264 6.88 46.03 -0.28
CA PHE E 264 6.13 44.93 0.40
C PHE E 264 6.84 44.49 1.65
N GLN E 265 6.07 44.44 2.74
CA GLN E 265 6.58 44.10 4.08
C GLN E 265 6.61 42.58 4.32
N LEU E 266 7.81 42.01 4.37
CA LEU E 266 8.02 40.61 4.79
C LEU E 266 8.20 40.66 6.31
N PRO E 267 8.13 39.50 7.00
CA PRO E 267 8.23 39.51 8.47
C PRO E 267 9.41 40.29 9.06
N ASP E 268 10.55 40.36 8.37
CA ASP E 268 11.77 40.95 8.94
C ASP E 268 12.48 41.95 8.02
N ARG E 269 11.92 42.26 6.86
CA ARG E 269 12.52 43.23 5.94
C ARG E 269 11.49 43.68 4.93
N VAL E 270 11.85 44.69 4.15
CA VAL E 270 11.01 45.18 3.08
C VAL E 270 11.66 44.85 1.74
N ILE E 271 10.83 44.51 0.77
CA ILE E 271 11.29 44.28 -0.59
C ILE E 271 10.50 45.12 -1.58
N ASN E 272 10.99 45.17 -2.83
CA ASN E 272 10.32 45.81 -3.94
C ASN E 272 9.94 44.80 -4.98
N LEU E 273 8.64 44.51 -5.00
CA LEU E 273 8.09 43.44 -5.77
C LEU E 273 8.27 43.65 -7.26
N ALA E 274 8.21 42.53 -7.97
CA ALA E 274 8.18 42.49 -9.41
C ALA E 274 7.14 41.46 -9.81
N GLY E 275 6.72 41.50 -11.07
CA GLY E 275 5.77 40.51 -11.60
C GLY E 275 6.28 39.11 -11.33
N PHE E 276 7.59 38.93 -11.53
CA PHE E 276 8.28 37.71 -11.15
C PHE E 276 9.51 38.06 -10.32
N TYR E 277 9.51 37.62 -9.07
CA TYR E 277 10.54 37.99 -8.13
C TYR E 277 11.11 36.70 -7.55
N PHE E 278 12.41 36.52 -7.74
CA PHE E 278 13.12 35.39 -7.16
C PHE E 278 14.42 35.82 -6.49
N ASP E 279 14.53 35.63 -5.18
CA ASP E 279 15.77 35.90 -4.47
C ASP E 279 16.11 34.83 -3.40
N ASN E 280 16.71 33.73 -3.83
CA ASN E 280 17.15 32.69 -2.89
C ASN E 280 18.37 31.90 -3.39
N ALA E 281 19.52 32.20 -2.80
CA ALA E 281 20.77 31.52 -3.14
C ALA E 281 20.72 30.00 -2.97
N ALA E 282 19.83 29.50 -2.10
CA ALA E 282 19.68 28.08 -1.81
C ALA E 282 18.51 27.41 -2.52
N ALA E 283 17.98 27.99 -3.60
CA ALA E 283 16.85 27.36 -4.28
C ALA E 283 16.97 27.58 -5.77
N ARG E 284 16.29 26.75 -6.54
CA ARG E 284 16.31 26.86 -7.99
C ARG E 284 14.97 27.40 -8.51
N LEU E 285 15.07 28.22 -9.55
CA LEU E 285 13.92 28.75 -10.27
C LEU E 285 13.11 27.60 -10.89
N PRO E 286 11.79 27.82 -11.14
CA PRO E 286 11.02 26.87 -11.92
C PRO E 286 11.43 26.86 -13.38
N ASN E 287 11.00 25.82 -14.09
CA ASN E 287 11.00 25.85 -15.53
C ASN E 287 10.04 26.97 -16.01
N PHE E 288 10.48 27.74 -17.02
CA PHE E 288 9.79 28.98 -17.44
C PHE E 288 9.71 29.03 -18.97
N SER E 289 8.55 28.62 -19.52
CA SER E 289 8.35 28.53 -20.99
C SER E 289 6.93 28.93 -21.39
N GLY E 290 6.78 29.64 -22.51
CA GLY E 290 5.45 30.03 -23.02
C GLY E 290 4.71 31.14 -22.26
N ASN E 291 5.45 32.02 -21.55
CA ASN E 291 4.83 33.06 -20.74
C ASN E 291 4.82 34.44 -21.42
N SER E 292 3.69 35.13 -21.24
CA SER E 292 3.51 36.49 -21.77
C SER E 292 3.72 37.52 -20.66
N GLN E 293 4.55 38.53 -20.97
CA GLN E 293 4.93 39.61 -20.06
C GLN E 293 4.80 40.97 -20.78
N TRP E 294 3.61 41.56 -20.69
CA TRP E 294 3.37 42.93 -21.14
C TRP E 294 3.39 43.77 -19.88
N TYR E 295 4.52 44.45 -19.65
CA TYR E 295 4.82 45.10 -18.35
C TYR E 295 4.80 44.08 -17.20
N GLY E 296 5.48 42.95 -17.46
CA GLY E 296 5.66 41.87 -16.52
C GLY E 296 7.12 41.91 -16.14
N ASP E 297 7.43 42.84 -15.23
CA ASP E 297 8.81 43.06 -14.79
C ASP E 297 9.30 41.83 -14.04
N MET E 298 10.61 41.64 -14.05
CA MET E 298 11.21 40.42 -13.54
C MET E 298 12.54 40.73 -12.86
N LYS E 299 12.75 40.14 -11.69
CA LYS E 299 13.99 40.29 -10.95
C LYS E 299 14.53 38.93 -10.49
N LEU E 300 15.61 38.50 -11.13
CA LEU E 300 16.33 37.29 -10.77
C LEU E 300 17.55 37.74 -9.97
N ILE E 301 17.36 37.82 -8.66
CA ILE E 301 18.33 38.45 -7.75
C ILE E 301 19.37 37.44 -7.29
N ASN E 302 18.90 36.23 -6.93
CA ASN E 302 19.80 35.16 -6.52
C ASN E 302 19.15 33.78 -6.66
N PHE E 303 19.94 32.80 -7.10
CA PHE E 303 19.51 31.38 -7.21
C PHE E 303 20.71 30.45 -7.02
N LEU E 304 20.42 29.16 -6.80
CA LEU E 304 21.46 28.12 -6.63
C LEU E 304 22.43 28.07 -7.83
N PRO E 305 23.76 28.08 -7.57
CA PRO E 305 24.71 28.13 -8.69
C PRO E 305 24.71 26.91 -9.63
N ASP E 306 24.38 25.72 -9.11
CA ASP E 306 24.34 24.52 -9.95
C ASP E 306 22.97 24.43 -10.62
N SER E 307 22.77 25.34 -11.57
CA SER E 307 21.51 25.49 -12.30
C SER E 307 21.74 26.45 -13.47
N THR E 308 20.85 26.41 -14.45
CA THR E 308 20.72 27.47 -15.42
C THR E 308 19.24 27.85 -15.42
N PHE E 309 18.90 28.97 -16.05
CA PHE E 309 17.52 29.44 -16.20
C PHE E 309 17.31 29.94 -17.61
N VAL E 310 16.17 29.62 -18.21
CA VAL E 310 15.86 30.12 -19.51
C VAL E 310 14.49 30.79 -19.47
N ILE E 311 14.43 31.98 -20.05
CA ILE E 311 13.16 32.58 -20.43
C ILE E 311 12.92 32.06 -21.83
N ASN E 312 12.11 30.98 -21.93
CA ASN E 312 11.94 30.28 -23.19
C ASN E 312 10.59 30.57 -23.80
N GLY E 313 10.53 30.81 -25.11
CA GLY E 313 9.25 31.00 -25.82
C GLY E 313 8.31 32.01 -25.19
N GLY E 314 8.87 33.17 -24.80
CA GLY E 314 8.10 34.20 -24.11
C GLY E 314 7.77 35.36 -25.04
N ALA E 315 6.81 36.18 -24.60
CA ALA E 315 6.47 37.41 -25.26
C ALA E 315 6.83 38.53 -24.26
N LEU E 316 7.81 39.38 -24.62
CA LEU E 316 8.37 40.38 -23.71
C LEU E 316 8.18 41.80 -24.24
N TYR E 317 7.13 42.46 -23.76
CA TYR E 317 6.73 43.78 -24.23
C TYR E 317 6.77 44.76 -23.09
N GLY E 318 7.53 45.83 -23.28
CA GLY E 318 7.63 46.92 -22.31
C GLY E 318 7.96 48.24 -22.99
N GLY E 319 8.37 49.23 -22.19
CA GLY E 319 8.63 50.60 -22.65
C GLY E 319 7.32 51.38 -22.82
N PRO E 320 7.37 52.71 -22.86
CA PRO E 320 8.59 53.52 -22.78
C PRO E 320 9.16 53.63 -21.37
N GLY E 321 10.42 53.99 -21.28
CA GLY E 321 11.11 54.11 -20.01
C GLY E 321 11.38 52.78 -19.33
N ASP E 322 11.64 52.84 -18.03
CA ASP E 322 11.94 51.66 -17.23
C ASP E 322 10.63 51.03 -16.78
N THR E 323 9.91 50.45 -17.75
CA THR E 323 8.63 49.78 -17.48
C THR E 323 8.67 48.38 -18.08
N GLY E 324 8.39 47.37 -17.24
CA GLY E 324 8.42 45.98 -17.67
C GLY E 324 9.83 45.40 -17.72
N VAL E 325 10.75 46.00 -16.96
CA VAL E 325 12.17 45.68 -17.07
C VAL E 325 12.47 44.28 -16.51
N ILE E 326 13.27 43.51 -17.28
CA ILE E 326 13.71 42.16 -16.90
C ILE E 326 15.18 42.33 -16.51
N ALA E 327 15.53 42.02 -15.27
CA ALA E 327 16.91 42.19 -14.81
C ALA E 327 17.45 40.96 -14.05
N VAL E 328 18.72 40.63 -14.30
CA VAL E 328 19.46 39.54 -13.65
C VAL E 328 20.73 40.03 -12.94
N ALA E 329 21.00 39.46 -11.76
CA ALA E 329 22.22 39.79 -11.01
C ALA E 329 23.47 39.49 -11.85
N THR E 330 24.35 40.49 -11.96
CA THR E 330 25.60 40.38 -12.75
C THR E 330 26.37 39.09 -12.47
N ALA E 331 26.46 38.71 -11.19
CA ALA E 331 27.21 37.52 -10.76
C ALA E 331 26.70 36.23 -11.41
N LEU E 332 25.40 36.16 -11.69
CA LEU E 332 24.75 34.97 -12.24
C LEU E 332 24.29 35.10 -13.69
N ALA E 333 24.63 36.18 -14.38
CA ALA E 333 24.04 36.46 -15.69
C ALA E 333 24.41 35.43 -16.72
N ALA E 334 25.64 34.91 -16.65
CA ALA E 334 26.09 33.86 -17.56
C ALA E 334 25.24 32.58 -17.52
N LYS E 335 24.50 32.35 -16.43
CA LYS E 335 23.61 31.21 -16.29
C LYS E 335 22.17 31.45 -16.76
N VAL E 336 21.87 32.64 -17.28
CA VAL E 336 20.51 32.97 -17.73
C VAL E 336 20.50 33.13 -19.23
N PHE E 337 19.50 32.53 -19.87
CA PHE E 337 19.35 32.62 -21.32
C PHE E 337 17.92 33.08 -21.64
N VAL E 338 17.77 33.65 -22.84
CA VAL E 338 16.48 34.12 -23.34
C VAL E 338 16.35 33.55 -24.74
N ILE E 339 15.54 32.49 -24.88
CA ILE E 339 15.50 31.66 -26.08
C ILE E 339 14.12 31.60 -26.68
N GLY E 340 14.04 31.86 -27.98
CA GLY E 340 12.77 31.80 -28.71
C GLY E 340 11.77 32.87 -28.29
N CYS E 341 12.27 34.02 -27.83
CA CYS E 341 11.39 35.09 -27.37
C CYS E 341 11.13 36.13 -28.45
N GLN E 342 9.88 36.62 -28.46
CA GLN E 342 9.46 37.83 -29.19
C GLN E 342 9.28 39.03 -28.25
N GLY E 343 9.36 40.23 -28.82
CA GLY E 343 9.21 41.47 -28.06
C GLY E 343 9.36 42.74 -28.89
N ASN E 344 9.20 43.87 -28.21
CA ASN E 344 9.35 45.20 -28.82
C ASN E 344 10.64 45.87 -28.39
N ALA E 345 10.96 46.99 -29.05
CA ALA E 345 12.20 47.75 -28.77
C ALA E 345 12.28 48.26 -27.33
N GLY E 346 11.17 48.74 -26.80
CA GLY E 346 11.12 49.27 -25.43
C GLY E 346 11.22 48.26 -24.27
N GLN E 347 11.22 46.96 -24.61
CA GLN E 347 11.50 45.93 -23.62
C GLN E 347 13.00 45.92 -23.34
N GLN E 348 13.37 46.25 -22.10
CA GLN E 348 14.75 46.17 -21.64
C GLN E 348 15.03 44.81 -21.01
N ILE E 349 16.22 44.30 -21.31
CA ILE E 349 16.75 43.09 -20.73
C ILE E 349 18.13 43.43 -20.19
N VAL E 350 18.28 43.36 -18.87
CA VAL E 350 19.46 43.89 -18.18
C VAL E 350 20.37 42.79 -17.62
N ASN E 351 21.65 42.87 -18.00
CA ASN E 351 22.78 42.03 -17.54
C ASN E 351 22.93 40.66 -18.21
N VAL E 352 21.87 40.10 -18.75
CA VAL E 352 21.98 38.91 -19.61
C VAL E 352 22.93 39.18 -20.81
N PRO E 353 24.02 38.40 -20.96
CA PRO E 353 24.87 38.61 -22.12
C PRO E 353 24.15 38.44 -23.46
N ALA E 354 24.59 39.21 -24.46
CA ALA E 354 24.02 39.20 -25.81
C ALA E 354 24.06 37.85 -26.46
N ALA E 355 25.16 37.14 -26.25
CA ALA E 355 25.34 35.79 -26.76
C ALA E 355 24.30 34.80 -26.18
N ASN E 356 23.74 35.11 -25.01
CA ASN E 356 22.71 34.25 -24.35
C ASN E 356 21.28 34.57 -24.78
N ILE E 357 21.10 35.48 -25.75
CA ILE E 357 19.75 35.90 -26.21
C ILE E 357 19.61 35.48 -27.67
N ILE E 358 18.85 34.42 -27.93
CA ILE E 358 18.73 33.84 -29.27
C ILE E 358 17.24 33.56 -29.56
N PRO E 359 16.59 34.25 -30.51
CA PRO E 359 17.14 35.38 -31.27
C PRO E 359 17.10 36.64 -30.45
N GLU E 360 17.66 37.72 -31.01
CA GLU E 360 17.69 39.04 -30.36
C GLU E 360 16.26 39.51 -30.12
N VAL E 361 16.06 40.10 -28.95
CA VAL E 361 14.76 40.62 -28.55
C VAL E 361 14.96 41.83 -27.66
N GLY E 362 14.16 42.88 -27.88
CA GLY E 362 14.19 44.07 -27.05
C GLY E 362 15.48 44.88 -27.14
N THR E 363 15.78 45.61 -26.07
CA THR E 363 16.99 46.43 -25.98
C THR E 363 17.82 46.01 -24.77
N ARG E 364 19.02 45.55 -25.06
CA ARG E 364 19.87 44.92 -24.10
C ARG E 364 20.83 45.94 -23.53
N LYS E 365 21.09 45.82 -22.24
CA LYS E 365 21.89 46.80 -21.52
C LYS E 365 22.53 46.14 -20.32
N ASP E 366 23.65 46.70 -19.87
CA ASP E 366 24.29 46.28 -18.62
C ASP E 366 24.10 47.38 -17.60
N ASP E 367 23.83 46.99 -16.35
CA ASP E 367 23.61 47.90 -15.26
C ASP E 367 23.79 47.14 -13.94
N ALA E 368 24.98 47.27 -13.36
CA ALA E 368 25.34 46.50 -12.17
C ALA E 368 24.50 46.83 -10.93
N THR E 369 23.82 47.99 -10.90
CA THR E 369 22.89 48.29 -9.81
C THR E 369 21.56 47.51 -9.87
N GLN E 370 21.21 46.95 -11.02
CA GLN E 370 19.98 46.15 -11.13
C GLN E 370 20.28 44.64 -11.14
N PRO E 371 19.39 43.81 -10.58
CA PRO E 371 18.11 44.23 -9.97
C PRO E 371 18.37 44.51 -8.53
N ALA E 372 17.63 45.45 -7.94
CA ALA E 372 17.67 45.67 -6.49
C ALA E 372 16.56 44.83 -5.86
N ALA E 373 16.68 44.64 -4.56
CA ALA E 373 15.77 43.76 -3.82
C ALA E 373 14.45 44.45 -3.50
N GLY F 29 -35.45 25.98 -8.38
CA GLY F 29 -34.92 26.35 -9.73
C GLY F 29 -34.75 25.14 -10.64
N THR F 30 -35.86 24.47 -10.96
CA THR F 30 -35.85 23.35 -11.93
C THR F 30 -36.77 23.67 -13.10
N LEU F 31 -36.17 23.73 -14.29
CA LEU F 31 -36.77 24.27 -15.49
C LEU F 31 -37.10 23.09 -16.40
N LEU F 32 -38.40 22.84 -16.60
CA LEU F 32 -38.87 21.70 -17.37
C LEU F 32 -38.92 22.08 -18.84
N PRO F 33 -38.85 21.09 -19.75
CA PRO F 33 -39.11 21.38 -21.16
C PRO F 33 -40.52 21.96 -21.34
N GLY F 34 -40.62 23.00 -22.15
CA GLY F 34 -41.89 23.67 -22.34
C GLY F 34 -42.14 24.88 -21.46
N GLN F 35 -41.52 24.98 -20.29
CA GLN F 35 -41.66 26.20 -19.49
C GLN F 35 -40.84 27.33 -20.12
N SER F 36 -41.19 28.59 -19.82
CA SER F 36 -40.46 29.74 -20.36
C SER F 36 -39.08 29.82 -19.72
N PRO F 37 -38.00 29.57 -20.49
CA PRO F 37 -36.68 29.81 -19.89
C PRO F 37 -36.49 31.26 -19.40
N ASP F 38 -37.12 32.23 -20.05
CA ASP F 38 -36.95 33.64 -19.69
C ASP F 38 -37.48 33.90 -18.28
N GLU F 39 -38.65 33.37 -17.96
CA GLU F 39 -39.26 33.50 -16.63
C GLU F 39 -38.34 32.88 -15.58
N ALA F 40 -37.91 31.63 -15.83
CA ALA F 40 -37.08 30.88 -14.92
C ALA F 40 -35.75 31.59 -14.61
N PHE F 41 -35.07 32.11 -15.63
CA PHE F 41 -33.83 32.87 -15.37
C PHE F 41 -34.06 34.20 -14.59
N ALA F 42 -35.15 34.90 -14.86
CA ALA F 42 -35.56 36.09 -14.10
C ALA F 42 -35.90 35.79 -12.63
N ARG F 43 -36.56 34.66 -12.36
CA ARG F 43 -36.97 34.32 -11.00
C ARG F 43 -35.89 33.66 -10.12
N ASN F 44 -34.86 33.09 -10.72
CA ASN F 44 -33.87 32.30 -9.96
C ASN F 44 -32.45 32.71 -10.25
N SER F 45 -31.61 32.67 -9.22
CA SER F 45 -30.17 32.86 -9.38
C SER F 45 -29.48 31.61 -10.00
N VAL F 46 -30.05 30.42 -9.74
CA VAL F 46 -29.51 29.14 -10.23
C VAL F 46 -30.62 28.21 -10.73
N VAL F 47 -30.43 27.64 -11.91
CA VAL F 47 -31.44 26.82 -12.54
C VAL F 47 -30.80 25.49 -12.94
N PHE F 48 -31.53 24.41 -12.67
CA PHE F 48 -31.15 23.04 -12.98
C PHE F 48 -32.10 22.47 -14.02
N LEU F 49 -31.57 21.97 -15.13
CA LEU F 49 -32.42 21.35 -16.15
C LEU F 49 -32.71 19.90 -15.77
N VAL F 50 -33.79 19.38 -16.37
CA VAL F 50 -34.17 17.96 -16.21
C VAL F 50 -33.06 17.12 -16.84
N PRO F 51 -32.45 16.20 -16.07
CA PRO F 51 -31.26 15.53 -16.64
C PRO F 51 -31.53 14.77 -17.90
N GLY F 52 -30.74 15.06 -18.93
CA GLY F 52 -30.84 14.38 -20.20
C GLY F 52 -32.02 14.78 -21.10
N ALA F 53 -32.86 15.71 -20.67
CA ALA F 53 -34.06 16.07 -21.44
C ALA F 53 -33.72 16.93 -22.68
N GLU F 54 -34.69 17.07 -23.57
CA GLU F 54 -34.54 17.86 -24.80
C GLU F 54 -35.36 19.15 -24.68
N TYR F 55 -34.73 20.29 -24.97
CA TYR F 55 -35.39 21.58 -24.91
C TYR F 55 -35.44 22.14 -26.31
N ASN F 56 -36.39 23.03 -26.56
CA ASN F 56 -36.42 23.83 -27.78
C ASN F 56 -36.58 25.30 -27.42
N TRP F 57 -35.52 26.08 -27.60
CA TRP F 57 -35.44 27.48 -27.17
C TRP F 57 -35.04 28.41 -28.33
N LYS F 58 -35.57 29.62 -28.29
CA LYS F 58 -35.35 30.61 -29.33
C LYS F 58 -35.43 32.01 -28.75
N ASN F 59 -34.37 32.81 -28.95
CA ASN F 59 -34.30 34.21 -28.51
C ASN F 59 -34.62 34.37 -27.02
N VAL F 60 -33.99 33.54 -26.20
CA VAL F 60 -34.11 33.69 -24.75
C VAL F 60 -33.28 34.92 -24.37
N VAL F 61 -33.76 35.67 -23.39
CA VAL F 61 -33.05 36.85 -22.90
C VAL F 61 -32.72 36.64 -21.43
N ILE F 62 -31.44 36.75 -21.11
CA ILE F 62 -30.93 36.76 -19.75
C ILE F 62 -30.48 38.20 -19.45
N ARG F 63 -31.04 38.79 -18.40
CA ARG F 63 -30.78 40.20 -18.06
C ARG F 63 -30.04 40.39 -16.74
N LYS F 64 -29.93 39.34 -15.94
CA LYS F 64 -29.12 39.38 -14.73
C LYS F 64 -28.37 38.06 -14.56
N PRO F 65 -27.30 38.05 -13.74
CA PRO F 65 -26.51 36.80 -13.66
C PRO F 65 -27.33 35.59 -13.21
N VAL F 66 -27.13 34.49 -13.91
CA VAL F 66 -27.80 33.23 -13.61
C VAL F 66 -26.83 32.11 -13.95
N TRP F 67 -26.90 31.05 -13.14
CA TRP F 67 -26.17 29.83 -13.38
C TRP F 67 -27.12 28.79 -13.91
N ILE F 68 -26.70 28.09 -14.98
CA ILE F 68 -27.43 26.97 -15.53
C ILE F 68 -26.62 25.67 -15.32
N TYR F 69 -27.23 24.69 -14.63
CA TYR F 69 -26.74 23.32 -14.51
C TYR F 69 -27.51 22.45 -15.52
N GLY F 70 -26.89 22.26 -16.68
CA GLY F 70 -27.51 21.57 -17.80
C GLY F 70 -27.80 20.10 -17.65
N ASN F 71 -27.04 19.40 -16.80
CA ASN F 71 -27.31 18.00 -16.43
C ASN F 71 -27.39 17.07 -17.64
N GLY F 72 -26.59 17.36 -18.66
CA GLY F 72 -26.59 16.57 -19.87
C GLY F 72 -27.81 16.71 -20.77
N ALA F 73 -28.61 17.77 -20.59
CA ALA F 73 -29.69 18.11 -21.52
C ALA F 73 -29.14 18.59 -22.86
N THR F 74 -30.07 18.69 -23.80
CA THR F 74 -29.83 19.20 -25.14
C THR F 74 -30.84 20.30 -25.42
N VAL F 75 -30.34 21.40 -25.97
CA VAL F 75 -31.16 22.53 -26.34
C VAL F 75 -31.12 22.66 -27.85
N LYS F 76 -32.27 22.49 -28.50
CA LYS F 76 -32.42 22.71 -29.93
C LYS F 76 -33.13 24.03 -30.19
N THR F 77 -33.14 24.45 -31.44
CA THR F 77 -33.79 25.67 -31.85
C THR F 77 -34.27 25.60 -33.31
N SER F 78 -35.00 26.60 -33.73
CA SER F 78 -35.20 26.87 -35.17
C SER F 78 -35.55 28.36 -35.42
N GLY F 79 -35.27 28.81 -36.65
CA GLY F 79 -35.46 30.20 -37.06
C GLY F 79 -34.21 31.01 -36.77
N LEU F 80 -34.28 32.34 -36.93
CA LEU F 80 -33.13 33.21 -36.67
C LEU F 80 -32.77 33.21 -35.19
N GLY F 81 -31.47 33.07 -34.91
CA GLY F 81 -30.95 32.91 -33.53
C GLY F 81 -30.71 34.31 -33.02
N PRO F 82 -30.03 34.48 -31.90
CA PRO F 82 -29.39 33.43 -31.13
C PRO F 82 -30.38 32.62 -30.29
N ILE F 83 -29.92 31.51 -29.73
CA ILE F 83 -30.72 30.73 -28.78
C ILE F 83 -30.85 31.53 -27.46
N ILE F 84 -29.74 32.07 -26.95
CA ILE F 84 -29.76 32.92 -25.74
C ILE F 84 -28.97 34.21 -25.98
N HIS F 85 -29.63 35.34 -25.64
CA HIS F 85 -29.02 36.67 -25.65
C HIS F 85 -28.77 37.07 -24.20
N ILE F 86 -27.50 37.27 -23.85
CA ILE F 86 -27.12 37.51 -22.47
C ILE F 86 -26.63 38.96 -22.33
N MET F 87 -27.40 39.75 -21.58
CA MET F 87 -27.10 41.16 -21.32
C MET F 87 -26.26 41.19 -20.04
N GLY F 88 -24.99 41.53 -20.18
CA GLY F 88 -24.04 41.50 -19.06
C GLY F 88 -24.10 42.70 -18.14
N ASP F 89 -23.44 42.57 -16.99
CA ASP F 89 -23.33 43.61 -15.96
C ASP F 89 -21.98 43.38 -15.30
N LEU F 90 -20.95 44.06 -15.80
CA LEU F 90 -19.55 43.84 -15.36
C LEU F 90 -19.26 44.25 -13.89
N ASP F 91 -20.08 45.14 -13.34
CA ASP F 91 -19.99 45.52 -11.91
C ASP F 91 -20.45 44.39 -10.97
N ASN F 92 -21.46 43.62 -11.39
CA ASN F 92 -21.99 42.51 -10.61
C ASN F 92 -20.94 41.39 -10.55
N PRO F 93 -20.50 40.99 -9.32
CA PRO F 93 -19.44 39.96 -9.22
C PRO F 93 -19.87 38.56 -9.67
N MET F 94 -21.17 38.22 -9.58
CA MET F 94 -21.64 36.86 -9.94
C MET F 94 -21.65 36.73 -11.46
N ASP F 95 -20.98 35.69 -11.94
CA ASP F 95 -20.90 35.43 -13.37
C ASP F 95 -22.17 34.76 -13.84
N VAL F 96 -22.39 34.79 -15.15
CA VAL F 96 -23.31 33.85 -15.78
C VAL F 96 -22.48 32.55 -15.99
N ARG F 97 -23.05 31.40 -15.64
CA ARG F 97 -22.33 30.14 -15.77
C ARG F 97 -23.21 29.12 -16.42
N ILE F 98 -22.71 28.52 -17.51
CA ILE F 98 -23.43 27.42 -18.19
C ILE F 98 -22.52 26.18 -18.21
N GLN F 99 -23.00 25.10 -17.58
CA GLN F 99 -22.23 23.85 -17.48
C GLN F 99 -23.03 22.69 -18.03
N ASP F 100 -22.35 21.76 -18.71
CA ASP F 100 -22.91 20.41 -18.98
C ASP F 100 -24.15 20.43 -19.89
N LEU F 101 -24.08 21.26 -20.93
CA LEU F 101 -25.24 21.55 -21.77
C LEU F 101 -24.89 21.46 -23.26
N THR F 102 -25.73 20.75 -24.01
CA THR F 102 -25.56 20.66 -25.47
C THR F 102 -26.49 21.63 -26.20
N PHE F 103 -25.92 22.37 -27.15
CA PHE F 103 -26.67 23.27 -28.03
C PHE F 103 -26.56 22.76 -29.44
N ILE F 104 -27.70 22.59 -30.12
CA ILE F 104 -27.75 22.14 -31.53
C ILE F 104 -28.36 23.24 -32.42
N GLY F 105 -27.57 23.77 -33.36
CA GLY F 105 -28.03 24.83 -34.27
C GLY F 105 -28.81 24.37 -35.49
N GLY F 106 -28.95 23.06 -35.66
CA GLY F 106 -29.71 22.49 -36.76
C GLY F 106 -28.98 21.31 -37.38
N ASP F 107 -29.27 21.03 -38.66
CA ASP F 107 -28.66 19.93 -39.37
C ASP F 107 -27.28 20.31 -39.85
N SER F 108 -26.56 19.27 -40.27
CA SER F 108 -25.25 19.38 -40.90
C SER F 108 -25.14 20.61 -41.84
N PRO F 109 -24.01 21.32 -41.82
CA PRO F 109 -23.89 22.57 -42.59
C PRO F 109 -23.75 22.37 -44.09
N ASP F 110 -24.35 23.25 -44.90
CA ASP F 110 -23.94 23.37 -46.31
C ASP F 110 -22.75 24.31 -46.28
N ARG F 111 -21.56 23.75 -46.41
CA ARG F 111 -20.32 24.50 -46.20
C ARG F 111 -19.98 25.41 -47.37
N LEU F 112 -20.67 25.25 -48.51
CA LEU F 112 -20.48 26.09 -49.71
C LEU F 112 -21.26 27.41 -49.73
N VAL F 113 -22.36 27.50 -48.97
CA VAL F 113 -23.10 28.75 -48.87
C VAL F 113 -22.16 29.89 -48.41
N PRO F 114 -22.14 31.02 -49.14
CA PRO F 114 -21.27 32.12 -48.67
C PRO F 114 -21.77 32.70 -47.34
N PHE F 115 -20.85 33.02 -46.45
CA PHE F 115 -21.23 33.62 -45.15
C PHE F 115 -21.78 35.02 -45.40
N SER F 116 -22.68 35.47 -44.53
CA SER F 116 -23.46 36.70 -44.74
C SER F 116 -23.93 37.28 -43.42
N ALA F 117 -24.38 38.53 -43.45
CA ALA F 117 -24.89 39.19 -42.24
C ALA F 117 -26.07 38.42 -41.63
N VAL F 118 -27.01 37.97 -42.45
CA VAL F 118 -28.12 37.21 -41.89
C VAL F 118 -27.64 35.91 -41.16
N LEU F 119 -26.62 35.24 -41.69
CA LEU F 119 -26.08 34.03 -41.07
C LEU F 119 -25.32 34.29 -39.74
N THR F 120 -24.81 35.52 -39.53
CA THR F 120 -24.20 35.89 -38.22
C THR F 120 -25.17 35.76 -37.05
N ASN F 121 -26.47 35.90 -37.32
CA ASN F 121 -27.50 35.64 -36.31
C ASN F 121 -27.57 34.21 -35.75
N GLN F 122 -27.01 33.23 -36.47
CA GLN F 122 -27.23 31.83 -36.13
C GLN F 122 -26.19 31.42 -35.07
N MET F 123 -26.44 31.90 -33.84
CA MET F 123 -25.56 31.69 -32.68
C MET F 123 -26.28 30.89 -31.58
N ALA F 124 -25.48 30.24 -30.73
CA ALA F 124 -25.98 29.63 -29.50
C ALA F 124 -26.08 30.73 -28.44
N LEU F 125 -24.96 31.38 -28.19
CA LEU F 125 -24.83 32.31 -27.05
C LEU F 125 -24.26 33.62 -27.55
N TRP F 126 -25.10 34.66 -27.52
CA TRP F 126 -24.70 36.03 -27.83
C TRP F 126 -24.61 36.78 -26.50
N CYS F 127 -23.41 37.19 -26.13
CA CYS F 127 -23.11 37.72 -24.80
C CYS F 127 -22.55 39.13 -24.93
N ILE F 128 -23.20 40.10 -24.29
CA ILE F 128 -22.70 41.47 -24.26
C ILE F 128 -22.21 41.83 -22.85
N ASP F 129 -21.08 42.52 -22.79
CA ASP F 129 -20.40 42.87 -21.53
C ASP F 129 -20.21 41.63 -20.62
N PRO F 130 -19.52 40.60 -21.14
CA PRO F 130 -19.63 39.29 -20.53
C PRO F 130 -18.73 39.04 -19.31
N ARG F 131 -19.39 38.58 -18.25
CA ARG F 131 -18.74 37.95 -17.13
C ARG F 131 -19.35 36.53 -17.16
N ILE F 132 -18.64 35.59 -17.77
CA ILE F 132 -19.26 34.31 -18.11
C ILE F 132 -18.27 33.13 -18.04
N THR F 133 -18.82 31.98 -17.64
CA THR F 133 -18.12 30.72 -17.55
C THR F 133 -18.92 29.69 -18.36
N ILE F 134 -18.31 29.14 -19.42
CA ILE F 134 -18.95 28.07 -20.21
C ILE F 134 -18.04 26.83 -20.12
N ARG F 135 -18.57 25.75 -19.53
CA ARG F 135 -17.77 24.55 -19.17
C ARG F 135 -18.50 23.25 -19.52
N GLY F 136 -17.81 22.36 -20.21
CA GLY F 136 -18.35 21.01 -20.44
C GLY F 136 -19.57 21.02 -21.33
N CYS F 137 -19.67 22.03 -22.20
CA CYS F 137 -20.82 22.17 -23.14
C CYS F 137 -20.42 21.70 -24.53
N SER F 138 -21.43 21.43 -25.34
CA SER F 138 -21.22 21.04 -26.71
C SER F 138 -22.03 21.94 -27.64
N PHE F 139 -21.47 22.23 -28.80
CA PHE F 139 -22.08 23.11 -29.79
C PHE F 139 -22.00 22.48 -31.17
N TYR F 140 -23.16 22.21 -31.78
CA TYR F 140 -23.23 21.49 -33.05
C TYR F 140 -23.97 22.29 -34.11
N ASN F 141 -23.36 22.40 -35.31
CA ASN F 141 -24.07 22.89 -36.52
C ASN F 141 -24.65 24.33 -36.47
N PHE F 142 -23.85 25.27 -36.00
CA PHE F 142 -24.27 26.67 -35.98
C PHE F 142 -23.86 27.34 -37.30
N GLY F 143 -24.83 28.01 -37.94
CA GLY F 143 -24.55 28.80 -39.15
C GLY F 143 -23.66 30.02 -38.97
N GLY F 144 -23.58 30.56 -37.76
CA GLY F 144 -22.63 31.61 -37.40
C GLY F 144 -21.70 31.16 -36.28
N ALA F 145 -21.39 32.08 -35.34
CA ALA F 145 -20.59 31.75 -34.17
C ALA F 145 -21.42 31.00 -33.15
N ALA F 146 -20.93 29.86 -32.66
CA ALA F 146 -21.61 29.17 -31.57
C ALA F 146 -21.73 30.09 -30.35
N ILE F 147 -20.60 30.76 -30.01
CA ILE F 147 -20.50 31.68 -28.89
C ILE F 147 -19.93 33.00 -29.44
N TYR F 148 -20.63 34.10 -29.18
CA TYR F 148 -20.19 35.44 -29.58
C TYR F 148 -20.21 36.30 -28.35
N LEU F 149 -19.08 36.99 -28.16
CA LEU F 149 -18.87 37.86 -27.02
C LEU F 149 -18.49 39.25 -27.58
N GLU F 150 -19.22 40.28 -27.11
CA GLU F 150 -18.95 41.66 -27.46
C GLU F 150 -19.07 42.61 -26.29
N ARG F 151 -18.53 43.80 -26.50
CA ARG F 151 -18.49 44.84 -25.50
C ARG F 151 -19.37 46.00 -25.99
N SER F 152 -20.27 46.48 -25.13
CA SER F 152 -21.22 47.57 -25.50
C SER F 152 -20.49 48.89 -25.72
N GLU F 153 -19.45 49.15 -24.94
CA GLU F 153 -18.60 50.29 -25.20
C GLU F 153 -17.13 49.96 -24.98
N ARG F 154 -16.26 50.71 -25.61
CA ARG F 154 -14.82 50.52 -25.48
C ARG F 154 -14.34 50.83 -24.06
N ASP F 155 -13.27 50.16 -23.62
CA ASP F 155 -12.63 50.45 -22.34
C ASP F 155 -11.55 51.51 -22.56
N GLY F 163 -14.46 41.01 -16.33
CA GLY F 163 -14.88 39.99 -17.29
C GLY F 163 -14.37 38.62 -16.89
N GLN F 164 -13.05 38.46 -16.83
CA GLN F 164 -12.39 37.20 -16.46
C GLN F 164 -13.15 35.98 -17.08
N VAL F 165 -13.48 36.04 -18.39
CA VAL F 165 -14.26 34.99 -19.10
C VAL F 165 -13.50 33.64 -19.18
N MET F 166 -14.22 32.51 -19.07
CA MET F 166 -13.59 31.18 -19.16
C MET F 166 -14.44 30.24 -20.00
N ILE F 167 -13.85 29.68 -21.06
CA ILE F 167 -14.52 28.66 -21.86
C ILE F 167 -13.62 27.43 -21.96
N THR F 168 -13.99 26.36 -21.26
CA THR F 168 -13.14 25.17 -21.16
C THR F 168 -13.93 23.87 -21.36
N ASP F 169 -13.22 22.82 -21.77
CA ASP F 169 -13.78 21.46 -21.90
C ASP F 169 -15.04 21.42 -22.78
N CYS F 170 -15.11 22.26 -23.82
CA CYS F 170 -16.27 22.22 -24.70
C CYS F 170 -15.96 21.53 -26.01
N ARG F 171 -17.01 21.05 -26.65
CA ARG F 171 -16.88 20.46 -27.98
C ARG F 171 -17.61 21.32 -29.01
N PHE F 172 -16.94 21.52 -30.15
CA PHE F 172 -17.52 22.18 -31.33
C PHE F 172 -17.44 21.25 -32.53
N ARG F 173 -18.58 21.02 -33.20
CA ARG F 173 -18.66 20.24 -34.44
C ARG F 173 -19.63 20.89 -35.44
N GLY F 174 -19.18 21.03 -36.69
CA GLY F 174 -19.99 21.53 -37.79
C GLY F 174 -20.38 23.01 -37.74
N CYS F 175 -19.61 23.84 -37.03
CA CYS F 175 -19.97 25.24 -36.79
C CYS F 175 -19.18 26.13 -37.72
N ARG F 176 -19.82 27.20 -38.20
CA ARG F 176 -19.12 28.20 -39.01
C ARG F 176 -17.96 28.77 -38.25
N ILE F 177 -18.27 29.31 -37.09
CA ILE F 177 -17.30 29.91 -36.20
C ILE F 177 -17.54 29.27 -34.84
N GLY F 178 -16.46 28.98 -34.13
CA GLY F 178 -16.55 28.42 -32.80
C GLY F 178 -16.81 29.50 -31.77
N ILE F 179 -15.81 30.33 -31.51
CA ILE F 179 -15.87 31.37 -30.50
C ILE F 179 -15.37 32.64 -31.13
N ALA F 180 -16.20 33.70 -31.07
CA ALA F 180 -15.85 35.02 -31.59
C ALA F 180 -15.82 36.03 -30.44
N ASN F 181 -14.65 36.56 -30.12
CA ASN F 181 -14.56 37.64 -29.15
C ASN F 181 -14.34 38.99 -29.86
N GLY F 182 -15.29 39.91 -29.68
CA GLY F 182 -15.20 41.25 -30.24
C GLY F 182 -14.22 42.14 -29.47
N GLY F 183 -13.95 43.34 -30.00
CA GLY F 183 -13.06 44.31 -29.33
C GLY F 183 -13.44 44.60 -27.88
N SER F 184 -12.42 44.85 -27.07
CA SER F 184 -12.57 45.10 -25.62
C SER F 184 -13.19 43.96 -24.76
N VAL F 185 -13.40 42.77 -25.35
CA VAL F 185 -13.59 41.55 -24.57
C VAL F 185 -12.20 40.90 -24.44
N GLU F 186 -11.53 41.19 -23.32
CA GLU F 186 -10.12 40.87 -23.19
C GLU F 186 -9.86 39.88 -22.06
N TYR F 187 -8.68 39.26 -22.07
CA TYR F 187 -8.19 38.51 -20.89
C TYR F 187 -9.09 37.31 -20.51
N GLY F 188 -9.76 36.75 -21.52
CA GLY F 188 -10.48 35.51 -21.39
C GLY F 188 -9.53 34.33 -21.53
N LEU F 189 -10.06 33.15 -21.26
CA LEU F 189 -9.33 31.91 -21.34
C LEU F 189 -10.19 30.94 -22.16
N ALA F 190 -9.69 30.48 -23.31
CA ALA F 190 -10.35 29.34 -24.01
C ALA F 190 -9.35 28.18 -24.07
N SER F 191 -9.61 27.15 -23.27
CA SER F 191 -8.69 26.05 -23.14
C SER F 191 -9.34 24.67 -23.01
N GLN F 192 -8.58 23.64 -23.41
CA GLN F 192 -9.03 22.25 -23.35
C GLN F 192 -10.34 22.03 -24.07
N ASN F 193 -10.55 22.74 -25.19
CA ASN F 193 -11.70 22.58 -26.05
C ASN F 193 -11.28 21.75 -27.25
N ASN F 194 -12.26 21.10 -27.86
CA ASN F 194 -12.06 20.29 -29.07
C ASN F 194 -12.92 20.85 -30.21
N PHE F 195 -12.28 21.13 -31.33
CA PHE F 195 -12.95 21.61 -32.52
C PHE F 195 -12.78 20.58 -33.64
N SER F 196 -13.91 20.19 -34.25
CA SER F 196 -13.93 19.31 -35.39
C SER F 196 -14.89 19.87 -36.46
N ASP F 197 -14.43 19.92 -37.72
CA ASP F 197 -15.33 20.32 -38.82
C ASP F 197 -15.95 21.72 -38.59
N CYS F 198 -15.11 22.68 -38.23
CA CYS F 198 -15.52 24.06 -38.07
C CYS F 198 -14.71 24.88 -39.07
N GLN F 199 -15.27 25.96 -39.62
CA GLN F 199 -14.51 26.74 -40.62
C GLN F 199 -13.43 27.58 -39.96
N ILE F 200 -13.84 28.29 -38.89
CA ILE F 200 -12.99 29.17 -38.09
C ILE F 200 -13.27 28.89 -36.60
N CYS F 201 -12.26 28.36 -35.88
CA CYS F 201 -12.42 28.00 -34.47
C CYS F 201 -12.48 29.26 -33.60
N PHE F 202 -11.45 30.10 -33.76
CA PHE F 202 -11.33 31.35 -33.04
C PHE F 202 -11.36 32.52 -34.02
N ASN F 203 -12.50 33.23 -34.04
CA ASN F 203 -12.65 34.51 -34.72
C ASN F 203 -12.17 35.60 -33.75
N VAL F 204 -10.92 36.00 -33.86
CA VAL F 204 -10.25 36.78 -32.81
C VAL F 204 -10.22 38.29 -33.12
N VAL F 205 -10.78 39.10 -32.21
CA VAL F 205 -10.69 40.56 -32.27
C VAL F 205 -10.15 41.09 -30.96
N GLY F 206 -10.93 41.04 -29.89
CA GLY F 206 -10.49 41.54 -28.57
C GLY F 206 -9.17 40.92 -28.12
N GLY F 207 -8.32 41.72 -27.48
CA GLY F 207 -6.94 41.29 -27.16
C GLY F 207 -6.74 40.49 -25.90
N ASN F 208 -5.51 40.00 -25.72
CA ASN F 208 -5.04 39.40 -24.47
C ASN F 208 -5.73 38.11 -23.98
N TRP F 209 -6.34 37.32 -24.88
CA TRP F 209 -6.85 35.99 -24.48
C TRP F 209 -5.76 34.94 -24.42
N THR F 210 -5.92 34.03 -23.47
CA THR F 210 -5.11 32.84 -23.36
C THR F 210 -5.89 31.73 -24.02
N ARG F 211 -5.30 31.14 -25.06
CA ARG F 211 -5.86 29.97 -25.75
C ARG F 211 -4.79 28.86 -25.72
N SER F 212 -5.03 27.89 -24.83
CA SER F 212 -4.07 26.84 -24.53
C SER F 212 -4.70 25.43 -24.47
N GLY F 213 -3.95 24.46 -25.01
CA GLY F 213 -4.32 23.05 -24.92
C GLY F 213 -5.56 22.65 -25.71
N ASN F 214 -5.86 23.37 -26.80
CA ASN F 214 -7.05 23.12 -27.59
C ASN F 214 -6.68 22.22 -28.78
N VAL F 215 -7.60 21.36 -29.18
CA VAL F 215 -7.44 20.42 -30.32
C VAL F 215 -8.37 20.81 -31.48
N ALA F 216 -7.82 21.09 -32.67
CA ALA F 216 -8.63 21.20 -33.89
C ALA F 216 -8.19 20.19 -34.93
N SER F 217 -9.14 19.46 -35.50
CA SER F 217 -8.86 18.67 -36.70
C SER F 217 -9.94 18.93 -37.73
N ASN F 218 -9.55 18.94 -39.00
CA ASN F 218 -10.50 19.16 -40.13
C ASN F 218 -11.28 20.49 -40.03
N CYS F 219 -10.55 21.51 -39.61
CA CYS F 219 -11.06 22.87 -39.52
C CYS F 219 -10.19 23.72 -40.40
N ARG F 220 -10.77 24.48 -41.33
CA ARG F 220 -9.94 25.25 -42.26
C ARG F 220 -9.03 26.24 -41.54
N CYS F 221 -9.60 26.88 -40.52
CA CYS F 221 -8.94 27.94 -39.79
C CYS F 221 -9.11 27.74 -38.29
N MET F 222 -8.01 27.68 -37.52
CA MET F 222 -8.10 27.69 -36.05
C MET F 222 -8.07 29.08 -35.46
N TYR F 223 -7.21 29.93 -36.02
CA TYR F 223 -7.00 31.31 -35.58
C TYR F 223 -7.08 32.27 -36.79
N LEU F 224 -8.04 33.20 -36.74
CA LEU F 224 -8.19 34.28 -37.75
C LEU F 224 -8.18 35.66 -37.05
N HIS F 225 -7.24 36.51 -37.44
CA HIS F 225 -7.33 37.91 -37.12
C HIS F 225 -6.89 38.84 -38.25
N THR F 226 -7.80 39.75 -38.58
CA THR F 226 -7.54 40.79 -39.57
C THR F 226 -8.49 42.00 -39.34
N GLN F 227 -8.31 43.08 -40.09
CA GLN F 227 -9.25 44.22 -40.00
C GLN F 227 -10.53 43.88 -40.77
N GLY F 228 -11.65 44.47 -40.36
CA GLY F 228 -12.92 44.32 -41.08
C GLY F 228 -13.48 42.92 -40.98
N MET F 229 -13.54 42.43 -39.75
CA MET F 229 -14.04 41.09 -39.48
C MET F 229 -15.49 41.15 -39.16
N TRP F 230 -16.13 39.99 -39.19
CA TRP F 230 -17.41 39.82 -38.54
C TRP F 230 -17.19 39.80 -37.05
N TYR F 231 -18.24 40.11 -36.32
CA TYR F 231 -18.28 39.96 -34.84
C TYR F 231 -17.28 40.83 -34.11
N GLU F 232 -17.08 42.05 -34.60
CA GLU F 232 -16.28 43.02 -33.85
C GLU F 232 -17.04 43.62 -32.67
N GLY F 233 -18.36 43.75 -32.80
CA GLY F 233 -19.20 44.30 -31.75
C GLY F 233 -19.04 45.81 -31.58
N ALA F 234 -19.79 46.36 -30.63
CA ALA F 234 -19.87 47.83 -30.48
C ALA F 234 -18.52 48.55 -30.24
N ALA F 235 -17.52 47.87 -29.66
CA ALA F 235 -16.18 48.46 -29.49
C ALA F 235 -15.32 48.44 -30.71
N GLY F 236 -15.70 47.65 -31.71
CA GLY F 236 -14.95 47.60 -32.95
C GLY F 236 -13.61 46.88 -32.80
N ASN F 237 -12.75 47.09 -33.80
CA ASN F 237 -11.51 46.35 -33.90
C ASN F 237 -10.43 47.10 -33.14
N PHE F 238 -10.51 46.99 -31.81
CA PHE F 238 -9.69 47.76 -30.85
C PHE F 238 -8.74 46.92 -29.96
N ASN F 239 -7.50 47.40 -29.79
CA ASN F 239 -6.46 46.69 -29.01
C ASN F 239 -6.47 45.18 -29.29
N PRO F 240 -6.42 44.81 -30.56
CA PRO F 240 -6.74 43.43 -30.91
C PRO F 240 -5.63 42.39 -30.66
N ALA F 241 -6.05 41.14 -30.49
CA ALA F 241 -5.10 40.00 -30.54
C ALA F 241 -3.97 40.10 -29.50
N HIS F 242 -2.72 39.91 -29.90
CA HIS F 242 -1.55 39.99 -28.97
C HIS F 242 -1.61 39.22 -27.61
N GLY F 243 -2.38 38.13 -27.59
CA GLY F 243 -2.53 37.28 -26.40
C GLY F 243 -1.55 36.11 -26.37
N SER F 244 -2.09 34.91 -26.11
CA SER F 244 -1.27 33.72 -25.91
C SER F 244 -1.92 32.48 -26.57
N PHE F 245 -1.15 31.83 -27.44
CA PHE F 245 -1.59 30.67 -28.20
C PHE F 245 -0.57 29.56 -27.99
N THR F 246 -0.81 28.73 -26.97
CA THR F 246 0.17 27.71 -26.57
C THR F 246 -0.43 26.30 -26.56
N SER F 247 0.39 25.29 -26.82
CA SER F 247 0.00 23.87 -26.67
C SER F 247 -1.25 23.42 -27.47
N ASN F 248 -1.51 24.10 -28.60
CA ASN F 248 -2.67 23.82 -29.43
C ASN F 248 -2.27 22.93 -30.59
N THR F 249 -3.23 22.16 -31.09
CA THR F 249 -3.04 21.35 -32.32
C THR F 249 -4.03 21.82 -33.36
N LEU F 250 -3.53 22.12 -34.58
CA LEU F 250 -4.38 22.47 -35.75
C LEU F 250 -3.99 21.60 -36.93
N ASN F 251 -4.71 20.49 -37.07
CA ASN F 251 -4.32 19.45 -38.01
C ASN F 251 -5.31 19.31 -39.14
N HIS F 252 -4.82 18.98 -40.35
CA HIS F 252 -5.67 18.81 -41.53
C HIS F 252 -6.59 20.02 -41.80
N CYS F 253 -5.98 21.20 -41.79
CA CYS F 253 -6.65 22.44 -42.13
C CYS F 253 -6.86 22.60 -43.64
N ASP F 254 -5.78 22.45 -44.41
CA ASP F 254 -5.82 22.70 -45.85
C ASP F 254 -5.73 21.41 -46.67
N TYR F 255 -5.64 20.25 -46.01
CA TYR F 255 -5.42 18.99 -46.72
C TYR F 255 -5.81 17.79 -45.89
N GLY F 256 -6.49 16.83 -46.50
CA GLY F 256 -6.70 15.53 -45.89
C GLY F 256 -7.71 15.49 -44.75
N GLY F 257 -8.74 16.32 -44.82
CA GLY F 257 -9.92 16.11 -44.01
C GLY F 257 -10.91 17.27 -43.96
N ASN F 258 -10.39 18.49 -43.80
CA ASN F 258 -11.23 19.70 -43.75
C ASN F 258 -12.09 19.80 -44.98
N LEU F 259 -13.36 20.12 -44.79
CA LEU F 259 -14.32 20.24 -45.86
C LEU F 259 -14.78 21.66 -46.19
N TRP F 260 -14.52 22.63 -45.30
CA TRP F 260 -14.97 24.01 -45.54
C TRP F 260 -14.09 24.70 -46.58
N PRO F 261 -14.66 25.63 -47.36
CA PRO F 261 -13.88 26.42 -48.35
C PRO F 261 -12.74 27.25 -47.75
N THR F 262 -11.68 27.46 -48.52
CA THR F 262 -10.63 28.43 -48.18
C THR F 262 -11.20 29.88 -48.26
N GLU F 263 -11.88 30.19 -49.38
CA GLU F 263 -12.43 31.53 -49.59
C GLU F 263 -13.55 31.85 -48.62
N PHE F 264 -13.38 32.95 -47.89
CA PHE F 264 -14.29 33.34 -46.83
C PHE F 264 -14.71 34.80 -47.08
N GLN F 265 -16.02 35.04 -47.04
CA GLN F 265 -16.59 36.37 -47.24
C GLN F 265 -16.60 37.13 -45.91
N LEU F 266 -15.76 38.17 -45.81
CA LEU F 266 -15.87 39.21 -44.76
C LEU F 266 -16.96 40.23 -45.14
N PRO F 267 -17.24 41.23 -44.28
CA PRO F 267 -18.28 42.19 -44.72
C PRO F 267 -18.01 42.96 -46.03
N ASP F 268 -16.74 43.30 -46.30
CA ASP F 268 -16.39 44.15 -47.45
C ASP F 268 -15.28 43.61 -48.36
N ARG F 269 -14.84 42.36 -48.14
CA ARG F 269 -13.91 41.66 -49.05
C ARG F 269 -13.92 40.14 -48.85
N VAL F 270 -13.32 39.43 -49.81
CA VAL F 270 -13.13 37.99 -49.73
C VAL F 270 -11.66 37.72 -49.38
N ILE F 271 -11.42 36.80 -48.42
CA ILE F 271 -10.06 36.33 -48.10
C ILE F 271 -9.93 34.80 -48.33
N ASN F 272 -8.69 34.31 -48.28
CA ASN F 272 -8.39 32.89 -48.44
C ASN F 272 -7.81 32.42 -47.11
N LEU F 273 -8.63 31.72 -46.33
CA LEU F 273 -8.24 31.34 -44.97
C LEU F 273 -7.01 30.43 -44.91
N ALA F 274 -6.40 30.35 -43.74
CA ALA F 274 -5.37 29.38 -43.44
C ALA F 274 -5.57 28.92 -42.02
N GLY F 275 -4.91 27.83 -41.64
CA GLY F 275 -4.99 27.31 -40.29
C GLY F 275 -4.74 28.40 -39.25
N PHE F 276 -3.70 29.20 -39.52
CA PHE F 276 -3.39 30.40 -38.77
C PHE F 276 -3.18 31.55 -39.76
N TYR F 277 -4.06 32.55 -39.68
CA TYR F 277 -4.17 33.69 -40.60
C TYR F 277 -4.10 35.01 -39.80
N PHE F 278 -3.08 35.81 -40.07
CA PHE F 278 -2.92 37.12 -39.44
C PHE F 278 -2.61 38.22 -40.47
N ASP F 279 -3.54 39.16 -40.63
CA ASP F 279 -3.34 40.34 -41.51
C ASP F 279 -3.83 41.64 -40.86
N ASN F 280 -2.93 42.32 -40.17
CA ASN F 280 -3.27 43.61 -39.54
C ASN F 280 -1.99 44.36 -39.15
N ALA F 281 -1.65 45.37 -39.93
CA ALA F 281 -0.44 46.19 -39.74
C ALA F 281 -0.47 46.97 -38.44
N ALA F 282 -1.67 47.21 -37.91
CA ALA F 282 -1.86 47.92 -36.66
C ALA F 282 -2.02 46.98 -35.44
N ALA F 283 -1.73 45.68 -35.59
CA ALA F 283 -1.81 44.75 -34.46
C ALA F 283 -0.58 43.84 -34.37
N ARG F 284 -0.33 43.34 -33.17
CA ARG F 284 0.73 42.38 -32.90
C ARG F 284 0.13 40.99 -32.73
N LEU F 285 0.89 40.01 -33.21
CA LEU F 285 0.53 38.60 -33.06
C LEU F 285 0.57 38.18 -31.57
N PRO F 286 -0.10 37.07 -31.23
CA PRO F 286 0.02 36.48 -29.91
C PRO F 286 1.35 35.79 -29.72
N ASN F 287 1.69 35.52 -28.47
CA ASN F 287 2.75 34.54 -28.17
C ASN F 287 2.33 33.14 -28.71
N PHE F 288 3.29 32.48 -29.38
CA PHE F 288 3.04 31.25 -30.18
C PHE F 288 4.08 30.18 -29.86
N SER F 289 3.74 29.28 -28.92
CA SER F 289 4.69 28.26 -28.41
C SER F 289 4.02 26.89 -28.17
N GLY F 290 4.73 25.81 -28.48
CA GLY F 290 4.24 24.47 -28.16
C GLY F 290 3.14 23.93 -29.03
N ASN F 291 2.92 24.51 -30.21
CA ASN F 291 1.76 24.13 -31.05
C ASN F 291 2.15 23.14 -32.14
N SER F 292 1.20 22.29 -32.51
CA SER F 292 1.38 21.26 -33.55
C SER F 292 0.57 21.62 -34.81
N GLN F 293 1.25 21.53 -35.96
CA GLN F 293 0.67 21.90 -37.26
C GLN F 293 0.94 20.78 -38.27
N TRP F 294 -0.01 19.86 -38.42
CA TRP F 294 0.08 18.75 -39.41
C TRP F 294 -0.92 19.10 -40.51
N TYR F 295 -0.41 19.75 -41.54
CA TYR F 295 -1.25 20.52 -42.48
C TYR F 295 -1.94 21.66 -41.75
N GLY F 296 -1.15 22.42 -41.01
CA GLY F 296 -1.60 23.63 -40.34
C GLY F 296 -0.95 24.78 -41.08
N ASP F 297 -1.50 25.12 -42.25
CA ASP F 297 -0.91 26.18 -43.06
C ASP F 297 -1.06 27.51 -42.33
N MET F 298 -0.09 28.39 -42.55
CA MET F 298 0.06 29.63 -41.78
C MET F 298 0.41 30.77 -42.73
N LYS F 299 -0.28 31.90 -42.56
CA LYS F 299 -0.04 33.08 -43.36
C LYS F 299 0.07 34.31 -42.47
N LEU F 300 1.29 34.81 -42.31
CA LEU F 300 1.58 36.01 -41.55
C LEU F 300 1.71 37.15 -42.58
N ILE F 301 0.57 37.77 -42.86
CA ILE F 301 0.45 38.69 -43.99
C ILE F 301 0.90 40.10 -43.59
N ASN F 302 0.53 40.52 -42.39
CA ASN F 302 0.94 41.83 -41.90
C ASN F 302 0.76 41.93 -40.41
N PHE F 303 1.69 42.62 -39.76
CA PHE F 303 1.61 42.93 -38.32
C PHE F 303 2.44 44.19 -38.01
N LEU F 304 2.26 44.74 -36.80
CA LEU F 304 2.94 45.97 -36.38
C LEU F 304 4.47 45.85 -36.51
N PRO F 305 5.14 46.83 -37.17
CA PRO F 305 6.60 46.72 -37.28
C PRO F 305 7.39 46.71 -35.96
N ASP F 306 6.92 47.39 -34.91
CA ASP F 306 7.60 47.33 -33.61
C ASP F 306 7.18 46.05 -32.86
N SER F 307 7.67 44.93 -33.36
CA SER F 307 7.42 43.60 -32.80
C SER F 307 8.30 42.60 -33.52
N THR F 308 8.43 41.40 -32.96
CA THR F 308 8.95 40.25 -33.66
C THR F 308 7.98 39.11 -33.38
N PHE F 309 8.13 38.00 -34.09
CA PHE F 309 7.28 36.85 -33.91
C PHE F 309 8.14 35.60 -33.95
N VAL F 310 7.81 34.64 -33.10
CA VAL F 310 8.54 33.37 -33.04
C VAL F 310 7.53 32.24 -33.12
N ILE F 311 7.75 31.33 -34.06
CA ILE F 311 7.12 30.01 -34.01
C ILE F 311 8.04 29.18 -33.10
N ASN F 312 7.65 29.06 -31.84
CA ASN F 312 8.50 28.48 -30.82
C ASN F 312 8.02 27.10 -30.48
N GLY F 313 8.98 26.18 -30.37
CA GLY F 313 8.75 24.89 -29.80
C GLY F 313 7.60 24.16 -30.44
N GLY F 314 7.58 24.16 -31.77
CA GLY F 314 6.45 23.61 -32.50
C GLY F 314 6.81 22.42 -33.35
N ALA F 315 5.76 21.80 -33.90
CA ALA F 315 5.87 20.63 -34.77
C ALA F 315 5.20 20.98 -36.08
N LEU F 316 5.99 20.96 -37.15
CA LEU F 316 5.62 21.51 -38.43
C LEU F 316 5.75 20.40 -39.50
N TYR F 317 4.62 19.75 -39.82
CA TYR F 317 4.61 18.64 -40.75
C TYR F 317 3.70 18.97 -41.94
N GLY F 318 4.24 18.73 -43.13
CA GLY F 318 3.50 18.96 -44.37
C GLY F 318 4.07 18.28 -45.58
N GLY F 319 3.54 18.63 -46.74
CA GLY F 319 3.82 17.90 -47.99
C GLY F 319 2.97 16.63 -48.07
N PRO F 320 2.86 15.98 -49.23
CA PRO F 320 3.56 16.33 -50.46
C PRO F 320 2.90 17.50 -51.19
N GLY F 321 3.69 18.22 -51.98
CA GLY F 321 3.21 19.43 -52.66
C GLY F 321 3.06 20.60 -51.69
N ASP F 322 2.25 21.59 -52.08
CA ASP F 322 2.05 22.81 -51.29
C ASP F 322 0.94 22.64 -50.27
N THR F 323 1.21 21.79 -49.26
CA THR F 323 0.23 21.45 -48.23
C THR F 323 0.84 21.71 -46.85
N GLY F 324 0.08 22.39 -46.01
CA GLY F 324 0.58 22.89 -44.71
C GLY F 324 1.60 24.03 -44.76
N VAL F 325 1.65 24.77 -45.86
CA VAL F 325 2.72 25.76 -46.10
C VAL F 325 2.66 26.90 -45.09
N ILE F 326 3.83 27.33 -44.64
CA ILE F 326 4.00 28.42 -43.70
C ILE F 326 4.69 29.52 -44.51
N ALA F 327 4.06 30.70 -44.56
CA ALA F 327 4.58 31.83 -45.34
C ALA F 327 4.42 33.18 -44.62
N VAL F 328 5.47 34.00 -44.67
CA VAL F 328 5.44 35.38 -44.13
C VAL F 328 5.71 36.43 -45.23
N ALA F 329 5.10 37.61 -45.09
CA ALA F 329 5.34 38.76 -45.98
C ALA F 329 6.81 39.07 -46.07
N THR F 330 7.35 39.14 -47.28
CA THR F 330 8.80 39.39 -47.49
C THR F 330 9.27 40.64 -46.70
N ALA F 331 8.41 41.66 -46.64
CA ALA F 331 8.72 42.93 -45.99
C ALA F 331 8.93 42.83 -44.47
N LEU F 332 8.36 41.80 -43.84
CA LEU F 332 8.47 41.59 -42.40
C LEU F 332 9.21 40.29 -42.01
N ALA F 333 9.74 39.56 -42.99
CA ALA F 333 10.34 38.26 -42.75
C ALA F 333 11.56 38.29 -41.84
N ALA F 334 12.32 39.40 -41.83
CA ALA F 334 13.47 39.53 -40.93
C ALA F 334 13.05 39.58 -39.45
N LYS F 335 11.79 39.94 -39.19
CA LYS F 335 11.23 39.96 -37.84
C LYS F 335 10.57 38.63 -37.39
N VAL F 336 10.60 37.59 -38.21
CA VAL F 336 10.02 36.29 -37.87
C VAL F 336 11.11 35.21 -37.75
N PHE F 337 10.95 34.41 -36.68
CA PHE F 337 11.88 33.34 -36.32
C PHE F 337 11.14 32.01 -36.05
N VAL F 338 11.86 30.92 -36.32
CA VAL F 338 11.38 29.55 -36.15
C VAL F 338 12.40 28.90 -35.23
N ILE F 339 12.05 28.72 -33.96
CA ILE F 339 12.99 28.38 -32.91
C ILE F 339 12.53 27.13 -32.17
N GLY F 340 13.44 26.16 -32.08
CA GLY F 340 13.15 24.90 -31.39
C GLY F 340 12.04 24.08 -32.00
N CYS F 341 11.93 24.10 -33.34
CA CYS F 341 10.87 23.36 -34.03
C CYS F 341 11.37 22.06 -34.66
N GLN F 342 10.46 21.09 -34.66
CA GLN F 342 10.70 19.81 -35.33
C GLN F 342 9.82 19.74 -36.57
N GLY F 343 10.24 18.95 -37.55
CA GLY F 343 9.41 18.78 -38.73
C GLY F 343 9.95 17.81 -39.75
N ASN F 344 9.20 17.68 -40.83
CA ASN F 344 9.63 16.82 -41.94
C ASN F 344 10.16 17.63 -43.12
N ALA F 345 10.84 16.94 -44.03
CA ALA F 345 11.37 17.57 -45.26
C ALA F 345 10.28 18.26 -46.11
N GLY F 346 9.06 17.72 -46.11
CA GLY F 346 7.95 18.24 -46.89
C GLY F 346 7.24 19.49 -46.39
N GLN F 347 7.57 19.92 -45.17
CA GLN F 347 7.07 21.17 -44.61
C GLN F 347 7.81 22.34 -45.22
N GLN F 348 7.09 23.20 -45.92
CA GLN F 348 7.70 24.38 -46.53
C GLN F 348 7.63 25.57 -45.61
N ILE F 349 8.72 26.31 -45.54
CA ILE F 349 8.78 27.58 -44.84
C ILE F 349 9.24 28.62 -45.85
N VAL F 350 8.35 29.59 -46.10
CA VAL F 350 8.49 30.54 -47.21
C VAL F 350 8.83 31.95 -46.68
N ASN F 351 10.01 32.44 -47.09
CA ASN F 351 10.49 33.83 -46.87
C ASN F 351 11.21 34.12 -45.56
N VAL F 352 11.01 33.30 -44.53
CA VAL F 352 11.77 33.44 -43.28
C VAL F 352 13.24 33.21 -43.61
N PRO F 353 14.14 34.15 -43.27
CA PRO F 353 15.54 33.89 -43.61
C PRO F 353 16.11 32.65 -42.90
N ALA F 354 17.07 31.99 -43.54
CA ALA F 354 17.71 30.80 -42.98
C ALA F 354 18.32 31.06 -41.62
N ALA F 355 18.94 32.22 -41.45
CA ALA F 355 19.55 32.59 -40.17
C ALA F 355 18.57 32.67 -39.00
N ASN F 356 17.27 32.71 -39.28
CA ASN F 356 16.23 32.85 -38.23
C ASN F 356 15.55 31.50 -37.93
N ILE F 357 16.05 30.41 -38.52
CA ILE F 357 15.46 29.07 -38.34
C ILE F 357 16.48 28.25 -37.58
N ILE F 358 16.31 28.17 -36.25
CA ILE F 358 17.23 27.50 -35.35
C ILE F 358 16.45 26.51 -34.43
N PRO F 359 16.60 25.20 -34.61
CA PRO F 359 17.42 24.58 -35.63
C PRO F 359 16.69 24.50 -36.96
N GLU F 360 17.43 24.06 -37.96
CA GLU F 360 16.88 23.82 -39.29
C GLU F 360 15.69 22.87 -39.20
N VAL F 361 14.61 23.24 -39.89
CA VAL F 361 13.43 22.40 -39.97
C VAL F 361 12.78 22.60 -41.33
N GLY F 362 12.34 21.49 -41.93
CA GLY F 362 11.59 21.52 -43.19
C GLY F 362 12.47 21.88 -44.37
N THR F 363 11.84 22.47 -45.39
CA THR F 363 12.53 23.02 -46.56
C THR F 363 12.16 24.48 -46.73
N ARG F 364 13.16 25.32 -46.78
CA ARG F 364 13.01 26.76 -46.79
C ARG F 364 13.10 27.29 -48.21
N LYS F 365 12.31 28.31 -48.55
CA LYS F 365 12.44 28.99 -49.84
C LYS F 365 11.95 30.41 -49.82
N ASP F 366 12.29 31.17 -50.87
CA ASP F 366 11.83 32.53 -51.05
C ASP F 366 10.85 32.56 -52.21
N ASP F 367 9.73 33.22 -51.98
CA ASP F 367 8.68 33.34 -52.98
C ASP F 367 7.87 34.56 -52.60
N ALA F 368 8.15 35.66 -53.27
CA ALA F 368 7.51 36.93 -52.97
C ALA F 368 6.03 36.99 -53.37
N THR F 369 5.52 36.00 -54.11
CA THR F 369 4.05 35.90 -54.31
C THR F 369 3.29 35.43 -53.07
N GLN F 370 3.99 34.89 -52.06
CA GLN F 370 3.37 34.33 -50.85
C GLN F 370 3.73 35.15 -49.61
N PRO F 371 2.85 35.26 -48.62
CA PRO F 371 1.49 34.73 -48.62
C PRO F 371 0.50 35.70 -49.26
N ALA F 372 -0.48 35.16 -49.98
CA ALA F 372 -1.58 35.96 -50.53
C ALA F 372 -2.70 36.10 -49.51
N ALA F 373 -3.37 37.24 -49.52
CA ALA F 373 -4.46 37.49 -48.60
C ALA F 373 -5.64 36.58 -48.90
#